data_1TBX
# 
_entry.id   1TBX 
# 
_audit_conform.dict_name       mmcif_pdbx.dic 
_audit_conform.dict_version    5.398 
_audit_conform.dict_location   http://mmcif.pdb.org/dictionaries/ascii/mmcif_pdbx.dic 
# 
loop_
_database_2.database_id 
_database_2.database_code 
_database_2.pdbx_database_accession 
_database_2.pdbx_DOI 
PDB   1TBX         pdb_00001tbx 10.2210/pdb1tbx/pdb 
RCSB  RCSB022535   ?            ?                   
WWPDB D_1000022535 ?            ?                   
# 
loop_
_pdbx_audit_revision_history.ordinal 
_pdbx_audit_revision_history.data_content_type 
_pdbx_audit_revision_history.major_revision 
_pdbx_audit_revision_history.minor_revision 
_pdbx_audit_revision_history.revision_date 
1 'Structure model' 1 0 2004-07-13 
2 'Structure model' 1 1 2008-04-30 
3 'Structure model' 1 2 2011-07-13 
4 'Structure model' 1 3 2024-11-06 
# 
_pdbx_audit_revision_details.ordinal             1 
_pdbx_audit_revision_details.revision_ordinal    1 
_pdbx_audit_revision_details.data_content_type   'Structure model' 
_pdbx_audit_revision_details.provider            repository 
_pdbx_audit_revision_details.type                'Initial release' 
_pdbx_audit_revision_details.description         ? 
_pdbx_audit_revision_details.details             ? 
# 
loop_
_pdbx_audit_revision_group.ordinal 
_pdbx_audit_revision_group.revision_ordinal 
_pdbx_audit_revision_group.data_content_type 
_pdbx_audit_revision_group.group 
1 2 'Structure model' 'Version format compliance' 
2 3 'Structure model' Advisory                    
3 3 'Structure model' 'Refinement description'    
4 3 'Structure model' 'Version format compliance' 
5 4 'Structure model' 'Data collection'           
6 4 'Structure model' 'Database references'       
7 4 'Structure model' 'Derived calculations'      
8 4 'Structure model' 'Refinement description'    
9 4 'Structure model' 'Structure summary'         
# 
loop_
_pdbx_audit_revision_category.ordinal 
_pdbx_audit_revision_category.revision_ordinal 
_pdbx_audit_revision_category.data_content_type 
_pdbx_audit_revision_category.category 
1 4 'Structure model' chem_comp_atom            
2 4 'Structure model' chem_comp_bond            
3 4 'Structure model' database_2                
4 4 'Structure model' pdbx_entry_details        
5 4 'Structure model' pdbx_modification_feature 
6 4 'Structure model' struct_conn               
7 4 'Structure model' struct_ncs_dom_lim        
8 4 'Structure model' struct_ref_seq_dif        
# 
loop_
_pdbx_audit_revision_item.ordinal 
_pdbx_audit_revision_item.revision_ordinal 
_pdbx_audit_revision_item.data_content_type 
_pdbx_audit_revision_item.item 
1 4 'Structure model' '_database_2.pdbx_DOI'                 
2 4 'Structure model' '_database_2.pdbx_database_accession'  
3 4 'Structure model' '_struct_conn.pdbx_leaving_atom_flag'  
4 4 'Structure model' '_struct_ncs_dom_lim.beg_auth_comp_id' 
5 4 'Structure model' '_struct_ncs_dom_lim.end_auth_comp_id' 
6 4 'Structure model' '_struct_ref_seq_dif.details'          
# 
_pdbx_database_status.status_code                     REL 
_pdbx_database_status.entry_id                        1TBX 
_pdbx_database_status.recvd_initial_deposition_date   2004-05-20 
_pdbx_database_status.deposit_site                    RCSB 
_pdbx_database_status.process_site                    RCSB 
_pdbx_database_status.status_code_sf                  REL 
_pdbx_database_status.status_code_mr                  ? 
_pdbx_database_status.SG_entry                        ? 
_pdbx_database_status.pdb_format_compatible           Y 
_pdbx_database_status.status_code_cs                  ? 
_pdbx_database_status.status_code_nmr_data            ? 
_pdbx_database_status.methods_development_category    ? 
# 
loop_
_audit_author.name 
_audit_author.pdbx_ordinal 
'Kraft, P.'       1 
'Oeckinghaus, A.' 2 
'Kummel, D.'      3 
'Gauss, G.H.'     4 
'Wiedenheft, B.'  5 
'Young, M.'       6 
'Lawrence, C.M.'  7 
# 
_citation.id                        primary 
_citation.title                     
'Crystal structure of F-93 from Sulfolobus spindle-shaped virus 1, a winged-helix DNA binding protein.' 
_citation.journal_abbrev            J.Virol. 
_citation.journal_volume            78 
_citation.page_first                11544 
_citation.page_last                 11550 
_citation.year                      2004 
_citation.journal_id_ASTM           JOVIAM 
_citation.country                   US 
_citation.journal_id_ISSN           0022-538X 
_citation.journal_id_CSD            0825 
_citation.book_publisher            ? 
_citation.pdbx_database_id_PubMed   15479795 
_citation.pdbx_database_id_DOI      10.1128/JVI.78.21.11544-11550.2004 
# 
loop_
_citation_author.citation_id 
_citation_author.name 
_citation_author.ordinal 
_citation_author.identifier_ORCID 
primary 'Kraft, P.'       1 ? 
primary 'Oeckinghaus, A.' 2 ? 
primary 'Kummel, D.'      3 ? 
primary 'Gauss, G.H.'     4 ? 
primary 'Gilmore, J.'     5 ? 
primary 'Wiedenheft, B.'  6 ? 
primary 'Young, M.'       7 ? 
primary 'Lawrence, C.M.'  8 ? 
# 
_entity.id                         1 
_entity.type                       polymer 
_entity.src_method                 man 
_entity.pdbx_description           'Hypothetical 11.0 kDa protein' 
_entity.formula_weight             11905.413 
_entity.pdbx_number_of_molecules   2 
_entity.pdbx_ec                    ? 
_entity.pdbx_mutation              ? 
_entity.pdbx_fragment              ? 
_entity.details                    ? 
# 
_entity_name_com.entity_id   1 
_entity_name_com.name        'ORF F-93' 
# 
_entity_poly.entity_id                      1 
_entity_poly.type                           'polypeptide(L)' 
_entity_poly.nstd_linkage                   no 
_entity_poly.nstd_monomer                   yes 
_entity_poly.pdbx_seq_one_letter_code       
;(MSE)KSTPFFYPEAIVLAYLYDNEGIATYDLYKKVNAEFP(MSE)STATFYDAKKFLIQEGFVKERQERGEKRLYLTEK
GKLFAISLKTAIETYKQIKKRHHHHHH
;
_entity_poly.pdbx_seq_one_letter_code_can   
;MKSTPFFYPEAIVLAYLYDNEGIATYDLYKKVNAEFPMSTATFYDAKKFLIQEGFVKERQERGEKRLYLTEKGKLFAISL
KTAIETYKQIKKRHHHHHH
;
_entity_poly.pdbx_strand_id                 A,B 
_entity_poly.pdbx_target_identifier         ? 
# 
loop_
_entity_poly_seq.entity_id 
_entity_poly_seq.num 
_entity_poly_seq.mon_id 
_entity_poly_seq.hetero 
1 1  MSE n 
1 2  LYS n 
1 3  SER n 
1 4  THR n 
1 5  PRO n 
1 6  PHE n 
1 7  PHE n 
1 8  TYR n 
1 9  PRO n 
1 10 GLU n 
1 11 ALA n 
1 12 ILE n 
1 13 VAL n 
1 14 LEU n 
1 15 ALA n 
1 16 TYR n 
1 17 LEU n 
1 18 TYR n 
1 19 ASP n 
1 20 ASN n 
1 21 GLU n 
1 22 GLY n 
1 23 ILE n 
1 24 ALA n 
1 25 THR n 
1 26 TYR n 
1 27 ASP n 
1 28 LEU n 
1 29 TYR n 
1 30 LYS n 
1 31 LYS n 
1 32 VAL n 
1 33 ASN n 
1 34 ALA n 
1 35 GLU n 
1 36 PHE n 
1 37 PRO n 
1 38 MSE n 
1 39 SER n 
1 40 THR n 
1 41 ALA n 
1 42 THR n 
1 43 PHE n 
1 44 TYR n 
1 45 ASP n 
1 46 ALA n 
1 47 LYS n 
1 48 LYS n 
1 49 PHE n 
1 50 LEU n 
1 51 ILE n 
1 52 GLN n 
1 53 GLU n 
1 54 GLY n 
1 55 PHE n 
1 56 VAL n 
1 57 LYS n 
1 58 GLU n 
1 59 ARG n 
1 60 GLN n 
1 61 GLU n 
1 62 ARG n 
1 63 GLY n 
1 64 GLU n 
1 65 LYS n 
1 66 ARG n 
1 67 LEU n 
1 68 TYR n 
1 69 LEU n 
1 70 THR n 
1 71 GLU n 
1 72 LYS n 
1 73 GLY n 
1 74 LYS n 
1 75 LEU n 
1 76 PHE n 
1 77 ALA n 
1 78 ILE n 
1 79 SER n 
1 80 LEU n 
1 81 LYS n 
1 82 THR n 
1 83 ALA n 
1 84 ILE n 
1 85 GLU n 
1 86 THR n 
1 87 TYR n 
1 88 LYS n 
1 89 GLN n 
1 90 ILE n 
1 91 LYS n 
1 92 LYS n 
1 93 ARG n 
1 94 HIS n 
1 95 HIS n 
1 96 HIS n 
1 97 HIS n 
1 98 HIS n 
1 99 HIS n 
# 
_entity_src_gen.entity_id                          1 
_entity_src_gen.pdbx_src_id                        1 
_entity_src_gen.pdbx_alt_source_flag               sample 
_entity_src_gen.pdbx_seq_type                      ? 
_entity_src_gen.pdbx_beg_seq_num                   ? 
_entity_src_gen.pdbx_end_seq_num                   ? 
_entity_src_gen.gene_src_common_name               ? 
_entity_src_gen.gene_src_genus                     Fusellovirus 
_entity_src_gen.pdbx_gene_src_gene                 ? 
_entity_src_gen.gene_src_species                   ? 
_entity_src_gen.gene_src_strain                    ? 
_entity_src_gen.gene_src_tissue                    ? 
_entity_src_gen.gene_src_tissue_fraction           ? 
_entity_src_gen.gene_src_details                   ? 
_entity_src_gen.pdbx_gene_src_fragment             ? 
_entity_src_gen.pdbx_gene_src_scientific_name      'Sulfolobus virus 1' 
_entity_src_gen.pdbx_gene_src_ncbi_taxonomy_id     244589 
_entity_src_gen.pdbx_gene_src_variant              ? 
_entity_src_gen.pdbx_gene_src_cell_line            ? 
_entity_src_gen.pdbx_gene_src_atcc                 ? 
_entity_src_gen.pdbx_gene_src_organ                ? 
_entity_src_gen.pdbx_gene_src_organelle            ? 
_entity_src_gen.pdbx_gene_src_cell                 ? 
_entity_src_gen.pdbx_gene_src_cellular_location    ? 
_entity_src_gen.host_org_common_name               ? 
_entity_src_gen.pdbx_host_org_scientific_name      'Escherichia coli' 
_entity_src_gen.pdbx_host_org_ncbi_taxonomy_id     562 
_entity_src_gen.host_org_genus                     Escherichia 
_entity_src_gen.pdbx_host_org_gene                 ? 
_entity_src_gen.pdbx_host_org_organ                ? 
_entity_src_gen.host_org_species                   ? 
_entity_src_gen.pdbx_host_org_tissue               ? 
_entity_src_gen.pdbx_host_org_tissue_fraction      ? 
_entity_src_gen.pdbx_host_org_strain               ? 
_entity_src_gen.pdbx_host_org_variant              ? 
_entity_src_gen.pdbx_host_org_cell_line            ? 
_entity_src_gen.pdbx_host_org_atcc                 ? 
_entity_src_gen.pdbx_host_org_culture_collection   ? 
_entity_src_gen.pdbx_host_org_cell                 ? 
_entity_src_gen.pdbx_host_org_organelle            ? 
_entity_src_gen.pdbx_host_org_cellular_location    ? 
_entity_src_gen.pdbx_host_org_vector_type          ? 
_entity_src_gen.pdbx_host_org_vector               ? 
_entity_src_gen.host_org_details                   ? 
_entity_src_gen.expression_system_id               ? 
_entity_src_gen.plasmid_name                       ? 
_entity_src_gen.plasmid_details                    ? 
_entity_src_gen.pdbx_description                   ? 
# 
loop_
_chem_comp.id 
_chem_comp.type 
_chem_comp.mon_nstd_flag 
_chem_comp.name 
_chem_comp.pdbx_synonyms 
_chem_comp.formula 
_chem_comp.formula_weight 
ALA 'L-peptide linking' y ALANINE          ? 'C3 H7 N O2'     89.093  
ARG 'L-peptide linking' y ARGININE         ? 'C6 H15 N4 O2 1' 175.209 
ASN 'L-peptide linking' y ASPARAGINE       ? 'C4 H8 N2 O3'    132.118 
ASP 'L-peptide linking' y 'ASPARTIC ACID'  ? 'C4 H7 N O4'     133.103 
GLN 'L-peptide linking' y GLUTAMINE        ? 'C5 H10 N2 O3'   146.144 
GLU 'L-peptide linking' y 'GLUTAMIC ACID'  ? 'C5 H9 N O4'     147.129 
GLY 'peptide linking'   y GLYCINE          ? 'C2 H5 N O2'     75.067  
HIS 'L-peptide linking' y HISTIDINE        ? 'C6 H10 N3 O2 1' 156.162 
ILE 'L-peptide linking' y ISOLEUCINE       ? 'C6 H13 N O2'    131.173 
LEU 'L-peptide linking' y LEUCINE          ? 'C6 H13 N O2'    131.173 
LYS 'L-peptide linking' y LYSINE           ? 'C6 H15 N2 O2 1' 147.195 
MSE 'L-peptide linking' n SELENOMETHIONINE ? 'C5 H11 N O2 Se' 196.106 
PHE 'L-peptide linking' y PHENYLALANINE    ? 'C9 H11 N O2'    165.189 
PRO 'L-peptide linking' y PROLINE          ? 'C5 H9 N O2'     115.130 
SER 'L-peptide linking' y SERINE           ? 'C3 H7 N O3'     105.093 
THR 'L-peptide linking' y THREONINE        ? 'C4 H9 N O3'     119.119 
TYR 'L-peptide linking' y TYROSINE         ? 'C9 H11 N O3'    181.189 
VAL 'L-peptide linking' y VALINE           ? 'C5 H11 N O2'    117.146 
# 
loop_
_pdbx_poly_seq_scheme.asym_id 
_pdbx_poly_seq_scheme.entity_id 
_pdbx_poly_seq_scheme.seq_id 
_pdbx_poly_seq_scheme.mon_id 
_pdbx_poly_seq_scheme.ndb_seq_num 
_pdbx_poly_seq_scheme.pdb_seq_num 
_pdbx_poly_seq_scheme.auth_seq_num 
_pdbx_poly_seq_scheme.pdb_mon_id 
_pdbx_poly_seq_scheme.auth_mon_id 
_pdbx_poly_seq_scheme.pdb_strand_id 
_pdbx_poly_seq_scheme.pdb_ins_code 
_pdbx_poly_seq_scheme.hetero 
A 1 1  MSE 1  1  ?  ?   ?   A . n 
A 1 2  LYS 2  2  ?  ?   ?   A . n 
A 1 3  SER 3  3  3  SER SER A . n 
A 1 4  THR 4  4  4  THR THR A . n 
A 1 5  PRO 5  5  5  PRO PRO A . n 
A 1 6  PHE 6  6  6  PHE PHE A . n 
A 1 7  PHE 7  7  7  PHE PHE A . n 
A 1 8  TYR 8  8  8  TYR TYR A . n 
A 1 9  PRO 9  9  9  PRO PRO A . n 
A 1 10 GLU 10 10 10 GLU GLU A . n 
A 1 11 ALA 11 11 11 ALA ALA A . n 
A 1 12 ILE 12 12 12 ILE ILE A . n 
A 1 13 VAL 13 13 13 VAL VAL A . n 
A 1 14 LEU 14 14 14 LEU LEU A . n 
A 1 15 ALA 15 15 15 ALA ALA A . n 
A 1 16 TYR 16 16 16 TYR TYR A . n 
A 1 17 LEU 17 17 17 LEU LEU A . n 
A 1 18 TYR 18 18 18 TYR TYR A . n 
A 1 19 ASP 19 19 19 ASP ASP A . n 
A 1 20 ASN 20 20 20 ASN ASN A . n 
A 1 21 GLU 21 21 21 GLU GLU A . n 
A 1 22 GLY 22 22 22 GLY GLY A . n 
A 1 23 ILE 23 23 23 ILE ILE A . n 
A 1 24 ALA 24 24 24 ALA ALA A . n 
A 1 25 THR 25 25 25 THR THR A . n 
A 1 26 TYR 26 26 26 TYR TYR A . n 
A 1 27 ASP 27 27 27 ASP ASP A . n 
A 1 28 LEU 28 28 28 LEU LEU A . n 
A 1 29 TYR 29 29 29 TYR TYR A . n 
A 1 30 LYS 30 30 30 LYS LYS A . n 
A 1 31 LYS 31 31 31 LYS LYS A . n 
A 1 32 VAL 32 32 32 VAL VAL A . n 
A 1 33 ASN 33 33 33 ASN ASN A . n 
A 1 34 ALA 34 34 34 ALA ALA A . n 
A 1 35 GLU 35 35 35 GLU GLU A . n 
A 1 36 PHE 36 36 36 PHE PHE A . n 
A 1 37 PRO 37 37 37 PRO PRO A . n 
A 1 38 MSE 38 38 38 MSE MSE A . n 
A 1 39 SER 39 39 39 SER SER A . n 
A 1 40 THR 40 40 40 THR THR A . n 
A 1 41 ALA 41 41 41 ALA ALA A . n 
A 1 42 THR 42 42 42 THR THR A . n 
A 1 43 PHE 43 43 43 PHE PHE A . n 
A 1 44 TYR 44 44 44 TYR TYR A . n 
A 1 45 ASP 45 45 45 ASP ASP A . n 
A 1 46 ALA 46 46 46 ALA ALA A . n 
A 1 47 LYS 47 47 47 LYS LYS A . n 
A 1 48 LYS 48 48 48 LYS LYS A . n 
A 1 49 PHE 49 49 49 PHE PHE A . n 
A 1 50 LEU 50 50 50 LEU LEU A . n 
A 1 51 ILE 51 51 51 ILE ILE A . n 
A 1 52 GLN 52 52 52 GLN GLN A . n 
A 1 53 GLU 53 53 53 GLU GLU A . n 
A 1 54 GLY 54 54 54 GLY GLY A . n 
A 1 55 PHE 55 55 55 PHE PHE A . n 
A 1 56 VAL 56 56 56 VAL VAL A . n 
A 1 57 LYS 57 57 57 LYS LYS A . n 
A 1 58 GLU 58 58 58 GLU GLU A . n 
A 1 59 ARG 59 59 59 ARG ARG A . n 
A 1 60 GLN 60 60 60 GLN GLN A . n 
A 1 61 GLU 61 61 61 GLU GLU A . n 
A 1 62 ARG 62 62 62 ARG ARG A . n 
A 1 63 GLY 63 63 63 GLY GLY A . n 
A 1 64 GLU 64 64 64 GLU GLU A . n 
A 1 65 LYS 65 65 65 LYS LYS A . n 
A 1 66 ARG 66 66 66 ARG ARG A . n 
A 1 67 LEU 67 67 67 LEU LEU A . n 
A 1 68 TYR 68 68 68 TYR TYR A . n 
A 1 69 LEU 69 69 69 LEU LEU A . n 
A 1 70 THR 70 70 70 THR THR A . n 
A 1 71 GLU 71 71 71 GLU GLU A . n 
A 1 72 LYS 72 72 72 LYS LYS A . n 
A 1 73 GLY 73 73 73 GLY GLY A . n 
A 1 74 LYS 74 74 74 LYS LYS A . n 
A 1 75 LEU 75 75 75 LEU LEU A . n 
A 1 76 PHE 76 76 76 PHE PHE A . n 
A 1 77 ALA 77 77 77 ALA ALA A . n 
A 1 78 ILE 78 78 78 ILE ILE A . n 
A 1 79 SER 79 79 79 SER SER A . n 
A 1 80 LEU 80 80 80 LEU LEU A . n 
A 1 81 LYS 81 81 81 LYS LYS A . n 
A 1 82 THR 82 82 82 THR THR A . n 
A 1 83 ALA 83 83 83 ALA ALA A . n 
A 1 84 ILE 84 84 84 ILE ILE A . n 
A 1 85 GLU 85 85 85 GLU GLU A . n 
A 1 86 THR 86 86 86 THR THR A . n 
A 1 87 TYR 87 87 87 TYR TYR A . n 
A 1 88 LYS 88 88 88 LYS LYS A . n 
A 1 89 GLN 89 89 89 GLN GLN A . n 
A 1 90 ILE 90 90 90 ILE ILE A . n 
A 1 91 LYS 91 91 91 LYS LYS A . n 
A 1 92 LYS 92 92 92 LYS LYS A . n 
A 1 93 ARG 93 93 93 ARG ARG A . n 
A 1 94 HIS 94 94 94 HIS HIS A . n 
A 1 95 HIS 95 95 95 HIS HIS A . n 
A 1 96 HIS 96 96 96 HIS HIS A . n 
A 1 97 HIS 97 97 ?  ?   ?   A . n 
A 1 98 HIS 98 98 ?  ?   ?   A . n 
A 1 99 HIS 99 99 ?  ?   ?   A . n 
B 1 1  MSE 1  1  ?  ?   ?   B . n 
B 1 2  LYS 2  2  2  LYS LYS B . n 
B 1 3  SER 3  3  3  SER SER B . n 
B 1 4  THR 4  4  4  THR THR B . n 
B 1 5  PRO 5  5  5  PRO PRO B . n 
B 1 6  PHE 6  6  6  PHE PHE B . n 
B 1 7  PHE 7  7  7  PHE PHE B . n 
B 1 8  TYR 8  8  8  TYR TYR B . n 
B 1 9  PRO 9  9  9  PRO PRO B . n 
B 1 10 GLU 10 10 10 GLU GLU B . n 
B 1 11 ALA 11 11 11 ALA ALA B . n 
B 1 12 ILE 12 12 12 ILE ILE B . n 
B 1 13 VAL 13 13 13 VAL VAL B . n 
B 1 14 LEU 14 14 14 LEU LEU B . n 
B 1 15 ALA 15 15 15 ALA ALA B . n 
B 1 16 TYR 16 16 16 TYR TYR B . n 
B 1 17 LEU 17 17 17 LEU LEU B . n 
B 1 18 TYR 18 18 18 TYR TYR B . n 
B 1 19 ASP 19 19 19 ASP ASP B . n 
B 1 20 ASN 20 20 20 ASN ASN B . n 
B 1 21 GLU 21 21 21 GLU GLU B . n 
B 1 22 GLY 22 22 22 GLY GLY B . n 
B 1 23 ILE 23 23 23 ILE ILE B . n 
B 1 24 ALA 24 24 24 ALA ALA B . n 
B 1 25 THR 25 25 25 THR THR B . n 
B 1 26 TYR 26 26 26 TYR TYR B . n 
B 1 27 ASP 27 27 27 ASP ASP B . n 
B 1 28 LEU 28 28 28 LEU LEU B . n 
B 1 29 TYR 29 29 29 TYR TYR B . n 
B 1 30 LYS 30 30 30 LYS LYS B . n 
B 1 31 LYS 31 31 31 LYS LYS B . n 
B 1 32 VAL 32 32 32 VAL VAL B . n 
B 1 33 ASN 33 33 33 ASN ASN B . n 
B 1 34 ALA 34 34 34 ALA ALA B . n 
B 1 35 GLU 35 35 35 GLU GLU B . n 
B 1 36 PHE 36 36 36 PHE PHE B . n 
B 1 37 PRO 37 37 37 PRO PRO B . n 
B 1 38 MSE 38 38 38 MSE MSE B . n 
B 1 39 SER 39 39 39 SER SER B . n 
B 1 40 THR 40 40 40 THR THR B . n 
B 1 41 ALA 41 41 41 ALA ALA B . n 
B 1 42 THR 42 42 42 THR THR B . n 
B 1 43 PHE 43 43 43 PHE PHE B . n 
B 1 44 TYR 44 44 44 TYR TYR B . n 
B 1 45 ASP 45 45 45 ASP ASP B . n 
B 1 46 ALA 46 46 46 ALA ALA B . n 
B 1 47 LYS 47 47 47 LYS LYS B . n 
B 1 48 LYS 48 48 48 LYS LYS B . n 
B 1 49 PHE 49 49 49 PHE PHE B . n 
B 1 50 LEU 50 50 50 LEU LEU B . n 
B 1 51 ILE 51 51 51 ILE ILE B . n 
B 1 52 GLN 52 52 52 GLN GLN B . n 
B 1 53 GLU 53 53 53 GLU GLU B . n 
B 1 54 GLY 54 54 54 GLY GLY B . n 
B 1 55 PHE 55 55 55 PHE PHE B . n 
B 1 56 VAL 56 56 56 VAL VAL B . n 
B 1 57 LYS 57 57 57 LYS LYS B . n 
B 1 58 GLU 58 58 58 GLU GLU B . n 
B 1 59 ARG 59 59 59 ARG ARG B . n 
B 1 60 GLN 60 60 60 GLN GLN B . n 
B 1 61 GLU 61 61 61 GLU GLU B . n 
B 1 62 ARG 62 62 62 ARG ARG B . n 
B 1 63 GLY 63 63 63 GLY GLY B . n 
B 1 64 GLU 64 64 64 GLU GLU B . n 
B 1 65 LYS 65 65 65 LYS LYS B . n 
B 1 66 ARG 66 66 66 ARG ARG B . n 
B 1 67 LEU 67 67 67 LEU LEU B . n 
B 1 68 TYR 68 68 68 TYR TYR B . n 
B 1 69 LEU 69 69 69 LEU LEU B . n 
B 1 70 THR 70 70 70 THR THR B . n 
B 1 71 GLU 71 71 71 GLU GLU B . n 
B 1 72 LYS 72 72 72 LYS LYS B . n 
B 1 73 GLY 73 73 73 GLY GLY B . n 
B 1 74 LYS 74 74 74 LYS LYS B . n 
B 1 75 LEU 75 75 75 LEU LEU B . n 
B 1 76 PHE 76 76 76 PHE PHE B . n 
B 1 77 ALA 77 77 77 ALA ALA B . n 
B 1 78 ILE 78 78 78 ILE ILE B . n 
B 1 79 SER 79 79 79 SER SER B . n 
B 1 80 LEU 80 80 80 LEU LEU B . n 
B 1 81 LYS 81 81 81 LYS LYS B . n 
B 1 82 THR 82 82 82 THR THR B . n 
B 1 83 ALA 83 83 83 ALA ALA B . n 
B 1 84 ILE 84 84 84 ILE ILE B . n 
B 1 85 GLU 85 85 85 GLU GLU B . n 
B 1 86 THR 86 86 86 THR THR B . n 
B 1 87 TYR 87 87 87 TYR TYR B . n 
B 1 88 LYS 88 88 88 LYS LYS B . n 
B 1 89 GLN 89 89 89 GLN GLN B . n 
B 1 90 ILE 90 90 90 ILE ILE B . n 
B 1 91 LYS 91 91 91 LYS LYS B . n 
B 1 92 LYS 92 92 ?  ?   ?   B . n 
B 1 93 ARG 93 93 ?  ?   ?   B . n 
B 1 94 HIS 94 94 ?  ?   ?   B . n 
B 1 95 HIS 95 95 ?  ?   ?   B . n 
B 1 96 HIS 96 96 ?  ?   ?   B . n 
B 1 97 HIS 97 97 ?  ?   ?   B . n 
B 1 98 HIS 98 98 ?  ?   ?   B . n 
B 1 99 HIS 99 99 ?  ?   ?   B . n 
# 
loop_
_software.name 
_software.classification 
_software.version 
_software.citation_id 
_software.pdbx_ordinal 
REFMAC    refinement       5.1.24 ? 1 
DENZO     'data reduction' .      ? 2 
SCALEPACK 'data scaling'   .      ? 3 
SOLVE     phasing          .      ? 4 
# 
_cell.entry_id           1TBX 
_cell.length_a           120.493 
_cell.length_b           120.493 
_cell.length_c           120.493 
_cell.angle_alpha        90.00 
_cell.angle_beta         90.00 
_cell.angle_gamma        90.00 
_cell.Z_PDB              48 
_cell.pdbx_unique_axis   ? 
_cell.length_a_esd       ? 
_cell.length_b_esd       ? 
_cell.length_c_esd       ? 
_cell.angle_alpha_esd    ? 
_cell.angle_beta_esd     ? 
_cell.angle_gamma_esd    ? 
# 
_symmetry.entry_id                         1TBX 
_symmetry.space_group_name_H-M             'P 43 3 2' 
_symmetry.pdbx_full_space_group_name_H-M   ? 
_symmetry.cell_setting                     ? 
_symmetry.Int_Tables_number                212 
_symmetry.space_group_name_Hall            ? 
# 
_exptl.entry_id          1TBX 
_exptl.method            'X-RAY DIFFRACTION' 
_exptl.crystals_number   1 
# 
_exptl_crystal.id                    1 
_exptl_crystal.density_meas          ? 
_exptl_crystal.density_Matthews      3.06 
_exptl_crystal.density_percent_sol   59.81 
_exptl_crystal.description           ? 
_exptl_crystal.F_000                 ? 
_exptl_crystal.preparation           ? 
# 
_exptl_crystal_grow.crystal_id      1 
_exptl_crystal_grow.method          'VAPOR DIFFUSION, HANGING DROP' 
_exptl_crystal_grow.temp            277 
_exptl_crystal_grow.temp_details    ? 
_exptl_crystal_grow.pH              7.6 
_exptl_crystal_grow.pdbx_details    '3.25 M NaCl, 120 mM HEPES, pH 7.6, VAPOR DIFFUSION, HANGING DROP, temperature 277K' 
_exptl_crystal_grow.pdbx_pH_range   . 
# 
_diffrn.id                     1 
_diffrn.ambient_temp           100 
_diffrn.ambient_temp_details   ? 
_diffrn.crystal_id             1 
# 
_diffrn_detector.diffrn_id              1 
_diffrn_detector.detector               CCD 
_diffrn_detector.type                   'ADSC QUANTUM 4' 
_diffrn_detector.pdbx_collection_date   ? 
_diffrn_detector.details                ? 
# 
_diffrn_radiation.diffrn_id                        1 
_diffrn_radiation.wavelength_id                    1 
_diffrn_radiation.pdbx_monochromatic_or_laue_m_l   M 
_diffrn_radiation.monochromator                    ? 
_diffrn_radiation.pdbx_diffrn_protocol             MAD 
_diffrn_radiation.pdbx_scattering_type             x-ray 
# 
loop_
_diffrn_radiation_wavelength.id 
_diffrn_radiation_wavelength.wavelength 
_diffrn_radiation_wavelength.wt 
1 0.9790 1.0 
2 0.9787 1.0 
3 0.9562 1.0 
# 
_diffrn_source.diffrn_id                   1 
_diffrn_source.source                      SYNCHROTRON 
_diffrn_source.type                        'APS BEAMLINE 14-BM-D' 
_diffrn_source.pdbx_synchrotron_site       APS 
_diffrn_source.pdbx_synchrotron_beamline   14-BM-D 
_diffrn_source.pdbx_wavelength             ? 
_diffrn_source.pdbx_wavelength_list        '0.9790, 0.9787, 0.9562' 
# 
_reflns.entry_id                     1TBX 
_reflns.observed_criterion_sigma_F   0.0 
_reflns.observed_criterion_sigma_I   ? 
_reflns.d_resolution_high            2.7 
_reflns.d_resolution_low             20 
_reflns.number_all                   ? 
_reflns.number_obs                   7936 
_reflns.percent_possible_obs         98.9 
_reflns.pdbx_Rmerge_I_obs            ? 
_reflns.pdbx_Rsym_value              0.05 
_reflns.pdbx_netI_over_sigmaI        41 
_reflns.B_iso_Wilson_estimate        ? 
_reflns.pdbx_redundancy              9.24 
_reflns.R_free_details               ? 
_reflns.limit_h_max                  ? 
_reflns.limit_h_min                  ? 
_reflns.limit_k_max                  ? 
_reflns.limit_k_min                  ? 
_reflns.limit_l_max                  ? 
_reflns.limit_l_min                  ? 
_reflns.observed_criterion_F_max     ? 
_reflns.observed_criterion_F_min     ? 
_reflns.pdbx_chi_squared             ? 
_reflns.pdbx_scaling_rejects         ? 
_reflns.pdbx_ordinal                 1 
_reflns.pdbx_diffrn_id               1 
# 
_reflns_shell.d_res_high             2.7 
_reflns_shell.d_res_low              2.81 
_reflns_shell.percent_possible_all   98.9 
_reflns_shell.Rmerge_I_obs           ? 
_reflns_shell.pdbx_Rsym_value        0.167 
_reflns_shell.meanI_over_sigI_obs    ? 
_reflns_shell.pdbx_redundancy        ? 
_reflns_shell.percent_possible_obs   ? 
_reflns_shell.number_unique_all      ? 
_reflns_shell.number_measured_all    ? 
_reflns_shell.number_measured_obs    ? 
_reflns_shell.number_unique_obs      ? 
_reflns_shell.pdbx_chi_squared       ? 
_reflns_shell.pdbx_ordinal           1 
_reflns_shell.pdbx_diffrn_id         1 
# 
_refine.entry_id                                 1TBX 
_refine.ls_number_reflns_obs                     7936 
_refine.ls_number_reflns_all                     ? 
_refine.pdbx_ls_sigma_I                          ? 
_refine.pdbx_ls_sigma_F                          0 
_refine.pdbx_data_cutoff_high_absF               ? 
_refine.pdbx_data_cutoff_low_absF                ? 
_refine.pdbx_data_cutoff_high_rms_absF           ? 
_refine.ls_d_res_low                             14.00 
_refine.ls_d_res_high                            2.70 
_refine.ls_percent_reflns_obs                    97.17 
_refine.ls_R_factor_obs                          0.19448 
_refine.ls_R_factor_all                          ? 
_refine.ls_R_factor_R_work                       0.1914 
_refine.ls_R_factor_R_free                       0.25945 
_refine.ls_R_factor_R_free_error                 ? 
_refine.ls_R_factor_R_free_error_details         ? 
_refine.ls_percent_reflns_R_free                 4.8 
_refine.ls_number_reflns_R_free                  401 
_refine.ls_number_parameters                     ? 
_refine.ls_number_restraints                     ? 
_refine.occupancy_min                            ? 
_refine.occupancy_max                            ? 
_refine.correlation_coeff_Fo_to_Fc               0.956 
_refine.correlation_coeff_Fo_to_Fc_free          0.907 
_refine.B_iso_mean                               29.457 
_refine.aniso_B[1][1]                            ? 
_refine.aniso_B[2][2]                            ? 
_refine.aniso_B[3][3]                            ? 
_refine.aniso_B[1][2]                            ? 
_refine.aniso_B[1][3]                            ? 
_refine.aniso_B[2][3]                            ? 
_refine.solvent_model_details                    'BABINET MODEL WITH MASK' 
_refine.solvent_model_param_ksol                 ? 
_refine.solvent_model_param_bsol                 ? 
_refine.pdbx_solvent_vdw_probe_radii             1.00 
_refine.pdbx_solvent_ion_probe_radii             1.00 
_refine.pdbx_solvent_shrinkage_radii             1.00 
_refine.pdbx_ls_cross_valid_method               THROUGHOUT 
_refine.details                                  ? 
_refine.pdbx_starting_model                      ? 
_refine.pdbx_method_to_determine_struct          MAD 
_refine.pdbx_isotropic_thermal_model             ? 
_refine.pdbx_stereochemistry_target_values       'MAXIMUM LIKELIHOOD' 
_refine.pdbx_stereochem_target_val_spec_case     ? 
_refine.pdbx_R_Free_selection_details            RANDOM 
_refine.pdbx_overall_ESU_R                       0.491 
_refine.pdbx_overall_ESU_R_Free                  0.317 
_refine.overall_SU_ML                            0.263 
_refine.overall_SU_B                             13.643 
_refine.ls_redundancy_reflns_obs                 ? 
_refine.B_iso_min                                ? 
_refine.B_iso_max                                ? 
_refine.overall_SU_R_Cruickshank_DPI             ? 
_refine.overall_SU_R_free                        ? 
_refine.ls_wR_factor_R_free                      ? 
_refine.ls_wR_factor_R_work                      ? 
_refine.overall_FOM_free_R_set                   ? 
_refine.overall_FOM_work_R_set                   ? 
_refine.pdbx_refine_id                           'X-RAY DIFFRACTION' 
_refine.pdbx_overall_phase_error                 ? 
_refine.pdbx_TLS_residual_ADP_flag               'LIKELY RESIDUAL' 
_refine.pdbx_diffrn_id                           1 
_refine.pdbx_overall_SU_R_free_Cruickshank_DPI   ? 
_refine.pdbx_overall_SU_R_Blow_DPI               ? 
_refine.pdbx_overall_SU_R_free_Blow_DPI          ? 
# 
_refine_analyze.entry_id                        1TBX 
_refine_analyze.Luzzati_coordinate_error_obs    0.491 
_refine_analyze.Luzzati_sigma_a_obs             ? 
_refine_analyze.Luzzati_d_res_low_obs           2.7 
_refine_analyze.Luzzati_coordinate_error_free   0.317 
_refine_analyze.Luzzati_sigma_a_free            ? 
_refine_analyze.Luzzati_d_res_low_free          ? 
_refine_analyze.number_disordered_residues      ? 
_refine_analyze.occupancy_sum_non_hydrogen      ? 
_refine_analyze.occupancy_sum_hydrogen          ? 
_refine_analyze.pdbx_Luzzati_d_res_high_obs     ? 
_refine_analyze.pdbx_refine_id                  'X-RAY DIFFRACTION' 
# 
_refine_hist.pdbx_refine_id                   'X-RAY DIFFRACTION' 
_refine_hist.cycle_id                         LAST 
_refine_hist.pdbx_number_atoms_protein        1535 
_refine_hist.pdbx_number_atoms_nucleic_acid   0 
_refine_hist.pdbx_number_atoms_ligand         0 
_refine_hist.number_atoms_solvent             0 
_refine_hist.number_atoms_total               1535 
_refine_hist.d_res_high                       2.70 
_refine_hist.d_res_low                        14.00 
# 
loop_
_refine_ls_restr.type 
_refine_ls_restr.dev_ideal 
_refine_ls_restr.dev_ideal_target 
_refine_ls_restr.weight 
_refine_ls_restr.number 
_refine_ls_restr.pdbx_refine_id 
_refine_ls_restr.pdbx_restraint_function 
r_bond_refined_d         0.019 0.022 ? 1572 'X-RAY DIFFRACTION' ? 
r_angle_refined_deg      1.924 1.965 ? 2111 'X-RAY DIFFRACTION' ? 
r_dihedral_angle_1_deg   9.202 5.000 ? 182  'X-RAY DIFFRACTION' ? 
r_chiral_restr           0.119 0.200 ? 224  'X-RAY DIFFRACTION' ? 
r_gen_planes_refined     0.007 0.020 ? 1167 'X-RAY DIFFRACTION' ? 
r_nbd_refined            0.255 0.200 ? 779  'X-RAY DIFFRACTION' ? 
r_xyhbond_nbd_refined    0.157 0.200 ? 40   'X-RAY DIFFRACTION' ? 
r_symmetry_vdw_refined   0.327 0.200 ? 33   'X-RAY DIFFRACTION' ? 
r_symmetry_hbond_refined 0.149 0.200 ? 4    'X-RAY DIFFRACTION' ? 
r_mcbond_it              2.983 5.000 ? 916  'X-RAY DIFFRACTION' ? 
r_mcangle_it             4.602 6.000 ? 1476 'X-RAY DIFFRACTION' ? 
r_scbond_it              4.819 6.000 ? 656  'X-RAY DIFFRACTION' ? 
r_scangle_it             6.642 7.500 ? 635  'X-RAY DIFFRACTION' ? 
# 
loop_
_refine_ls_restr_ncs.dom_id 
_refine_ls_restr_ncs.pdbx_type 
_refine_ls_restr_ncs.pdbx_auth_asym_id 
_refine_ls_restr_ncs.pdbx_number 
_refine_ls_restr_ncs.rms_dev_position 
_refine_ls_restr_ncs.weight_position 
_refine_ls_restr_ncs.pdbx_ens_id 
_refine_ls_restr_ncs.pdbx_refine_id 
_refine_ls_restr_ncs.pdbx_ordinal 
_refine_ls_restr_ncs.ncs_model_details 
_refine_ls_restr_ncs.rms_dev_B_iso 
_refine_ls_restr_ncs.weight_B_iso 
_refine_ls_restr_ncs.pdbx_asym_id 
_refine_ls_restr_ncs.pdbx_rms 
_refine_ls_restr_ncs.pdbx_weight 
1 'tight positional'  A 216 0.08 0.05 1 'X-RAY DIFFRACTION' 1 ? ? ? ? ? ? 
1 'medium positional' A 229 0.57 0.50 1 'X-RAY DIFFRACTION' 2 ? ? ? ? ? ? 
1 'tight thermal'     A 216 0.22 0.50 1 'X-RAY DIFFRACTION' 3 ? ? ? ? ? ? 
1 'medium thermal'    A 229 1.79 2.00 1 'X-RAY DIFFRACTION' 4 ? ? ? ? ? ? 
# 
_refine_ls_shell.pdbx_total_number_of_bins_used   20 
_refine_ls_shell.d_res_high                       2.70 
_refine_ls_shell.d_res_low                        2.771 
_refine_ls_shell.number_reflns_R_work             557 
_refine_ls_shell.R_factor_R_work                  0.277 
_refine_ls_shell.percent_reflns_obs               ? 
_refine_ls_shell.R_factor_R_free                  0.282 
_refine_ls_shell.R_factor_R_free_error            ? 
_refine_ls_shell.percent_reflns_R_free            ? 
_refine_ls_shell.number_reflns_R_free             23 
_refine_ls_shell.number_reflns_obs                ? 
_refine_ls_shell.redundancy_reflns_obs            ? 
_refine_ls_shell.number_reflns_all                ? 
_refine_ls_shell.pdbx_refine_id                   'X-RAY DIFFRACTION' 
_refine_ls_shell.R_factor_all                     ? 
# 
loop_
_struct_ncs_dom.pdbx_ens_id 
_struct_ncs_dom.id 
_struct_ncs_dom.details 
1 1 A 
1 2 B 
1 3 A 
1 4 B 
1 5 A 
1 6 B 
1 7 A 
1 8 B 
# 
loop_
_struct_ncs_dom_lim.pdbx_ens_id 
_struct_ncs_dom_lim.dom_id 
_struct_ncs_dom_lim.pdbx_component_id 
_struct_ncs_dom_lim.beg_label_asym_id 
_struct_ncs_dom_lim.beg_label_comp_id 
_struct_ncs_dom_lim.beg_label_seq_id 
_struct_ncs_dom_lim.beg_label_alt_id 
_struct_ncs_dom_lim.end_label_asym_id 
_struct_ncs_dom_lim.end_label_comp_id 
_struct_ncs_dom_lim.end_label_seq_id 
_struct_ncs_dom_lim.end_label_alt_id 
_struct_ncs_dom_lim.beg_auth_asym_id 
_struct_ncs_dom_lim.beg_auth_comp_id 
_struct_ncs_dom_lim.beg_auth_seq_id 
_struct_ncs_dom_lim.end_auth_asym_id 
_struct_ncs_dom_lim.end_auth_comp_id 
_struct_ncs_dom_lim.end_auth_seq_id 
_struct_ncs_dom_lim.pdbx_refine_code 
_struct_ncs_dom_lim.selection_details 
1 1 1 A ALA 11 . A ASP 19 . A ALA 11 A ASP 19 2 ? 
1 2 1 B ALA 11 . B ASP 19 . B ALA 11 B ASP 19 2 ? 
1 3 2 A ALA 24 . A ASN 33 . A ALA 24 A ASN 33 2 ? 
1 4 2 B ALA 24 . B ASN 33 . B ALA 24 B ASN 33 2 ? 
1 5 3 A THR 40 . A GLU 53 . A THR 40 A GLU 53 2 ? 
1 6 3 B THR 40 . B GLU 53 . B THR 40 B GLU 53 2 ? 
1 7 4 A GLU 71 . A LYS 91 . A GLU 71 A LYS 91 2 ? 
1 8 4 B GLU 71 . B LYS 91 . B GLU 71 B LYS 91 2 ? 
# 
_struct_ncs_ens.id        1 
_struct_ncs_ens.details   ? 
# 
_struct.entry_id                  1TBX 
_struct.title                     'Crystal structure of SSV1 F-93' 
_struct.pdbx_model_details        ? 
_struct.pdbx_CASP_flag            ? 
_struct.pdbx_model_type_details   ? 
# 
_struct_keywords.entry_id        1TBX 
_struct_keywords.pdbx_keywords   'VIRAL PROTEIN' 
_struct_keywords.text            'Sulfolobus Spindle Virus, Winged Helix, F-93, fusellovirus, Viral protein' 
# 
loop_
_struct_asym.id 
_struct_asym.pdbx_blank_PDB_chainid_flag 
_struct_asym.pdbx_modified 
_struct_asym.entity_id 
_struct_asym.details 
A N N 1 ? 
B N N 1 ? 
# 
_struct_ref.id                         1 
_struct_ref.db_name                    UNP 
_struct_ref.db_code                    Y110_SSV1 
_struct_ref.pdbx_db_accession          P20222 
_struct_ref.entity_id                  1 
_struct_ref.pdbx_seq_one_letter_code   
;MKSTPFFYPEAIVLAYLYDNEGIATYDLYKKVNAEFPMSTATFYDAKKFLIQEGFVKERQERGEKRLYLTEKGKLFAISL
KTAIETYKQIKKR
;
_struct_ref.pdbx_align_begin           1 
_struct_ref.pdbx_db_isoform            ? 
# 
loop_
_struct_ref_seq.align_id 
_struct_ref_seq.ref_id 
_struct_ref_seq.pdbx_PDB_id_code 
_struct_ref_seq.pdbx_strand_id 
_struct_ref_seq.seq_align_beg 
_struct_ref_seq.pdbx_seq_align_beg_ins_code 
_struct_ref_seq.seq_align_end 
_struct_ref_seq.pdbx_seq_align_end_ins_code 
_struct_ref_seq.pdbx_db_accession 
_struct_ref_seq.db_align_beg 
_struct_ref_seq.pdbx_db_align_beg_ins_code 
_struct_ref_seq.db_align_end 
_struct_ref_seq.pdbx_db_align_end_ins_code 
_struct_ref_seq.pdbx_auth_seq_align_beg 
_struct_ref_seq.pdbx_auth_seq_align_end 
1 1 1TBX A 1 ? 93 ? P20222 1 ? 93 ? 1 93 
2 1 1TBX B 1 ? 93 ? P20222 1 ? 93 ? 1 93 
# 
loop_
_struct_ref_seq_dif.align_id 
_struct_ref_seq_dif.pdbx_pdb_id_code 
_struct_ref_seq_dif.mon_id 
_struct_ref_seq_dif.pdbx_pdb_strand_id 
_struct_ref_seq_dif.seq_num 
_struct_ref_seq_dif.pdbx_pdb_ins_code 
_struct_ref_seq_dif.pdbx_seq_db_name 
_struct_ref_seq_dif.pdbx_seq_db_accession_code 
_struct_ref_seq_dif.db_mon_id 
_struct_ref_seq_dif.pdbx_seq_db_seq_num 
_struct_ref_seq_dif.details 
_struct_ref_seq_dif.pdbx_auth_seq_num 
_struct_ref_seq_dif.pdbx_ordinal 
1 1TBX HIS A 94 ? UNP P20222 ? ? 'expression tag' 94 1  
1 1TBX HIS A 95 ? UNP P20222 ? ? 'expression tag' 95 2  
1 1TBX HIS A 96 ? UNP P20222 ? ? 'expression tag' 96 3  
1 1TBX HIS A 97 ? UNP P20222 ? ? 'expression tag' 97 4  
1 1TBX HIS A 98 ? UNP P20222 ? ? 'expression tag' 98 5  
1 1TBX HIS A 99 ? UNP P20222 ? ? 'expression tag' 99 6  
2 1TBX HIS B 94 ? UNP P20222 ? ? 'expression tag' 94 7  
2 1TBX HIS B 95 ? UNP P20222 ? ? 'expression tag' 95 8  
2 1TBX HIS B 96 ? UNP P20222 ? ? 'expression tag' 96 9  
2 1TBX HIS B 97 ? UNP P20222 ? ? 'expression tag' 97 10 
2 1TBX HIS B 98 ? UNP P20222 ? ? 'expression tag' 98 11 
2 1TBX HIS B 99 ? UNP P20222 ? ? 'expression tag' 99 12 
# 
loop_
_pdbx_struct_assembly.id 
_pdbx_struct_assembly.details 
_pdbx_struct_assembly.method_details 
_pdbx_struct_assembly.oligomeric_details 
_pdbx_struct_assembly.oligomeric_count 
1 author_and_software_defined_assembly PISA dimeric    2 
2 software_defined_assembly            PISA tetrameric 4 
# 
loop_
_pdbx_struct_assembly_prop.biol_id 
_pdbx_struct_assembly_prop.type 
_pdbx_struct_assembly_prop.value 
_pdbx_struct_assembly_prop.details 
1 'ABSA (A^2)' 2010  ? 
1 MORE         -19   ? 
1 'SSA (A^2)'  9930  ? 
2 'ABSA (A^2)' 6270  ? 
2 MORE         -49   ? 
2 'SSA (A^2)'  17620 ? 
# 
loop_
_pdbx_struct_assembly_gen.assembly_id 
_pdbx_struct_assembly_gen.oper_expression 
_pdbx_struct_assembly_gen.asym_id_list 
1 1   A,B 
2 1,2 A,B 
# 
loop_
_pdbx_struct_oper_list.id 
_pdbx_struct_oper_list.type 
_pdbx_struct_oper_list.name 
_pdbx_struct_oper_list.symmetry_operation 
_pdbx_struct_oper_list.matrix[1][1] 
_pdbx_struct_oper_list.matrix[1][2] 
_pdbx_struct_oper_list.matrix[1][3] 
_pdbx_struct_oper_list.vector[1] 
_pdbx_struct_oper_list.matrix[2][1] 
_pdbx_struct_oper_list.matrix[2][2] 
_pdbx_struct_oper_list.matrix[2][3] 
_pdbx_struct_oper_list.vector[2] 
_pdbx_struct_oper_list.matrix[3][1] 
_pdbx_struct_oper_list.matrix[3][2] 
_pdbx_struct_oper_list.matrix[3][3] 
_pdbx_struct_oper_list.vector[3] 
1 'identity operation'         1_555  x,y,z              1.0000000000 0.0000000000 0.0000000000 0.0000000000  0.0000000000 1.0000000000  0.0000000000 0.0000000000 0.0000000000 0.0000000000 1.0000000000  0.0000000000   
2 'crystal symmetry operation' 13_545 y+1/4,x-1/4,-z+3/4 0.0993246493 0.0344524288 0.9944584678 16.3077851125 0.0344524288 -0.9989202736 0.0311659613 0.6229272863 0.9944584678 0.0311659613 -0.1004043757 -18.0490307937 
# 
_struct_biol.id                    1 
_struct_biol.details               'The biological assembly is thought to correspond to the dimer of the asymmetric unit.' 
_struct_biol.pdbx_parent_biol_id   ? 
# 
loop_
_struct_conf.conf_type_id 
_struct_conf.id 
_struct_conf.pdbx_PDB_helix_id 
_struct_conf.beg_label_comp_id 
_struct_conf.beg_label_asym_id 
_struct_conf.beg_label_seq_id 
_struct_conf.pdbx_beg_PDB_ins_code 
_struct_conf.end_label_comp_id 
_struct_conf.end_label_asym_id 
_struct_conf.end_label_seq_id 
_struct_conf.pdbx_end_PDB_ins_code 
_struct_conf.beg_auth_comp_id 
_struct_conf.beg_auth_asym_id 
_struct_conf.beg_auth_seq_id 
_struct_conf.end_auth_comp_id 
_struct_conf.end_auth_asym_id 
_struct_conf.end_auth_seq_id 
_struct_conf.pdbx_PDB_helix_class 
_struct_conf.details 
_struct_conf.pdbx_PDB_helix_length 
HELX_P HELX_P1 1 TYR A 8  ? TYR A 18 ? TYR A 8  TYR A 18 1 ? 11 
HELX_P HELX_P2 2 ALA A 24 ? ALA A 34 ? ALA A 24 ALA A 34 1 ? 11 
HELX_P HELX_P3 3 SER A 39 ? GLU A 53 ? SER A 39 GLU A 53 1 ? 15 
HELX_P HELX_P4 4 THR A 70 ? HIS A 95 ? THR A 70 HIS A 95 1 ? 26 
HELX_P HELX_P5 5 TYR B 8  ? TYR B 18 ? TYR B 8  TYR B 18 1 ? 11 
HELX_P HELX_P6 6 ALA B 24 ? PHE B 36 ? ALA B 24 PHE B 36 1 ? 13 
HELX_P HELX_P7 7 SER B 39 ? GLU B 53 ? SER B 39 GLU B 53 1 ? 15 
HELX_P HELX_P8 8 THR B 70 ? LYS B 91 ? THR B 70 LYS B 91 1 ? 22 
# 
_struct_conf_type.id          HELX_P 
_struct_conf_type.criteria    ? 
_struct_conf_type.reference   ? 
# 
loop_
_struct_conn.id 
_struct_conn.conn_type_id 
_struct_conn.pdbx_leaving_atom_flag 
_struct_conn.pdbx_PDB_id 
_struct_conn.ptnr1_label_asym_id 
_struct_conn.ptnr1_label_comp_id 
_struct_conn.ptnr1_label_seq_id 
_struct_conn.ptnr1_label_atom_id 
_struct_conn.pdbx_ptnr1_label_alt_id 
_struct_conn.pdbx_ptnr1_PDB_ins_code 
_struct_conn.pdbx_ptnr1_standard_comp_id 
_struct_conn.ptnr1_symmetry 
_struct_conn.ptnr2_label_asym_id 
_struct_conn.ptnr2_label_comp_id 
_struct_conn.ptnr2_label_seq_id 
_struct_conn.ptnr2_label_atom_id 
_struct_conn.pdbx_ptnr2_label_alt_id 
_struct_conn.pdbx_ptnr2_PDB_ins_code 
_struct_conn.ptnr1_auth_asym_id 
_struct_conn.ptnr1_auth_comp_id 
_struct_conn.ptnr1_auth_seq_id 
_struct_conn.ptnr2_auth_asym_id 
_struct_conn.ptnr2_auth_comp_id 
_struct_conn.ptnr2_auth_seq_id 
_struct_conn.ptnr2_symmetry 
_struct_conn.pdbx_ptnr3_label_atom_id 
_struct_conn.pdbx_ptnr3_label_seq_id 
_struct_conn.pdbx_ptnr3_label_comp_id 
_struct_conn.pdbx_ptnr3_label_asym_id 
_struct_conn.pdbx_ptnr3_label_alt_id 
_struct_conn.pdbx_ptnr3_PDB_ins_code 
_struct_conn.details 
_struct_conn.pdbx_dist_value 
_struct_conn.pdbx_value_order 
_struct_conn.pdbx_role 
covale1 covale both ? A PRO 37 C ? ? ? 1_555 A MSE 38 N ? ? A PRO 37 A MSE 38 1_555 ? ? ? ? ? ? ? 1.322 ? ? 
covale2 covale both ? A MSE 38 C ? ? ? 1_555 A SER 39 N ? ? A MSE 38 A SER 39 1_555 ? ? ? ? ? ? ? 1.325 ? ? 
covale3 covale both ? B PRO 37 C ? ? ? 1_555 B MSE 38 N ? ? B PRO 37 B MSE 38 1_555 ? ? ? ? ? ? ? 1.330 ? ? 
covale4 covale both ? B MSE 38 C ? ? ? 1_555 B SER 39 N ? ? B MSE 38 B SER 39 1_555 ? ? ? ? ? ? ? 1.324 ? ? 
# 
_struct_conn_type.id          covale 
_struct_conn_type.criteria    ? 
_struct_conn_type.reference   ? 
# 
loop_
_pdbx_modification_feature.ordinal 
_pdbx_modification_feature.label_comp_id 
_pdbx_modification_feature.label_asym_id 
_pdbx_modification_feature.label_seq_id 
_pdbx_modification_feature.label_alt_id 
_pdbx_modification_feature.modified_residue_label_comp_id 
_pdbx_modification_feature.modified_residue_label_asym_id 
_pdbx_modification_feature.modified_residue_label_seq_id 
_pdbx_modification_feature.modified_residue_label_alt_id 
_pdbx_modification_feature.auth_comp_id 
_pdbx_modification_feature.auth_asym_id 
_pdbx_modification_feature.auth_seq_id 
_pdbx_modification_feature.PDB_ins_code 
_pdbx_modification_feature.symmetry 
_pdbx_modification_feature.modified_residue_auth_comp_id 
_pdbx_modification_feature.modified_residue_auth_asym_id 
_pdbx_modification_feature.modified_residue_auth_seq_id 
_pdbx_modification_feature.modified_residue_PDB_ins_code 
_pdbx_modification_feature.modified_residue_symmetry 
_pdbx_modification_feature.comp_id_linking_atom 
_pdbx_modification_feature.modified_residue_id_linking_atom 
_pdbx_modification_feature.modified_residue_id 
_pdbx_modification_feature.ref_pcm_id 
_pdbx_modification_feature.ref_comp_id 
_pdbx_modification_feature.type 
_pdbx_modification_feature.category 
1 MSE A 38 ? . . . . MSE A 38 ? 1_555 . . . . . . . MET 1 MSE Selenomethionine 'Named protein modification' 
2 MSE B 38 ? . . . . MSE B 38 ? 1_555 . . . . . . . MET 1 MSE Selenomethionine 'Named protein modification' 
# 
loop_
_struct_sheet.id 
_struct_sheet.type 
_struct_sheet.number_strands 
_struct_sheet.details 
A ? 2 ? 
B ? 2 ? 
# 
loop_
_struct_sheet_order.sheet_id 
_struct_sheet_order.range_id_1 
_struct_sheet_order.range_id_2 
_struct_sheet_order.offset 
_struct_sheet_order.sense 
A 1 2 ? anti-parallel 
B 1 2 ? anti-parallel 
# 
loop_
_struct_sheet_range.sheet_id 
_struct_sheet_range.id 
_struct_sheet_range.beg_label_comp_id 
_struct_sheet_range.beg_label_asym_id 
_struct_sheet_range.beg_label_seq_id 
_struct_sheet_range.pdbx_beg_PDB_ins_code 
_struct_sheet_range.end_label_comp_id 
_struct_sheet_range.end_label_asym_id 
_struct_sheet_range.end_label_seq_id 
_struct_sheet_range.pdbx_end_PDB_ins_code 
_struct_sheet_range.beg_auth_comp_id 
_struct_sheet_range.beg_auth_asym_id 
_struct_sheet_range.beg_auth_seq_id 
_struct_sheet_range.end_auth_comp_id 
_struct_sheet_range.end_auth_asym_id 
_struct_sheet_range.end_auth_seq_id 
A 1 VAL A 56 ? GLU A 61 ? VAL A 56 GLU A 61 
A 2 GLU A 64 ? LEU A 69 ? GLU A 64 LEU A 69 
B 1 VAL B 56 ? GLN B 60 ? VAL B 56 GLN B 60 
B 2 LYS B 65 ? LEU B 69 ? LYS B 65 LEU B 69 
# 
loop_
_pdbx_struct_sheet_hbond.sheet_id 
_pdbx_struct_sheet_hbond.range_id_1 
_pdbx_struct_sheet_hbond.range_id_2 
_pdbx_struct_sheet_hbond.range_1_label_atom_id 
_pdbx_struct_sheet_hbond.range_1_label_comp_id 
_pdbx_struct_sheet_hbond.range_1_label_asym_id 
_pdbx_struct_sheet_hbond.range_1_label_seq_id 
_pdbx_struct_sheet_hbond.range_1_PDB_ins_code 
_pdbx_struct_sheet_hbond.range_1_auth_atom_id 
_pdbx_struct_sheet_hbond.range_1_auth_comp_id 
_pdbx_struct_sheet_hbond.range_1_auth_asym_id 
_pdbx_struct_sheet_hbond.range_1_auth_seq_id 
_pdbx_struct_sheet_hbond.range_2_label_atom_id 
_pdbx_struct_sheet_hbond.range_2_label_comp_id 
_pdbx_struct_sheet_hbond.range_2_label_asym_id 
_pdbx_struct_sheet_hbond.range_2_label_seq_id 
_pdbx_struct_sheet_hbond.range_2_PDB_ins_code 
_pdbx_struct_sheet_hbond.range_2_auth_atom_id 
_pdbx_struct_sheet_hbond.range_2_auth_comp_id 
_pdbx_struct_sheet_hbond.range_2_auth_asym_id 
_pdbx_struct_sheet_hbond.range_2_auth_seq_id 
A 1 2 N ARG A 59 ? N ARG A 59 O ARG A 66 ? O ARG A 66 
B 1 2 N ARG B 59 ? N ARG B 59 O ARG B 66 ? O ARG B 66 
# 
_pdbx_entry_details.entry_id                   1TBX 
_pdbx_entry_details.compound_details           ? 
_pdbx_entry_details.source_details             ? 
_pdbx_entry_details.nonpolymer_details         ? 
_pdbx_entry_details.sequence_details           ? 
_pdbx_entry_details.has_ligand_of_interest     ? 
_pdbx_entry_details.has_protein_modification   Y 
# 
_pdbx_validate_rmsd_angle.id                         1 
_pdbx_validate_rmsd_angle.PDB_model_num              1 
_pdbx_validate_rmsd_angle.auth_atom_id_1             N 
_pdbx_validate_rmsd_angle.auth_asym_id_1             A 
_pdbx_validate_rmsd_angle.auth_comp_id_1             PHE 
_pdbx_validate_rmsd_angle.auth_seq_id_1              6 
_pdbx_validate_rmsd_angle.PDB_ins_code_1             ? 
_pdbx_validate_rmsd_angle.label_alt_id_1             ? 
_pdbx_validate_rmsd_angle.auth_atom_id_2             CA 
_pdbx_validate_rmsd_angle.auth_asym_id_2             A 
_pdbx_validate_rmsd_angle.auth_comp_id_2             PHE 
_pdbx_validate_rmsd_angle.auth_seq_id_2              6 
_pdbx_validate_rmsd_angle.PDB_ins_code_2             ? 
_pdbx_validate_rmsd_angle.label_alt_id_2             ? 
_pdbx_validate_rmsd_angle.auth_atom_id_3             C 
_pdbx_validate_rmsd_angle.auth_asym_id_3             A 
_pdbx_validate_rmsd_angle.auth_comp_id_3             PHE 
_pdbx_validate_rmsd_angle.auth_seq_id_3              6 
_pdbx_validate_rmsd_angle.PDB_ins_code_3             ? 
_pdbx_validate_rmsd_angle.label_alt_id_3             ? 
_pdbx_validate_rmsd_angle.angle_value                89.69 
_pdbx_validate_rmsd_angle.angle_target_value         111.00 
_pdbx_validate_rmsd_angle.angle_deviation            -21.31 
_pdbx_validate_rmsd_angle.angle_standard_deviation   2.70 
_pdbx_validate_rmsd_angle.linker_flag                N 
# 
loop_
_pdbx_validate_torsion.id 
_pdbx_validate_torsion.PDB_model_num 
_pdbx_validate_torsion.auth_comp_id 
_pdbx_validate_torsion.auth_asym_id 
_pdbx_validate_torsion.auth_seq_id 
_pdbx_validate_torsion.PDB_ins_code 
_pdbx_validate_torsion.label_alt_id 
_pdbx_validate_torsion.phi 
_pdbx_validate_torsion.psi 
1 1 THR A 4  ? ? 58.30   112.07 
2 1 PHE A 6  ? ? -171.50 -11.91 
3 1 HIS A 95 ? ? -55.81  57.06  
4 1 SER B 3  ? ? -119.72 -89.30 
5 1 ASN B 20 ? ? -103.43 41.58  
# 
loop_
_pdbx_validate_peptide_omega.id 
_pdbx_validate_peptide_omega.PDB_model_num 
_pdbx_validate_peptide_omega.auth_comp_id_1 
_pdbx_validate_peptide_omega.auth_asym_id_1 
_pdbx_validate_peptide_omega.auth_seq_id_1 
_pdbx_validate_peptide_omega.PDB_ins_code_1 
_pdbx_validate_peptide_omega.label_alt_id_1 
_pdbx_validate_peptide_omega.auth_comp_id_2 
_pdbx_validate_peptide_omega.auth_asym_id_2 
_pdbx_validate_peptide_omega.auth_seq_id_2 
_pdbx_validate_peptide_omega.PDB_ins_code_2 
_pdbx_validate_peptide_omega.label_alt_id_2 
_pdbx_validate_peptide_omega.omega 
1 1 PRO A 5  ? ? PHE A 6  ? ? 50.86  
2 1 TYR B 18 ? ? ASP B 19 ? ? -70.88 
# 
loop_
_pdbx_struct_mod_residue.id 
_pdbx_struct_mod_residue.label_asym_id 
_pdbx_struct_mod_residue.label_comp_id 
_pdbx_struct_mod_residue.label_seq_id 
_pdbx_struct_mod_residue.auth_asym_id 
_pdbx_struct_mod_residue.auth_comp_id 
_pdbx_struct_mod_residue.auth_seq_id 
_pdbx_struct_mod_residue.PDB_ins_code 
_pdbx_struct_mod_residue.parent_comp_id 
_pdbx_struct_mod_residue.details 
1 A MSE 38 A MSE 38 ? MET SELENOMETHIONINE 
2 B MSE 38 B MSE 38 ? MET SELENOMETHIONINE 
# 
_pdbx_refine_tls.pdbx_refine_id   'X-RAY DIFFRACTION' 
_pdbx_refine_tls.id               1 
_pdbx_refine_tls.details          ? 
_pdbx_refine_tls.method           refined 
_pdbx_refine_tls.origin_x         -0.0182 
_pdbx_refine_tls.origin_y         0.0138 
_pdbx_refine_tls.origin_z         -0.1208 
_pdbx_refine_tls.T[1][1]          0.4155 
_pdbx_refine_tls.T[2][2]          0.2850 
_pdbx_refine_tls.T[3][3]          0.2173 
_pdbx_refine_tls.T[1][2]          0.0122 
_pdbx_refine_tls.T[1][3]          0.2272 
_pdbx_refine_tls.T[2][3]          -0.1233 
_pdbx_refine_tls.L[1][1]          1.9742 
_pdbx_refine_tls.L[2][2]          9.2508 
_pdbx_refine_tls.L[3][3]          5.4076 
_pdbx_refine_tls.L[1][2]          2.0077 
_pdbx_refine_tls.L[1][3]          -0.0647 
_pdbx_refine_tls.L[2][3]          2.5884 
_pdbx_refine_tls.S[1][1]          -0.2908 
_pdbx_refine_tls.S[2][2]          -0.0292 
_pdbx_refine_tls.S[3][3]          0.3199 
_pdbx_refine_tls.S[1][2]          -0.1773 
_pdbx_refine_tls.S[1][3]          -0.1134 
_pdbx_refine_tls.S[2][3]          0.3255 
_pdbx_refine_tls.S[2][1]          0.1229 
_pdbx_refine_tls.S[3][1]          0.8394 
_pdbx_refine_tls.S[3][2]          0.1554 
# 
loop_
_pdbx_refine_tls_group.pdbx_refine_id 
_pdbx_refine_tls_group.id 
_pdbx_refine_tls_group.refine_tls_id 
_pdbx_refine_tls_group.beg_auth_asym_id 
_pdbx_refine_tls_group.beg_auth_seq_id 
_pdbx_refine_tls_group.end_auth_asym_id 
_pdbx_refine_tls_group.end_auth_seq_id 
_pdbx_refine_tls_group.selection_details 
_pdbx_refine_tls_group.beg_label_asym_id 
_pdbx_refine_tls_group.beg_label_seq_id 
_pdbx_refine_tls_group.end_label_asym_id 
_pdbx_refine_tls_group.end_label_seq_id 
_pdbx_refine_tls_group.selection 
'X-RAY DIFFRACTION' 1 1 B 2 B 91 ? . . . . ? 
'X-RAY DIFFRACTION' 2 1 A 3 A 96 ? . . . . ? 
# 
loop_
_pdbx_unobs_or_zero_occ_residues.id 
_pdbx_unobs_or_zero_occ_residues.PDB_model_num 
_pdbx_unobs_or_zero_occ_residues.polymer_flag 
_pdbx_unobs_or_zero_occ_residues.occupancy_flag 
_pdbx_unobs_or_zero_occ_residues.auth_asym_id 
_pdbx_unobs_or_zero_occ_residues.auth_comp_id 
_pdbx_unobs_or_zero_occ_residues.auth_seq_id 
_pdbx_unobs_or_zero_occ_residues.PDB_ins_code 
_pdbx_unobs_or_zero_occ_residues.label_asym_id 
_pdbx_unobs_or_zero_occ_residues.label_comp_id 
_pdbx_unobs_or_zero_occ_residues.label_seq_id 
1  1 Y 1 A MSE 1  ? A MSE 1  
2  1 Y 1 A LYS 2  ? A LYS 2  
3  1 Y 1 A HIS 97 ? A HIS 97 
4  1 Y 1 A HIS 98 ? A HIS 98 
5  1 Y 1 A HIS 99 ? A HIS 99 
6  1 Y 1 B MSE 1  ? B MSE 1  
7  1 Y 1 B LYS 92 ? B LYS 92 
8  1 Y 1 B ARG 93 ? B ARG 93 
9  1 Y 1 B HIS 94 ? B HIS 94 
10 1 Y 1 B HIS 95 ? B HIS 95 
11 1 Y 1 B HIS 96 ? B HIS 96 
12 1 Y 1 B HIS 97 ? B HIS 97 
13 1 Y 1 B HIS 98 ? B HIS 98 
14 1 Y 1 B HIS 99 ? B HIS 99 
# 
loop_
_chem_comp_atom.comp_id 
_chem_comp_atom.atom_id 
_chem_comp_atom.type_symbol 
_chem_comp_atom.pdbx_aromatic_flag 
_chem_comp_atom.pdbx_stereo_config 
_chem_comp_atom.pdbx_ordinal 
ALA N    N  N N 1   
ALA CA   C  N S 2   
ALA C    C  N N 3   
ALA O    O  N N 4   
ALA CB   C  N N 5   
ALA OXT  O  N N 6   
ALA H    H  N N 7   
ALA H2   H  N N 8   
ALA HA   H  N N 9   
ALA HB1  H  N N 10  
ALA HB2  H  N N 11  
ALA HB3  H  N N 12  
ALA HXT  H  N N 13  
ARG N    N  N N 14  
ARG CA   C  N S 15  
ARG C    C  N N 16  
ARG O    O  N N 17  
ARG CB   C  N N 18  
ARG CG   C  N N 19  
ARG CD   C  N N 20  
ARG NE   N  N N 21  
ARG CZ   C  N N 22  
ARG NH1  N  N N 23  
ARG NH2  N  N N 24  
ARG OXT  O  N N 25  
ARG H    H  N N 26  
ARG H2   H  N N 27  
ARG HA   H  N N 28  
ARG HB2  H  N N 29  
ARG HB3  H  N N 30  
ARG HG2  H  N N 31  
ARG HG3  H  N N 32  
ARG HD2  H  N N 33  
ARG HD3  H  N N 34  
ARG HE   H  N N 35  
ARG HH11 H  N N 36  
ARG HH12 H  N N 37  
ARG HH21 H  N N 38  
ARG HH22 H  N N 39  
ARG HXT  H  N N 40  
ASN N    N  N N 41  
ASN CA   C  N S 42  
ASN C    C  N N 43  
ASN O    O  N N 44  
ASN CB   C  N N 45  
ASN CG   C  N N 46  
ASN OD1  O  N N 47  
ASN ND2  N  N N 48  
ASN OXT  O  N N 49  
ASN H    H  N N 50  
ASN H2   H  N N 51  
ASN HA   H  N N 52  
ASN HB2  H  N N 53  
ASN HB3  H  N N 54  
ASN HD21 H  N N 55  
ASN HD22 H  N N 56  
ASN HXT  H  N N 57  
ASP N    N  N N 58  
ASP CA   C  N S 59  
ASP C    C  N N 60  
ASP O    O  N N 61  
ASP CB   C  N N 62  
ASP CG   C  N N 63  
ASP OD1  O  N N 64  
ASP OD2  O  N N 65  
ASP OXT  O  N N 66  
ASP H    H  N N 67  
ASP H2   H  N N 68  
ASP HA   H  N N 69  
ASP HB2  H  N N 70  
ASP HB3  H  N N 71  
ASP HD2  H  N N 72  
ASP HXT  H  N N 73  
GLN N    N  N N 74  
GLN CA   C  N S 75  
GLN C    C  N N 76  
GLN O    O  N N 77  
GLN CB   C  N N 78  
GLN CG   C  N N 79  
GLN CD   C  N N 80  
GLN OE1  O  N N 81  
GLN NE2  N  N N 82  
GLN OXT  O  N N 83  
GLN H    H  N N 84  
GLN H2   H  N N 85  
GLN HA   H  N N 86  
GLN HB2  H  N N 87  
GLN HB3  H  N N 88  
GLN HG2  H  N N 89  
GLN HG3  H  N N 90  
GLN HE21 H  N N 91  
GLN HE22 H  N N 92  
GLN HXT  H  N N 93  
GLU N    N  N N 94  
GLU CA   C  N S 95  
GLU C    C  N N 96  
GLU O    O  N N 97  
GLU CB   C  N N 98  
GLU CG   C  N N 99  
GLU CD   C  N N 100 
GLU OE1  O  N N 101 
GLU OE2  O  N N 102 
GLU OXT  O  N N 103 
GLU H    H  N N 104 
GLU H2   H  N N 105 
GLU HA   H  N N 106 
GLU HB2  H  N N 107 
GLU HB3  H  N N 108 
GLU HG2  H  N N 109 
GLU HG3  H  N N 110 
GLU HE2  H  N N 111 
GLU HXT  H  N N 112 
GLY N    N  N N 113 
GLY CA   C  N N 114 
GLY C    C  N N 115 
GLY O    O  N N 116 
GLY OXT  O  N N 117 
GLY H    H  N N 118 
GLY H2   H  N N 119 
GLY HA2  H  N N 120 
GLY HA3  H  N N 121 
GLY HXT  H  N N 122 
HIS N    N  N N 123 
HIS CA   C  N S 124 
HIS C    C  N N 125 
HIS O    O  N N 126 
HIS CB   C  N N 127 
HIS CG   C  Y N 128 
HIS ND1  N  Y N 129 
HIS CD2  C  Y N 130 
HIS CE1  C  Y N 131 
HIS NE2  N  Y N 132 
HIS OXT  O  N N 133 
HIS H    H  N N 134 
HIS H2   H  N N 135 
HIS HA   H  N N 136 
HIS HB2  H  N N 137 
HIS HB3  H  N N 138 
HIS HD1  H  N N 139 
HIS HD2  H  N N 140 
HIS HE1  H  N N 141 
HIS HE2  H  N N 142 
HIS HXT  H  N N 143 
ILE N    N  N N 144 
ILE CA   C  N S 145 
ILE C    C  N N 146 
ILE O    O  N N 147 
ILE CB   C  N S 148 
ILE CG1  C  N N 149 
ILE CG2  C  N N 150 
ILE CD1  C  N N 151 
ILE OXT  O  N N 152 
ILE H    H  N N 153 
ILE H2   H  N N 154 
ILE HA   H  N N 155 
ILE HB   H  N N 156 
ILE HG12 H  N N 157 
ILE HG13 H  N N 158 
ILE HG21 H  N N 159 
ILE HG22 H  N N 160 
ILE HG23 H  N N 161 
ILE HD11 H  N N 162 
ILE HD12 H  N N 163 
ILE HD13 H  N N 164 
ILE HXT  H  N N 165 
LEU N    N  N N 166 
LEU CA   C  N S 167 
LEU C    C  N N 168 
LEU O    O  N N 169 
LEU CB   C  N N 170 
LEU CG   C  N N 171 
LEU CD1  C  N N 172 
LEU CD2  C  N N 173 
LEU OXT  O  N N 174 
LEU H    H  N N 175 
LEU H2   H  N N 176 
LEU HA   H  N N 177 
LEU HB2  H  N N 178 
LEU HB3  H  N N 179 
LEU HG   H  N N 180 
LEU HD11 H  N N 181 
LEU HD12 H  N N 182 
LEU HD13 H  N N 183 
LEU HD21 H  N N 184 
LEU HD22 H  N N 185 
LEU HD23 H  N N 186 
LEU HXT  H  N N 187 
LYS N    N  N N 188 
LYS CA   C  N S 189 
LYS C    C  N N 190 
LYS O    O  N N 191 
LYS CB   C  N N 192 
LYS CG   C  N N 193 
LYS CD   C  N N 194 
LYS CE   C  N N 195 
LYS NZ   N  N N 196 
LYS OXT  O  N N 197 
LYS H    H  N N 198 
LYS H2   H  N N 199 
LYS HA   H  N N 200 
LYS HB2  H  N N 201 
LYS HB3  H  N N 202 
LYS HG2  H  N N 203 
LYS HG3  H  N N 204 
LYS HD2  H  N N 205 
LYS HD3  H  N N 206 
LYS HE2  H  N N 207 
LYS HE3  H  N N 208 
LYS HZ1  H  N N 209 
LYS HZ2  H  N N 210 
LYS HZ3  H  N N 211 
LYS HXT  H  N N 212 
MSE N    N  N N 213 
MSE CA   C  N S 214 
MSE C    C  N N 215 
MSE O    O  N N 216 
MSE OXT  O  N N 217 
MSE CB   C  N N 218 
MSE CG   C  N N 219 
MSE SE   SE N N 220 
MSE CE   C  N N 221 
MSE H    H  N N 222 
MSE H2   H  N N 223 
MSE HA   H  N N 224 
MSE HXT  H  N N 225 
MSE HB2  H  N N 226 
MSE HB3  H  N N 227 
MSE HG2  H  N N 228 
MSE HG3  H  N N 229 
MSE HE1  H  N N 230 
MSE HE2  H  N N 231 
MSE HE3  H  N N 232 
PHE N    N  N N 233 
PHE CA   C  N S 234 
PHE C    C  N N 235 
PHE O    O  N N 236 
PHE CB   C  N N 237 
PHE CG   C  Y N 238 
PHE CD1  C  Y N 239 
PHE CD2  C  Y N 240 
PHE CE1  C  Y N 241 
PHE CE2  C  Y N 242 
PHE CZ   C  Y N 243 
PHE OXT  O  N N 244 
PHE H    H  N N 245 
PHE H2   H  N N 246 
PHE HA   H  N N 247 
PHE HB2  H  N N 248 
PHE HB3  H  N N 249 
PHE HD1  H  N N 250 
PHE HD2  H  N N 251 
PHE HE1  H  N N 252 
PHE HE2  H  N N 253 
PHE HZ   H  N N 254 
PHE HXT  H  N N 255 
PRO N    N  N N 256 
PRO CA   C  N S 257 
PRO C    C  N N 258 
PRO O    O  N N 259 
PRO CB   C  N N 260 
PRO CG   C  N N 261 
PRO CD   C  N N 262 
PRO OXT  O  N N 263 
PRO H    H  N N 264 
PRO HA   H  N N 265 
PRO HB2  H  N N 266 
PRO HB3  H  N N 267 
PRO HG2  H  N N 268 
PRO HG3  H  N N 269 
PRO HD2  H  N N 270 
PRO HD3  H  N N 271 
PRO HXT  H  N N 272 
SER N    N  N N 273 
SER CA   C  N S 274 
SER C    C  N N 275 
SER O    O  N N 276 
SER CB   C  N N 277 
SER OG   O  N N 278 
SER OXT  O  N N 279 
SER H    H  N N 280 
SER H2   H  N N 281 
SER HA   H  N N 282 
SER HB2  H  N N 283 
SER HB3  H  N N 284 
SER HG   H  N N 285 
SER HXT  H  N N 286 
THR N    N  N N 287 
THR CA   C  N S 288 
THR C    C  N N 289 
THR O    O  N N 290 
THR CB   C  N R 291 
THR OG1  O  N N 292 
THR CG2  C  N N 293 
THR OXT  O  N N 294 
THR H    H  N N 295 
THR H2   H  N N 296 
THR HA   H  N N 297 
THR HB   H  N N 298 
THR HG1  H  N N 299 
THR HG21 H  N N 300 
THR HG22 H  N N 301 
THR HG23 H  N N 302 
THR HXT  H  N N 303 
TYR N    N  N N 304 
TYR CA   C  N S 305 
TYR C    C  N N 306 
TYR O    O  N N 307 
TYR CB   C  N N 308 
TYR CG   C  Y N 309 
TYR CD1  C  Y N 310 
TYR CD2  C  Y N 311 
TYR CE1  C  Y N 312 
TYR CE2  C  Y N 313 
TYR CZ   C  Y N 314 
TYR OH   O  N N 315 
TYR OXT  O  N N 316 
TYR H    H  N N 317 
TYR H2   H  N N 318 
TYR HA   H  N N 319 
TYR HB2  H  N N 320 
TYR HB3  H  N N 321 
TYR HD1  H  N N 322 
TYR HD2  H  N N 323 
TYR HE1  H  N N 324 
TYR HE2  H  N N 325 
TYR HH   H  N N 326 
TYR HXT  H  N N 327 
VAL N    N  N N 328 
VAL CA   C  N S 329 
VAL C    C  N N 330 
VAL O    O  N N 331 
VAL CB   C  N N 332 
VAL CG1  C  N N 333 
VAL CG2  C  N N 334 
VAL OXT  O  N N 335 
VAL H    H  N N 336 
VAL H2   H  N N 337 
VAL HA   H  N N 338 
VAL HB   H  N N 339 
VAL HG11 H  N N 340 
VAL HG12 H  N N 341 
VAL HG13 H  N N 342 
VAL HG21 H  N N 343 
VAL HG22 H  N N 344 
VAL HG23 H  N N 345 
VAL HXT  H  N N 346 
# 
loop_
_chem_comp_bond.comp_id 
_chem_comp_bond.atom_id_1 
_chem_comp_bond.atom_id_2 
_chem_comp_bond.value_order 
_chem_comp_bond.pdbx_aromatic_flag 
_chem_comp_bond.pdbx_stereo_config 
_chem_comp_bond.pdbx_ordinal 
ALA N   CA   sing N N 1   
ALA N   H    sing N N 2   
ALA N   H2   sing N N 3   
ALA CA  C    sing N N 4   
ALA CA  CB   sing N N 5   
ALA CA  HA   sing N N 6   
ALA C   O    doub N N 7   
ALA C   OXT  sing N N 8   
ALA CB  HB1  sing N N 9   
ALA CB  HB2  sing N N 10  
ALA CB  HB3  sing N N 11  
ALA OXT HXT  sing N N 12  
ARG N   CA   sing N N 13  
ARG N   H    sing N N 14  
ARG N   H2   sing N N 15  
ARG CA  C    sing N N 16  
ARG CA  CB   sing N N 17  
ARG CA  HA   sing N N 18  
ARG C   O    doub N N 19  
ARG C   OXT  sing N N 20  
ARG CB  CG   sing N N 21  
ARG CB  HB2  sing N N 22  
ARG CB  HB3  sing N N 23  
ARG CG  CD   sing N N 24  
ARG CG  HG2  sing N N 25  
ARG CG  HG3  sing N N 26  
ARG CD  NE   sing N N 27  
ARG CD  HD2  sing N N 28  
ARG CD  HD3  sing N N 29  
ARG NE  CZ   sing N N 30  
ARG NE  HE   sing N N 31  
ARG CZ  NH1  sing N N 32  
ARG CZ  NH2  doub N N 33  
ARG NH1 HH11 sing N N 34  
ARG NH1 HH12 sing N N 35  
ARG NH2 HH21 sing N N 36  
ARG NH2 HH22 sing N N 37  
ARG OXT HXT  sing N N 38  
ASN N   CA   sing N N 39  
ASN N   H    sing N N 40  
ASN N   H2   sing N N 41  
ASN CA  C    sing N N 42  
ASN CA  CB   sing N N 43  
ASN CA  HA   sing N N 44  
ASN C   O    doub N N 45  
ASN C   OXT  sing N N 46  
ASN CB  CG   sing N N 47  
ASN CB  HB2  sing N N 48  
ASN CB  HB3  sing N N 49  
ASN CG  OD1  doub N N 50  
ASN CG  ND2  sing N N 51  
ASN ND2 HD21 sing N N 52  
ASN ND2 HD22 sing N N 53  
ASN OXT HXT  sing N N 54  
ASP N   CA   sing N N 55  
ASP N   H    sing N N 56  
ASP N   H2   sing N N 57  
ASP CA  C    sing N N 58  
ASP CA  CB   sing N N 59  
ASP CA  HA   sing N N 60  
ASP C   O    doub N N 61  
ASP C   OXT  sing N N 62  
ASP CB  CG   sing N N 63  
ASP CB  HB2  sing N N 64  
ASP CB  HB3  sing N N 65  
ASP CG  OD1  doub N N 66  
ASP CG  OD2  sing N N 67  
ASP OD2 HD2  sing N N 68  
ASP OXT HXT  sing N N 69  
GLN N   CA   sing N N 70  
GLN N   H    sing N N 71  
GLN N   H2   sing N N 72  
GLN CA  C    sing N N 73  
GLN CA  CB   sing N N 74  
GLN CA  HA   sing N N 75  
GLN C   O    doub N N 76  
GLN C   OXT  sing N N 77  
GLN CB  CG   sing N N 78  
GLN CB  HB2  sing N N 79  
GLN CB  HB3  sing N N 80  
GLN CG  CD   sing N N 81  
GLN CG  HG2  sing N N 82  
GLN CG  HG3  sing N N 83  
GLN CD  OE1  doub N N 84  
GLN CD  NE2  sing N N 85  
GLN NE2 HE21 sing N N 86  
GLN NE2 HE22 sing N N 87  
GLN OXT HXT  sing N N 88  
GLU N   CA   sing N N 89  
GLU N   H    sing N N 90  
GLU N   H2   sing N N 91  
GLU CA  C    sing N N 92  
GLU CA  CB   sing N N 93  
GLU CA  HA   sing N N 94  
GLU C   O    doub N N 95  
GLU C   OXT  sing N N 96  
GLU CB  CG   sing N N 97  
GLU CB  HB2  sing N N 98  
GLU CB  HB3  sing N N 99  
GLU CG  CD   sing N N 100 
GLU CG  HG2  sing N N 101 
GLU CG  HG3  sing N N 102 
GLU CD  OE1  doub N N 103 
GLU CD  OE2  sing N N 104 
GLU OE2 HE2  sing N N 105 
GLU OXT HXT  sing N N 106 
GLY N   CA   sing N N 107 
GLY N   H    sing N N 108 
GLY N   H2   sing N N 109 
GLY CA  C    sing N N 110 
GLY CA  HA2  sing N N 111 
GLY CA  HA3  sing N N 112 
GLY C   O    doub N N 113 
GLY C   OXT  sing N N 114 
GLY OXT HXT  sing N N 115 
HIS N   CA   sing N N 116 
HIS N   H    sing N N 117 
HIS N   H2   sing N N 118 
HIS CA  C    sing N N 119 
HIS CA  CB   sing N N 120 
HIS CA  HA   sing N N 121 
HIS C   O    doub N N 122 
HIS C   OXT  sing N N 123 
HIS CB  CG   sing N N 124 
HIS CB  HB2  sing N N 125 
HIS CB  HB3  sing N N 126 
HIS CG  ND1  sing Y N 127 
HIS CG  CD2  doub Y N 128 
HIS ND1 CE1  doub Y N 129 
HIS ND1 HD1  sing N N 130 
HIS CD2 NE2  sing Y N 131 
HIS CD2 HD2  sing N N 132 
HIS CE1 NE2  sing Y N 133 
HIS CE1 HE1  sing N N 134 
HIS NE2 HE2  sing N N 135 
HIS OXT HXT  sing N N 136 
ILE N   CA   sing N N 137 
ILE N   H    sing N N 138 
ILE N   H2   sing N N 139 
ILE CA  C    sing N N 140 
ILE CA  CB   sing N N 141 
ILE CA  HA   sing N N 142 
ILE C   O    doub N N 143 
ILE C   OXT  sing N N 144 
ILE CB  CG1  sing N N 145 
ILE CB  CG2  sing N N 146 
ILE CB  HB   sing N N 147 
ILE CG1 CD1  sing N N 148 
ILE CG1 HG12 sing N N 149 
ILE CG1 HG13 sing N N 150 
ILE CG2 HG21 sing N N 151 
ILE CG2 HG22 sing N N 152 
ILE CG2 HG23 sing N N 153 
ILE CD1 HD11 sing N N 154 
ILE CD1 HD12 sing N N 155 
ILE CD1 HD13 sing N N 156 
ILE OXT HXT  sing N N 157 
LEU N   CA   sing N N 158 
LEU N   H    sing N N 159 
LEU N   H2   sing N N 160 
LEU CA  C    sing N N 161 
LEU CA  CB   sing N N 162 
LEU CA  HA   sing N N 163 
LEU C   O    doub N N 164 
LEU C   OXT  sing N N 165 
LEU CB  CG   sing N N 166 
LEU CB  HB2  sing N N 167 
LEU CB  HB3  sing N N 168 
LEU CG  CD1  sing N N 169 
LEU CG  CD2  sing N N 170 
LEU CG  HG   sing N N 171 
LEU CD1 HD11 sing N N 172 
LEU CD1 HD12 sing N N 173 
LEU CD1 HD13 sing N N 174 
LEU CD2 HD21 sing N N 175 
LEU CD2 HD22 sing N N 176 
LEU CD2 HD23 sing N N 177 
LEU OXT HXT  sing N N 178 
LYS N   CA   sing N N 179 
LYS N   H    sing N N 180 
LYS N   H2   sing N N 181 
LYS CA  C    sing N N 182 
LYS CA  CB   sing N N 183 
LYS CA  HA   sing N N 184 
LYS C   O    doub N N 185 
LYS C   OXT  sing N N 186 
LYS CB  CG   sing N N 187 
LYS CB  HB2  sing N N 188 
LYS CB  HB3  sing N N 189 
LYS CG  CD   sing N N 190 
LYS CG  HG2  sing N N 191 
LYS CG  HG3  sing N N 192 
LYS CD  CE   sing N N 193 
LYS CD  HD2  sing N N 194 
LYS CD  HD3  sing N N 195 
LYS CE  NZ   sing N N 196 
LYS CE  HE2  sing N N 197 
LYS CE  HE3  sing N N 198 
LYS NZ  HZ1  sing N N 199 
LYS NZ  HZ2  sing N N 200 
LYS NZ  HZ3  sing N N 201 
LYS OXT HXT  sing N N 202 
MSE N   CA   sing N N 203 
MSE N   H    sing N N 204 
MSE N   H2   sing N N 205 
MSE CA  C    sing N N 206 
MSE CA  CB   sing N N 207 
MSE CA  HA   sing N N 208 
MSE C   O    doub N N 209 
MSE C   OXT  sing N N 210 
MSE OXT HXT  sing N N 211 
MSE CB  CG   sing N N 212 
MSE CB  HB2  sing N N 213 
MSE CB  HB3  sing N N 214 
MSE CG  SE   sing N N 215 
MSE CG  HG2  sing N N 216 
MSE CG  HG3  sing N N 217 
MSE SE  CE   sing N N 218 
MSE CE  HE1  sing N N 219 
MSE CE  HE2  sing N N 220 
MSE CE  HE3  sing N N 221 
PHE N   CA   sing N N 222 
PHE N   H    sing N N 223 
PHE N   H2   sing N N 224 
PHE CA  C    sing N N 225 
PHE CA  CB   sing N N 226 
PHE CA  HA   sing N N 227 
PHE C   O    doub N N 228 
PHE C   OXT  sing N N 229 
PHE CB  CG   sing N N 230 
PHE CB  HB2  sing N N 231 
PHE CB  HB3  sing N N 232 
PHE CG  CD1  doub Y N 233 
PHE CG  CD2  sing Y N 234 
PHE CD1 CE1  sing Y N 235 
PHE CD1 HD1  sing N N 236 
PHE CD2 CE2  doub Y N 237 
PHE CD2 HD2  sing N N 238 
PHE CE1 CZ   doub Y N 239 
PHE CE1 HE1  sing N N 240 
PHE CE2 CZ   sing Y N 241 
PHE CE2 HE2  sing N N 242 
PHE CZ  HZ   sing N N 243 
PHE OXT HXT  sing N N 244 
PRO N   CA   sing N N 245 
PRO N   CD   sing N N 246 
PRO N   H    sing N N 247 
PRO CA  C    sing N N 248 
PRO CA  CB   sing N N 249 
PRO CA  HA   sing N N 250 
PRO C   O    doub N N 251 
PRO C   OXT  sing N N 252 
PRO CB  CG   sing N N 253 
PRO CB  HB2  sing N N 254 
PRO CB  HB3  sing N N 255 
PRO CG  CD   sing N N 256 
PRO CG  HG2  sing N N 257 
PRO CG  HG3  sing N N 258 
PRO CD  HD2  sing N N 259 
PRO CD  HD3  sing N N 260 
PRO OXT HXT  sing N N 261 
SER N   CA   sing N N 262 
SER N   H    sing N N 263 
SER N   H2   sing N N 264 
SER CA  C    sing N N 265 
SER CA  CB   sing N N 266 
SER CA  HA   sing N N 267 
SER C   O    doub N N 268 
SER C   OXT  sing N N 269 
SER CB  OG   sing N N 270 
SER CB  HB2  sing N N 271 
SER CB  HB3  sing N N 272 
SER OG  HG   sing N N 273 
SER OXT HXT  sing N N 274 
THR N   CA   sing N N 275 
THR N   H    sing N N 276 
THR N   H2   sing N N 277 
THR CA  C    sing N N 278 
THR CA  CB   sing N N 279 
THR CA  HA   sing N N 280 
THR C   O    doub N N 281 
THR C   OXT  sing N N 282 
THR CB  OG1  sing N N 283 
THR CB  CG2  sing N N 284 
THR CB  HB   sing N N 285 
THR OG1 HG1  sing N N 286 
THR CG2 HG21 sing N N 287 
THR CG2 HG22 sing N N 288 
THR CG2 HG23 sing N N 289 
THR OXT HXT  sing N N 290 
TYR N   CA   sing N N 291 
TYR N   H    sing N N 292 
TYR N   H2   sing N N 293 
TYR CA  C    sing N N 294 
TYR CA  CB   sing N N 295 
TYR CA  HA   sing N N 296 
TYR C   O    doub N N 297 
TYR C   OXT  sing N N 298 
TYR CB  CG   sing N N 299 
TYR CB  HB2  sing N N 300 
TYR CB  HB3  sing N N 301 
TYR CG  CD1  doub Y N 302 
TYR CG  CD2  sing Y N 303 
TYR CD1 CE1  sing Y N 304 
TYR CD1 HD1  sing N N 305 
TYR CD2 CE2  doub Y N 306 
TYR CD2 HD2  sing N N 307 
TYR CE1 CZ   doub Y N 308 
TYR CE1 HE1  sing N N 309 
TYR CE2 CZ   sing Y N 310 
TYR CE2 HE2  sing N N 311 
TYR CZ  OH   sing N N 312 
TYR OH  HH   sing N N 313 
TYR OXT HXT  sing N N 314 
VAL N   CA   sing N N 315 
VAL N   H    sing N N 316 
VAL N   H2   sing N N 317 
VAL CA  C    sing N N 318 
VAL CA  CB   sing N N 319 
VAL CA  HA   sing N N 320 
VAL C   O    doub N N 321 
VAL C   OXT  sing N N 322 
VAL CB  CG1  sing N N 323 
VAL CB  CG2  sing N N 324 
VAL CB  HB   sing N N 325 
VAL CG1 HG11 sing N N 326 
VAL CG1 HG12 sing N N 327 
VAL CG1 HG13 sing N N 328 
VAL CG2 HG21 sing N N 329 
VAL CG2 HG22 sing N N 330 
VAL CG2 HG23 sing N N 331 
VAL OXT HXT  sing N N 332 
# 
_atom_sites.entry_id                    1TBX 
_atom_sites.fract_transf_matrix[1][1]   0.00673220 
_atom_sites.fract_transf_matrix[1][2]   0.00471606 
_atom_sites.fract_transf_matrix[1][3]   0.00114438 
_atom_sites.fract_transf_matrix[2][1]   0.00196919 
_atom_sites.fract_transf_matrix[2][2]   -0.00444337 
_atom_sites.fract_transf_matrix[2][3]   0.00672698 
_atom_sites.fract_transf_matrix[3][1]   0.00443544 
_atom_sites.fract_transf_matrix[3][2]   -0.00518543 
_atom_sites.fract_transf_matrix[3][3]   -0.00472352 
_atom_sites.fract_transf_vector[1]      0.662386 
_atom_sites.fract_transf_vector[2]      0.504463 
_atom_sites.fract_transf_vector[3]      0.297811 
# 
loop_
_atom_type.symbol 
C  
N  
O  
SE 
# 
loop_
_atom_site.group_PDB 
_atom_site.id 
_atom_site.type_symbol 
_atom_site.label_atom_id 
_atom_site.label_alt_id 
_atom_site.label_comp_id 
_atom_site.label_asym_id 
_atom_site.label_entity_id 
_atom_site.label_seq_id 
_atom_site.pdbx_PDB_ins_code 
_atom_site.Cartn_x 
_atom_site.Cartn_y 
_atom_site.Cartn_z 
_atom_site.occupancy 
_atom_site.B_iso_or_equiv 
_atom_site.pdbx_formal_charge 
_atom_site.auth_seq_id 
_atom_site.auth_comp_id 
_atom_site.auth_asym_id 
_atom_site.auth_atom_id 
_atom_site.pdbx_PDB_model_num 
ATOM   1    N  N   . SER A 1 3  ? -11.025 3.719   5.279   1.00 51.38 ? 3  SER A N   1 
ATOM   2    C  CA  . SER A 1 3  ? -11.139 4.326   3.915   1.00 55.26 ? 3  SER A CA  1 
ATOM   3    C  C   . SER A 1 3  ? -9.785  4.392   3.138   1.00 56.19 ? 3  SER A C   1 
ATOM   4    O  O   . SER A 1 3  ? -8.695  4.303   3.736   1.00 55.89 ? 3  SER A O   1 
ATOM   5    C  CB  . SER A 1 3  ? -11.760 5.711   4.019   1.00 53.66 ? 3  SER A CB  1 
ATOM   6    O  OG  . SER A 1 3  ? -10.736 6.641   4.293   1.00 56.44 ? 3  SER A OG  1 
ATOM   7    N  N   . THR A 1 4  ? -9.873  4.568   1.810   1.00 51.99 ? 4  THR A N   1 
ATOM   8    C  CA  . THR A 1 4  ? -8.742  4.342   0.878   1.00 44.07 ? 4  THR A CA  1 
ATOM   9    C  C   . THR A 1 4  ? -8.199  2.913   0.952   1.00 38.00 ? 4  THR A C   1 
ATOM   10   O  O   . THR A 1 4  ? -7.637  2.517   1.986   1.00 35.83 ? 4  THR A O   1 
ATOM   11   C  CB  . THR A 1 4  ? -7.612  5.389   1.074   1.00 44.17 ? 4  THR A CB  1 
ATOM   12   O  OG1 . THR A 1 4  ? -8.129  6.678   0.719   1.00 48.47 ? 4  THR A OG1 1 
ATOM   13   C  CG2 . THR A 1 4  ? -6.462  5.194   0.071   1.00 29.42 ? 4  THR A CG2 1 
ATOM   14   N  N   . PRO A 1 5  ? -8.399  2.148   -0.127  1.00 33.94 ? 5  PRO A N   1 
ATOM   15   C  CA  . PRO A 1 5  ? -7.709  0.844   -0.340  1.00 35.38 ? 5  PRO A CA  1 
ATOM   16   C  C   . PRO A 1 5  ? -6.302  1.304   -0.660  1.00 38.13 ? 5  PRO A C   1 
ATOM   17   O  O   . PRO A 1 5  ? -6.208  2.360   -1.292  1.00 46.89 ? 5  PRO A O   1 
ATOM   18   C  CB  . PRO A 1 5  ? -8.392  0.297   -1.582  1.00 36.83 ? 5  PRO A CB  1 
ATOM   19   C  CG  . PRO A 1 5  ? -9.537  1.266   -1.902  1.00 31.90 ? 5  PRO A CG  1 
ATOM   20   C  CD  . PRO A 1 5  ? -9.253  2.549   -1.263  1.00 26.88 ? 5  PRO A CD  1 
ATOM   21   N  N   . PHE A 1 6  ? -5.195  0.681   -0.327  1.00 36.55 ? 6  PHE A N   1 
ATOM   22   C  CA  . PHE A 1 6  ? -4.715  -0.634  -0.457  1.00 30.28 ? 6  PHE A CA  1 
ATOM   23   C  C   . PHE A 1 6  ? -3.504  -0.272  0.441   1.00 35.57 ? 6  PHE A C   1 
ATOM   24   O  O   . PHE A 1 6  ? -2.705  -1.124  0.862   1.00 39.83 ? 6  PHE A O   1 
ATOM   25   C  CB  . PHE A 1 6  ? -4.107  -0.731  -1.855  1.00 22.02 ? 6  PHE A CB  1 
ATOM   26   C  CG  . PHE A 1 6  ? -5.023  -1.303  -2.906  1.00 26.21 ? 6  PHE A CG  1 
ATOM   27   C  CD1 . PHE A 1 6  ? -6.011  -0.531  -3.492  1.00 26.14 ? 6  PHE A CD1 1 
ATOM   28   C  CD2 . PHE A 1 6  ? -4.873  -2.620  -3.338  1.00 22.84 ? 6  PHE A CD2 1 
ATOM   29   C  CE1 . PHE A 1 6  ? -6.864  -1.068  -4.466  1.00 26.44 ? 6  PHE A CE1 1 
ATOM   30   C  CE2 . PHE A 1 6  ? -5.704  -3.146  -4.301  1.00 24.33 ? 6  PHE A CE2 1 
ATOM   31   C  CZ  . PHE A 1 6  ? -6.706  -2.361  -4.873  1.00 23.51 ? 6  PHE A CZ  1 
ATOM   32   N  N   . PHE A 1 7  ? -3.363  1.052   0.659   1.00 34.91 ? 7  PHE A N   1 
ATOM   33   C  CA  . PHE A 1 7  ? -2.312  1.691   1.440   1.00 29.62 ? 7  PHE A CA  1 
ATOM   34   C  C   . PHE A 1 7  ? -2.885  2.296   2.705   1.00 31.35 ? 7  PHE A C   1 
ATOM   35   O  O   . PHE A 1 7  ? -3.921  2.956   2.704   1.00 32.04 ? 7  PHE A O   1 
ATOM   36   C  CB  . PHE A 1 7  ? -1.655  2.834   0.648   1.00 30.36 ? 7  PHE A CB  1 
ATOM   37   C  CG  . PHE A 1 7  ? -1.392  2.504   -0.798  1.00 29.88 ? 7  PHE A CG  1 
ATOM   38   C  CD1 . PHE A 1 7  ? -2.287  2.902   -1.784  1.00 26.07 ? 7  PHE A CD1 1 
ATOM   39   C  CD2 . PHE A 1 7  ? -0.274  1.765   -1.173  1.00 23.32 ? 7  PHE A CD2 1 
ATOM   40   C  CE1 . PHE A 1 7  ? -2.056  2.598   -3.143  1.00 27.44 ? 7  PHE A CE1 1 
ATOM   41   C  CE2 . PHE A 1 7  ? -0.042  1.444   -2.536  1.00 26.64 ? 7  PHE A CE2 1 
ATOM   42   C  CZ  . PHE A 1 7  ? -0.941  1.867   -3.521  1.00 22.76 ? 7  PHE A CZ  1 
ATOM   43   N  N   . TYR A 1 8  ? -2.191  2.064   3.797   1.00 28.20 ? 8  TYR A N   1 
ATOM   44   C  CA  . TYR A 1 8  ? -2.476  2.733   5.033   1.00 28.84 ? 8  TYR A CA  1 
ATOM   45   C  C   . TYR A 1 8  ? -1.924  4.160   4.972   1.00 28.58 ? 8  TYR A C   1 
ATOM   46   O  O   . TYR A 1 8  ? -1.160  4.494   4.053   1.00 33.56 ? 8  TYR A O   1 
ATOM   47   C  CB  . TYR A 1 8  ? -1.770  1.982   6.137   1.00 28.81 ? 8  TYR A CB  1 
ATOM   48   C  CG  . TYR A 1 8  ? -2.506  0.798   6.682   1.00 36.36 ? 8  TYR A CG  1 
ATOM   49   C  CD1 . TYR A 1 8  ? -2.198  -0.507  6.264   1.00 41.60 ? 8  TYR A CD1 1 
ATOM   50   C  CD2 . TYR A 1 8  ? -3.475  0.957   7.646   1.00 35.02 ? 8  TYR A CD2 1 
ATOM   51   C  CE1 . TYR A 1 8  ? -2.845  -1.602  6.808   1.00 36.22 ? 8  TYR A CE1 1 
ATOM   52   C  CE2 . TYR A 1 8  ? -4.122  -0.117  8.180   1.00 38.51 ? 8  TYR A CE2 1 
ATOM   53   C  CZ  . TYR A 1 8  ? -3.814  -1.394  7.769   1.00 39.46 ? 8  TYR A CZ  1 
ATOM   54   O  OH  . TYR A 1 8  ? -4.498  -2.453  8.351   1.00 41.52 ? 8  TYR A OH  1 
ATOM   55   N  N   . PRO A 1 9  ? -2.292  5.004   5.939   1.00 27.13 ? 9  PRO A N   1 
ATOM   56   C  CA  . PRO A 1 9  ? -1.781  6.386   5.978   1.00 26.00 ? 9  PRO A CA  1 
ATOM   57   C  C   . PRO A 1 9  ? -0.266  6.524   6.007   1.00 28.80 ? 9  PRO A C   1 
ATOM   58   O  O   . PRO A 1 9  ? 0.301   7.380   5.311   1.00 29.31 ? 9  PRO A O   1 
ATOM   59   C  CB  . PRO A 1 9  ? -2.397  6.944   7.238   1.00 23.79 ? 9  PRO A CB  1 
ATOM   60   C  CG  . PRO A 1 9  ? -3.722  6.216   7.265   1.00 25.56 ? 9  PRO A CG  1 
ATOM   61   C  CD  . PRO A 1 9  ? -3.294  4.750   6.995   1.00 18.63 ? 9  PRO A CD  1 
ATOM   62   N  N   . GLU A 1 10 ? 0.385   5.686   6.793   1.00 26.95 ? 10 GLU A N   1 
ATOM   63   C  CA  . GLU A 1 10 ? 1.833   5.701   6.887   1.00 22.71 ? 10 GLU A CA  1 
ATOM   64   C  C   . GLU A 1 10 ? 2.462   5.584   5.498   1.00 28.01 ? 10 GLU A C   1 
ATOM   65   O  O   . GLU A 1 10 ? 3.456   6.265   5.178   1.00 25.59 ? 10 GLU A O   1 
ATOM   66   C  CB  . GLU A 1 10 ? 2.189   4.534   7.765   1.00 24.77 ? 10 GLU A CB  1 
ATOM   67   C  CG  . GLU A 1 10 ? 0.917   4.000   8.424   1.00 32.98 ? 10 GLU A CG  1 
ATOM   68   C  CD  . GLU A 1 10 ? 0.796   2.505   8.302   1.00 36.14 ? 10 GLU A CD  1 
ATOM   69   O  OE1 . GLU A 1 10 ? 1.721   1.920   7.746   1.00 51.72 ? 10 GLU A OE1 1 
ATOM   70   O  OE2 . GLU A 1 10 ? -0.192  1.891   8.769   1.00 42.93 ? 10 GLU A OE2 1 
ATOM   71   N  N   . ALA A 1 11 ? 1.858   4.742   4.649   1.00 29.65 ? 11 ALA A N   1 
ATOM   72   C  CA  . ALA A 1 11 ? 2.327   4.586   3.273   1.00 27.55 ? 11 ALA A CA  1 
ATOM   73   C  C   . ALA A 1 11 ? 2.135   5.864   2.451   1.00 27.21 ? 11 ALA A C   1 
ATOM   74   O  O   . ALA A 1 11 ? 3.055   6.314   1.775   1.00 29.80 ? 11 ALA A O   1 
ATOM   75   C  CB  . ALA A 1 11 ? 1.658   3.386   2.605   1.00 27.28 ? 11 ALA A CB  1 
ATOM   76   N  N   . ILE A 1 12 ? 0.948   6.457   2.494   1.00 24.73 ? 12 ILE A N   1 
ATOM   77   C  CA  . ILE A 1 12 ? 0.734   7.682   1.725   1.00 23.51 ? 12 ILE A CA  1 
ATOM   78   C  C   . ILE A 1 12 ? 1.690   8.797   2.180   1.00 26.17 ? 12 ILE A C   1 
ATOM   79   O  O   . ILE A 1 12 ? 2.397   9.391   1.341   1.00 24.36 ? 12 ILE A O   1 
ATOM   80   C  CB  . ILE A 1 12 ? -0.712  8.135   1.829   1.00 22.00 ? 12 ILE A CB  1 
ATOM   81   C  CG1 . ILE A 1 12 ? -1.599  7.022   1.296   1.00 26.86 ? 12 ILE A CG1 1 
ATOM   82   C  CG2 . ILE A 1 12 ? -0.930  9.375   1.006   1.00 14.33 ? 12 ILE A CG2 1 
ATOM   83   C  CD1 . ILE A 1 12 ? -2.996  7.063   1.816   1.00 26.17 ? 12 ILE A CD1 1 
ATOM   84   N  N   . VAL A 1 13 ? 1.717   9.051   3.493   1.00 23.31 ? 13 VAL A N   1 
ATOM   85   C  CA  . VAL A 1 13 ? 2.476   10.121  4.086   1.00 18.14 ? 13 VAL A CA  1 
ATOM   86   C  C   . VAL A 1 13 ? 3.921   9.903   3.698   1.00 24.11 ? 13 VAL A C   1 
ATOM   87   O  O   . VAL A 1 13 ? 4.568   10.793  3.182   1.00 30.17 ? 13 VAL A O   1 
ATOM   88   C  CB  . VAL A 1 13 ? 2.316   10.108  5.591   1.00 23.61 ? 13 VAL A CB  1 
ATOM   89   C  CG1 . VAL A 1 13 ? 3.284   11.113  6.220   1.00 14.49 ? 13 VAL A CG1 1 
ATOM   90   C  CG2 . VAL A 1 13 ? 0.766   10.349  6.022   1.00 9.55  ? 13 VAL A CG2 1 
ATOM   91   N  N   . LEU A 1 14 ? 4.415   8.690   3.844   1.00 23.68 ? 14 LEU A N   1 
ATOM   92   C  CA  . LEU A 1 14 ? 5.784   8.412   3.440   1.00 24.74 ? 14 LEU A CA  1 
ATOM   93   C  C   . LEU A 1 14 ? 6.086   8.755   1.957   1.00 27.91 ? 14 LEU A C   1 
ATOM   94   O  O   . LEU A 1 14 ? 7.080   9.424   1.639   1.00 26.44 ? 14 LEU A O   1 
ATOM   95   C  CB  . LEU A 1 14 ? 6.116   6.942   3.754   1.00 27.60 ? 14 LEU A CB  1 
ATOM   96   C  CG  . LEU A 1 14 ? 7.615   6.651   3.829   1.00 29.11 ? 14 LEU A CG  1 
ATOM   97   C  CD1 . LEU A 1 14 ? 8.247   7.652   4.775   1.00 23.89 ? 14 LEU A CD1 1 
ATOM   98   C  CD2 . LEU A 1 14 ? 7.907   5.187   4.234   1.00 23.90 ? 14 LEU A CD2 1 
ATOM   99   N  N   . ALA A 1 15 ? 5.228   8.283   1.056   1.00 26.89 ? 15 ALA A N   1 
ATOM   100  C  CA  . ALA A 1 15 ? 5.379   8.511   -0.376  1.00 25.17 ? 15 ALA A CA  1 
ATOM   101  C  C   . ALA A 1 15 ? 5.420   9.994   -0.659  1.00 27.88 ? 15 ALA A C   1 
ATOM   102  O  O   . ALA A 1 15 ? 6.259   10.463  -1.409  1.00 34.09 ? 15 ALA A O   1 
ATOM   103  C  CB  . ALA A 1 15 ? 4.223   7.899   -1.114  1.00 22.52 ? 15 ALA A CB  1 
ATOM   104  N  N   . TYR A 1 16 ? 4.521   10.744  -0.035  1.00 27.22 ? 16 TYR A N   1 
ATOM   105  C  CA  . TYR A 1 16 ? 4.419   12.168  -0.313  1.00 25.41 ? 16 TYR A CA  1 
ATOM   106  C  C   . TYR A 1 16 ? 5.616   12.974  0.165   1.00 26.16 ? 16 TYR A C   1 
ATOM   107  O  O   . TYR A 1 16 ? 5.939   14.039  -0.393  1.00 27.09 ? 16 TYR A O   1 
ATOM   108  C  CB  . TYR A 1 16 ? 3.117   12.706  0.246   1.00 26.40 ? 16 TYR A CB  1 
ATOM   109  C  CG  . TYR A 1 16 ? 2.036   12.478  -0.759  1.00 33.71 ? 16 TYR A CG  1 
ATOM   110  C  CD1 . TYR A 1 16 ? 1.514   11.185  -1.002  1.00 33.18 ? 16 TYR A CD1 1 
ATOM   111  C  CD2 . TYR A 1 16 ? 1.576   13.543  -1.550  1.00 36.01 ? 16 TYR A CD2 1 
ATOM   112  C  CE1 . TYR A 1 16 ? 0.520   10.993  -1.995  1.00 36.54 ? 16 TYR A CE1 1 
ATOM   113  C  CE2 . TYR A 1 16 ? 0.587   13.367  -2.531  1.00 31.09 ? 16 TYR A CE2 1 
ATOM   114  C  CZ  . TYR A 1 16 ? 0.064   12.111  -2.750  1.00 37.76 ? 16 TYR A CZ  1 
ATOM   115  O  OH  . TYR A 1 16 ? -0.893  12.007  -3.734  1.00 36.73 ? 16 TYR A OH  1 
ATOM   116  N  N   . LEU A 1 17 ? 6.289   12.465  1.188   1.00 24.41 ? 17 LEU A N   1 
ATOM   117  C  CA  . LEU A 1 17 ? 7.438   13.163  1.730   1.00 24.43 ? 17 LEU A CA  1 
ATOM   118  C  C   . LEU A 1 17 ? 8.613   13.110  0.734   1.00 29.61 ? 17 LEU A C   1 
ATOM   119  O  O   . LEU A 1 17 ? 9.432   14.045  0.647   1.00 28.32 ? 17 LEU A O   1 
ATOM   120  C  CB  . LEU A 1 17 ? 7.836   12.550  3.067   1.00 23.46 ? 17 LEU A CB  1 
ATOM   121  C  CG  . LEU A 1 17 ? 8.969   13.210  3.826   1.00 21.21 ? 17 LEU A CG  1 
ATOM   122  C  CD1 . LEU A 1 17 ? 8.763   14.706  3.802   1.00 20.38 ? 17 LEU A CD1 1 
ATOM   123  C  CD2 . LEU A 1 17 ? 8.987   12.684  5.233   1.00 22.25 ? 17 LEU A CD2 1 
ATOM   124  N  N   . TYR A 1 18 ? 8.682   12.010  -0.013  1.00 25.79 ? 18 TYR A N   1 
ATOM   125  C  CA  . TYR A 1 18 ? 9.740   11.873  -0.938  1.00 27.15 ? 18 TYR A CA  1 
ATOM   126  C  C   . TYR A 1 18 ? 9.712   13.075  -1.853  1.00 29.98 ? 18 TYR A C   1 
ATOM   127  O  O   . TYR A 1 18 ? 8.663   13.476  -2.349  1.00 37.33 ? 18 TYR A O   1 
ATOM   128  C  CB  . TYR A 1 18 ? 9.676   10.563  -1.717  1.00 25.28 ? 18 TYR A CB  1 
ATOM   129  C  CG  . TYR A 1 18 ? 10.920  10.407  -2.581  1.00 24.98 ? 18 TYR A CG  1 
ATOM   130  C  CD1 . TYR A 1 18 ? 12.100  9.869   -2.049  1.00 21.10 ? 18 TYR A CD1 1 
ATOM   131  C  CD2 . TYR A 1 18 ? 10.937  10.841  -3.925  1.00 21.87 ? 18 TYR A CD2 1 
ATOM   132  C  CE1 . TYR A 1 18 ? 13.266  9.739   -2.833  1.00 25.34 ? 18 TYR A CE1 1 
ATOM   133  C  CE2 . TYR A 1 18 ? 12.091  10.686  -4.731  1.00 23.01 ? 18 TYR A CE2 1 
ATOM   134  C  CZ  . TYR A 1 18 ? 13.265  10.149  -4.176  1.00 25.74 ? 18 TYR A CZ  1 
ATOM   135  O  OH  . TYR A 1 18 ? 14.438  10.021  -4.946  1.00 28.87 ? 18 TYR A OH  1 
ATOM   136  N  N   . ASP A 1 19 ? 10.890  13.653  -2.040  1.00 31.51 ? 19 ASP A N   1 
ATOM   137  C  CA  . ASP A 1 19 ? 11.026  14.869  -2.791  1.00 40.95 ? 19 ASP A CA  1 
ATOM   138  C  C   . ASP A 1 19 ? 10.431  16.130  -2.148  1.00 39.22 ? 19 ASP A C   1 
ATOM   139  O  O   . ASP A 1 19 ? 10.474  17.212  -2.778  1.00 38.27 ? 19 ASP A O   1 
ATOM   140  C  CB  . ASP A 1 19 ? 10.362  14.688  -4.183  1.00 47.12 ? 19 ASP A CB  1 
ATOM   141  C  CG  . ASP A 1 19 ? 11.378  14.581  -5.316  1.00 52.30 ? 19 ASP A CG  1 
ATOM   142  O  OD1 . ASP A 1 19 ? 12.529  15.052  -5.138  1.00 49.70 ? 19 ASP A OD1 1 
ATOM   143  O  OD2 . ASP A 1 19 ? 11.113  14.015  -6.412  1.00 59.69 ? 19 ASP A OD2 1 
ATOM   144  N  N   . ASN A 1 20 ? 9.855   16.014  -0.952  1.00 36.54 ? 20 ASN A N   1 
ATOM   145  C  CA  . ASN A 1 20 ? 9.374   17.191  -0.250  1.00 32.03 ? 20 ASN A CA  1 
ATOM   146  C  C   . ASN A 1 20 ? 10.041  17.361  1.074   1.00 35.14 ? 20 ASN A C   1 
ATOM   147  O  O   . ASN A 1 20 ? 9.460   17.942  2.008   1.00 35.62 ? 20 ASN A O   1 
ATOM   148  C  CB  . ASN A 1 20 ? 7.868   17.156  -0.076  1.00 34.59 ? 20 ASN A CB  1 
ATOM   149  C  CG  . ASN A 1 20 ? 7.147   17.476  -1.351  1.00 40.28 ? 20 ASN A CG  1 
ATOM   150  O  OD1 . ASN A 1 20 ? 5.926   17.503  -1.390  1.00 43.24 ? 20 ASN A OD1 1 
ATOM   151  N  ND2 . ASN A 1 20 ? 7.910   17.706  -2.426  1.00 47.18 ? 20 ASN A ND2 1 
ATOM   152  N  N   . GLU A 1 21 ? 11.260  16.847  1.178   1.00 31.86 ? 21 GLU A N   1 
ATOM   153  C  CA  . GLU A 1 21 ? 11.976  17.030  2.421   1.00 31.45 ? 21 GLU A CA  1 
ATOM   154  C  C   . GLU A 1 21 ? 12.133  18.529  2.719   1.00 30.77 ? 21 GLU A C   1 
ATOM   155  O  O   . GLU A 1 21 ? 12.310  19.324  1.796   1.00 31.41 ? 21 GLU A O   1 
ATOM   156  C  CB  . GLU A 1 21 ? 13.286  16.287  2.377   1.00 30.78 ? 21 GLU A CB  1 
ATOM   157  C  CG  . GLU A 1 21 ? 13.080  14.788  2.462   1.00 27.10 ? 21 GLU A CG  1 
ATOM   158  C  CD  . GLU A 1 21 ? 14.348  14.051  2.146   1.00 31.75 ? 21 GLU A CD  1 
ATOM   159  O  OE1 . GLU A 1 21 ? 15.410  14.478  2.625   1.00 38.15 ? 21 GLU A OE1 1 
ATOM   160  O  OE2 . GLU A 1 21 ? 14.293  13.068  1.373   1.00 44.49 ? 21 GLU A OE2 1 
ATOM   161  N  N   . GLY A 1 22 ? 11.982  18.919  3.986   1.00 27.92 ? 22 GLY A N   1 
ATOM   162  C  CA  . GLY A 1 22 ? 12.018  20.327  4.333   1.00 29.22 ? 22 GLY A CA  1 
ATOM   163  C  C   . GLY A 1 22 ? 10.645  20.902  4.603   1.00 30.62 ? 22 GLY A C   1 
ATOM   164  O  O   . GLY A 1 22 ? 10.489  21.987  5.206   1.00 30.73 ? 22 GLY A O   1 
ATOM   165  N  N   . ILE A 1 23 ? 9.632   20.181  4.149   1.00 31.05 ? 23 ILE A N   1 
ATOM   166  C  CA  . ILE A 1 23 ? 8.266   20.676  4.212   1.00 30.29 ? 23 ILE A CA  1 
ATOM   167  C  C   . ILE A 1 23 ? 7.873   20.779  5.681   1.00 28.66 ? 23 ILE A C   1 
ATOM   168  O  O   . ILE A 1 23 ? 8.177   19.885  6.469   1.00 25.33 ? 23 ILE A O   1 
ATOM   169  C  CB  . ILE A 1 23 ? 7.319   19.747  3.413   1.00 27.25 ? 23 ILE A CB  1 
ATOM   170  C  CG1 . ILE A 1 23 ? 5.889   20.308  3.395   1.00 29.79 ? 23 ILE A CG1 1 
ATOM   171  C  CG2 . ILE A 1 23 ? 7.346   18.317  3.974   1.00 30.70 ? 23 ILE A CG2 1 
ATOM   172  C  CD1 . ILE A 1 23 ? 5.144   20.153  2.035   1.00 20.18 ? 23 ILE A CD1 1 
ATOM   173  N  N   . ALA A 1 24 ? 7.247   21.884  6.058   1.00 26.98 ? 24 ALA A N   1 
ATOM   174  C  CA  . ALA A 1 24 ? 6.629   21.935  7.369   1.00 23.53 ? 24 ALA A CA  1 
ATOM   175  C  C   . ALA A 1 24 ? 5.564   20.837  7.426   1.00 24.52 ? 24 ALA A C   1 
ATOM   176  O  O   . ALA A 1 24 ? 4.731   20.706  6.527   1.00 24.72 ? 24 ALA A O   1 
ATOM   177  C  CB  . ALA A 1 24 ? 6.012   23.294  7.632   1.00 19.28 ? 24 ALA A CB  1 
ATOM   178  N  N   . THR A 1 25 ? 5.634   20.033  8.485   1.00 25.62 ? 25 THR A N   1 
ATOM   179  C  CA  . THR A 1 25 ? 4.711   18.944  8.782   1.00 23.07 ? 25 THR A CA  1 
ATOM   180  C  C   . THR A 1 25 ? 3.246   19.227  8.403   1.00 24.21 ? 25 THR A C   1 
ATOM   181  O  O   . THR A 1 25 ? 2.640   18.455  7.669   1.00 26.25 ? 25 THR A O   1 
ATOM   182  C  CB  . THR A 1 25 ? 4.864   18.601  10.269  1.00 26.78 ? 25 THR A CB  1 
ATOM   183  O  OG1 . THR A 1 25 ? 6.219   18.183  10.536  1.00 25.40 ? 25 THR A OG1 1 
ATOM   184  C  CG2 . THR A 1 25 ? 3.983   17.418  10.660  1.00 29.47 ? 25 THR A CG2 1 
ATOM   185  N  N   . TYR A 1 26 ? 2.688   20.333  8.850   1.00 24.61 ? 26 TYR A N   1 
ATOM   186  C  CA  . TYR A 1 26 ? 1.303   20.628  8.504   1.00 25.77 ? 26 TYR A CA  1 
ATOM   187  C  C   . TYR A 1 26 ? 1.084   20.879  7.008   1.00 26.16 ? 26 TYR A C   1 
ATOM   188  O  O   . TYR A 1 26 ? 0.021   20.535  6.464   1.00 23.38 ? 26 TYR A O   1 
ATOM   189  C  CB  . TYR A 1 26 ? 0.693   21.759  9.354   1.00 26.58 ? 26 TYR A CB  1 
ATOM   190  C  CG  . TYR A 1 26 ? -0.775  21.913  9.094   1.00 28.79 ? 26 TYR A CG  1 
ATOM   191  C  CD1 . TYR A 1 26 ? -1.703  21.008  9.635   1.00 29.48 ? 26 TYR A CD1 1 
ATOM   192  C  CD2 . TYR A 1 26 ? -1.244  22.939  8.276   1.00 29.66 ? 26 TYR A CD2 1 
ATOM   193  C  CE1 . TYR A 1 26 ? -3.073  21.140  9.386   1.00 29.33 ? 26 TYR A CE1 1 
ATOM   194  C  CE2 . TYR A 1 26 ? -2.602  23.081  8.015   1.00 32.26 ? 26 TYR A CE2 1 
ATOM   195  C  CZ  . TYR A 1 26 ? -3.513  22.177  8.566   1.00 34.94 ? 26 TYR A CZ  1 
ATOM   196  O  OH  . TYR A 1 26 ? -4.862  22.344  8.311   1.00 38.53 ? 26 TYR A OH  1 
ATOM   197  N  N   . ASP A 1 27 ? 2.068   21.465  6.338   1.00 24.66 ? 27 ASP A N   1 
ATOM   198  C  CA  . ASP A 1 27 ? 1.936   21.565  4.887   1.00 27.73 ? 27 ASP A CA  1 
ATOM   199  C  C   . ASP A 1 27 ? 1.946   20.212  4.230   1.00 27.91 ? 27 ASP A C   1 
ATOM   200  O  O   . ASP A 1 27 ? 1.266   20.031  3.218   1.00 31.49 ? 27 ASP A O   1 
ATOM   201  C  CB  . ASP A 1 27 ? 2.983   22.459  4.240   1.00 23.74 ? 27 ASP A CB  1 
ATOM   202  C  CG  . ASP A 1 27 ? 2.757   23.894  4.580   1.00 31.69 ? 27 ASP A CG  1 
ATOM   203  O  OD1 . ASP A 1 27 ? 1.575   24.201  4.896   1.00 30.83 ? 27 ASP A OD1 1 
ATOM   204  O  OD2 . ASP A 1 27 ? 3.678   24.754  4.619   1.00 30.57 ? 27 ASP A OD2 1 
ATOM   205  N  N   . LEU A 1 28 ? 2.717   19.266  4.781   1.00 26.93 ? 28 LEU A N   1 
ATOM   206  C  CA  . LEU A 1 28 ? 2.702   17.917  4.230   1.00 25.25 ? 28 LEU A CA  1 
ATOM   207  C  C   . LEU A 1 28 ? 1.308   17.360  4.423   1.00 26.59 ? 28 LEU A C   1 
ATOM   208  O  O   . LEU A 1 28 ? 0.764   16.754  3.523   1.00 24.98 ? 28 LEU A O   1 
ATOM   209  C  CB  . LEU A 1 28 ? 3.743   16.993  4.855   1.00 26.75 ? 28 LEU A CB  1 
ATOM   210  C  CG  . LEU A 1 28 ? 3.676   15.547  4.304   1.00 27.71 ? 28 LEU A CG  1 
ATOM   211  C  CD1 . LEU A 1 28 ? 4.161   15.453  2.828   1.00 22.59 ? 28 LEU A CD1 1 
ATOM   212  C  CD2 . LEU A 1 28 ? 4.374   14.470  5.168   1.00 19.34 ? 28 LEU A CD2 1 
ATOM   213  N  N   . TYR A 1 29 ? 0.713   17.612  5.577   1.00 26.22 ? 29 TYR A N   1 
ATOM   214  C  CA  . TYR A 1 29 ? -0.647  17.240  5.750   1.00 23.82 ? 29 TYR A CA  1 
ATOM   215  C  C   . TYR A 1 29 ? -1.589  17.820  4.685   1.00 28.48 ? 29 TYR A C   1 
ATOM   216  O  O   . TYR A 1 29 ? -2.411  17.077  4.143   1.00 30.90 ? 29 TYR A O   1 
ATOM   217  C  CB  . TYR A 1 29 ? -1.153  17.661  7.103   1.00 23.06 ? 29 TYR A CB  1 
ATOM   218  C  CG  . TYR A 1 29 ? -2.638  17.435  7.165   1.00 21.55 ? 29 TYR A CG  1 
ATOM   219  C  CD1 . TYR A 1 29 ? -3.166  16.149  7.050   1.00 21.83 ? 29 TYR A CD1 1 
ATOM   220  C  CD2 . TYR A 1 29 ? -3.509  18.483  7.245   1.00 18.59 ? 29 TYR A CD2 1 
ATOM   221  C  CE1 . TYR A 1 29 ? -4.508  15.935  7.097   1.00 19.43 ? 29 TYR A CE1 1 
ATOM   222  C  CE2 . TYR A 1 29 ? -4.876  18.276  7.317   1.00 16.83 ? 29 TYR A CE2 1 
ATOM   223  C  CZ  . TYR A 1 29 ? -5.355  17.003  7.234   1.00 16.80 ? 29 TYR A CZ  1 
ATOM   224  O  OH  . TYR A 1 29 ? -6.684  16.781  7.245   1.00 12.24 ? 29 TYR A OH  1 
ATOM   225  N  N   . LYS A 1 30 ? -1.511  19.126  4.409   1.00 26.13 ? 30 LYS A N   1 
ATOM   226  C  CA  . LYS A 1 30 ? -2.389  19.725  3.406   1.00 24.34 ? 30 LYS A CA  1 
ATOM   227  C  C   . LYS A 1 30 ? -2.289  19.026  2.057   1.00 26.41 ? 30 LYS A C   1 
ATOM   228  O  O   . LYS A 1 30 ? -3.288  18.748  1.401   1.00 33.34 ? 30 LYS A O   1 
ATOM   229  C  CB  . LYS A 1 30 ? -2.085  21.178  3.224   1.00 18.12 ? 30 LYS A CB  1 
ATOM   230  C  CG  . LYS A 1 30 ? -2.659  22.010  4.306   1.00 17.78 ? 30 LYS A CG  1 
ATOM   231  C  CD  . LYS A 1 30 ? -1.931  23.305  4.344   1.00 23.18 ? 30 LYS A CD  1 
ATOM   232  C  CE  . LYS A 1 30 ? -2.881  24.388  3.839   1.00 35.70 ? 30 LYS A CE  1 
ATOM   233  N  NZ  . LYS A 1 30 ? -2.185  25.503  3.129   1.00 39.65 ? 30 LYS A NZ  1 
ATOM   234  N  N   . LYS A 1 31 ? -1.079  18.710  1.672   1.00 22.98 ? 31 LYS A N   1 
ATOM   235  C  CA  . LYS A 1 31 ? -0.783  18.123  0.388   1.00 25.97 ? 31 LYS A CA  1 
ATOM   236  C  C   . LYS A 1 31 ? -1.366  16.702  0.262   1.00 29.06 ? 31 LYS A C   1 
ATOM   237  O  O   . LYS A 1 31 ? -2.024  16.375  -0.728  1.00 28.58 ? 31 LYS A O   1 
ATOM   238  C  CB  . LYS A 1 31 ? 0.728   18.035  0.291   1.00 27.44 ? 31 LYS A CB  1 
ATOM   239  C  CG  . LYS A 1 31 ? 1.263   17.862  -1.064  1.00 36.29 ? 31 LYS A CG  1 
ATOM   240  C  CD  . LYS A 1 31 ? 2.755   18.175  -1.055  1.00 40.66 ? 31 LYS A CD  1 
ATOM   241  C  CE  . LYS A 1 31 ? 3.009   19.670  -1.074  1.00 42.30 ? 31 LYS A CE  1 
ATOM   242  N  NZ  . LYS A 1 31 ? 2.961   20.196  -2.460  1.00 42.30 ? 31 LYS A NZ  1 
ATOM   243  N  N   . VAL A 1 32 ? -1.081  15.867  1.261   1.00 26.13 ? 32 VAL A N   1 
ATOM   244  C  CA  . VAL A 1 32 ? -1.554  14.502  1.333   1.00 23.50 ? 32 VAL A CA  1 
ATOM   245  C  C   . VAL A 1 32 ? -3.072  14.557  1.247   1.00 28.20 ? 32 VAL A C   1 
ATOM   246  O  O   . VAL A 1 32 ? -3.712  13.912  0.387   1.00 30.50 ? 32 VAL A O   1 
ATOM   247  C  CB  . VAL A 1 32 ? -1.088  13.810  2.658   1.00 22.18 ? 32 VAL A CB  1 
ATOM   248  C  CG1 . VAL A 1 32 ? -1.908  12.594  2.994   1.00 20.78 ? 32 VAL A CG1 1 
ATOM   249  C  CG2 . VAL A 1 32 ? 0.384   13.399  2.560   1.00 22.34 ? 32 VAL A CG2 1 
ATOM   250  N  N   . ASN A 1 33 ? -3.652  15.370  2.117   1.00 27.05 ? 33 ASN A N   1 
ATOM   251  C  CA  . ASN A 1 33 ? -5.075  15.448  2.226   1.00 24.60 ? 33 ASN A CA  1 
ATOM   252  C  C   . ASN A 1 33 ? -5.816  15.894  0.942   1.00 24.85 ? 33 ASN A C   1 
ATOM   253  O  O   . ASN A 1 33 ? -6.923  15.416  0.657   1.00 26.12 ? 33 ASN A O   1 
ATOM   254  C  CB  . ASN A 1 33 ? -5.394  16.317  3.405   1.00 19.03 ? 33 ASN A CB  1 
ATOM   255  C  CG  . ASN A 1 33 ? -6.845  16.459  3.589   1.00 20.82 ? 33 ASN A CG  1 
ATOM   256  O  OD1 . ASN A 1 33 ? -7.526  15.521  4.006   1.00 24.40 ? 33 ASN A OD1 1 
ATOM   257  N  ND2 . ASN A 1 33 ? -7.363  17.615  3.209   1.00 17.06 ? 33 ASN A ND2 1 
ATOM   258  N  N   . ALA A 1 34 ? -5.181  16.791  0.187   1.00 23.06 ? 34 ALA A N   1 
ATOM   259  C  CA  . ALA A 1 34 ? -5.619  17.246  -1.143  1.00 22.15 ? 34 ALA A CA  1 
ATOM   260  C  C   . ALA A 1 34 ? -5.792  16.107  -2.155  1.00 26.81 ? 34 ALA A C   1 
ATOM   261  O  O   . ALA A 1 34 ? -6.442  16.307  -3.170  1.00 32.54 ? 34 ALA A O   1 
ATOM   262  C  CB  . ALA A 1 34 ? -4.616  18.286  -1.707  1.00 14.40 ? 34 ALA A CB  1 
ATOM   263  N  N   . GLU A 1 35 ? -5.217  14.932  -1.888  1.00 25.30 ? 35 GLU A N   1 
ATOM   264  C  CA  . GLU A 1 35 ? -5.266  13.813  -2.828  1.00 28.39 ? 35 GLU A CA  1 
ATOM   265  C  C   . GLU A 1 35 ? -5.846  12.548  -2.232  1.00 29.05 ? 35 GLU A C   1 
ATOM   266  O  O   . GLU A 1 35 ? -6.501  11.791  -2.913  1.00 33.58 ? 35 GLU A O   1 
ATOM   267  C  CB  . GLU A 1 35 ? -3.856  13.450  -3.259  1.00 29.11 ? 35 GLU A CB  1 
ATOM   268  C  CG  . GLU A 1 35 ? -3.115  14.561  -3.956  1.00 34.29 ? 35 GLU A CG  1 
ATOM   269  C  CD  . GLU A 1 35 ? -2.715  14.197  -5.362  1.00 31.97 ? 35 GLU A CD  1 
ATOM   270  O  OE1 . GLU A 1 35 ? -3.213  13.180  -5.892  1.00 50.80 ? 35 GLU A OE1 1 
ATOM   271  O  OE2 . GLU A 1 35 ? -1.923  14.937  -5.956  1.00 34.62 ? 35 GLU A OE2 1 
ATOM   272  N  N   . PHE A 1 36 ? -5.531  12.305  -0.972  1.00 29.17 ? 36 PHE A N   1 
ATOM   273  C  CA  . PHE A 1 36 ? -5.987  11.160  -0.236  1.00 23.90 ? 36 PHE A CA  1 
ATOM   274  C  C   . PHE A 1 36 ? -6.559  11.643  1.088   1.00 25.82 ? 36 PHE A C   1 
ATOM   275  O  O   . PHE A 1 36 ? -5.876  11.550  2.114   1.00 26.92 ? 36 PHE A O   1 
ATOM   276  C  CB  . PHE A 1 36 ? -4.784  10.294  0.051   1.00 24.43 ? 36 PHE A CB  1 
ATOM   277  C  CG  . PHE A 1 36 ? -4.314  9.554   -1.126  1.00 28.56 ? 36 PHE A CG  1 
ATOM   278  C  CD1 . PHE A 1 36 ? -3.211  10.002  -1.838  1.00 26.12 ? 36 PHE A CD1 1 
ATOM   279  C  CD2 . PHE A 1 36 ? -4.988  8.404   -1.555  1.00 24.28 ? 36 PHE A CD2 1 
ATOM   280  C  CE1 . PHE A 1 36 ? -2.776  9.318   -2.945  1.00 23.02 ? 36 PHE A CE1 1 
ATOM   281  C  CE2 . PHE A 1 36 ? -4.567  7.723   -2.663  1.00 23.16 ? 36 PHE A CE2 1 
ATOM   282  C  CZ  . PHE A 1 36 ? -3.445  8.178   -3.369  1.00 23.67 ? 36 PHE A CZ  1 
ATOM   283  N  N   . PRO A 1 37 ? -7.790  12.157  1.098   1.00 27.30 ? 37 PRO A N   1 
ATOM   284  C  CA  . PRO A 1 37 ? -8.351  12.798  2.324   1.00 29.18 ? 37 PRO A CA  1 
ATOM   285  C  C   . PRO A 1 37 ? -8.167  11.957  3.597   1.00 29.31 ? 37 PRO A C   1 
ATOM   286  O  O   . PRO A 1 37 ? -8.504  10.771  3.629   1.00 32.21 ? 37 PRO A O   1 
ATOM   287  C  CB  . PRO A 1 37 ? -9.838  12.915  2.023   1.00 20.15 ? 37 PRO A CB  1 
ATOM   288  C  CG  . PRO A 1 37 ? -9.879  12.986  0.523   1.00 26.47 ? 37 PRO A CG  1 
ATOM   289  C  CD  . PRO A 1 37 ? -8.752  12.130  -0.015  1.00 20.30 ? 37 PRO A CD  1 
HETATM 290  N  N   . MSE A 1 38 ? -7.558  12.541  4.615   1.00 29.51 ? 38 MSE A N   1 
HETATM 291  C  CA  . MSE A 1 38 ? -7.550  11.894  5.905   1.00 26.53 ? 38 MSE A CA  1 
HETATM 292  C  C   . MSE A 1 38 ? -7.684  12.952  6.976   1.00 27.68 ? 38 MSE A C   1 
HETATM 293  O  O   . MSE A 1 38 ? -7.604  14.167  6.702   1.00 27.23 ? 38 MSE A O   1 
HETATM 294  C  CB  . MSE A 1 38 ? -6.318  11.024  6.085   1.00 21.05 ? 38 MSE A CB  1 
HETATM 295  C  CG  . MSE A 1 38 ? -5.126  11.713  6.654   1.00 32.83 ? 38 MSE A CG  1 
HETATM 296  SE SE  . MSE A 1 38 ? -3.449  10.963  5.970   1.00 41.69 ? 38 MSE A SE  1 
HETATM 297  C  CE  . MSE A 1 38 ? -2.642  10.136  7.469   1.00 47.90 ? 38 MSE A CE  1 
ATOM   298  N  N   . SER A 1 39 ? -7.936  12.517  8.203   1.00 26.48 ? 39 SER A N   1 
ATOM   299  C  CA  . SER A 1 39 ? -8.048  13.505  9.255   1.00 18.45 ? 39 SER A CA  1 
ATOM   300  C  C   . SER A 1 39 ? -6.642  13.815  9.752   1.00 23.72 ? 39 SER A C   1 
ATOM   301  O  O   . SER A 1 39 ? -5.653  13.088  9.413   1.00 23.14 ? 39 SER A O   1 
ATOM   302  C  CB  . SER A 1 39 ? -8.923  12.981  10.359  1.00 12.70 ? 39 SER A CB  1 
ATOM   303  O  OG  . SER A 1 39 ? -8.317  11.928  11.075  1.00 13.48 ? 39 SER A OG  1 
ATOM   304  N  N   . THR A 1 40 ? -6.554  14.890  10.531  1.00 20.81 ? 40 THR A N   1 
ATOM   305  C  CA  . THR A 1 40 ? -5.319  15.266  11.208  1.00 23.95 ? 40 THR A CA  1 
ATOM   306  C  C   . THR A 1 40 ? -4.997  14.214  12.270  1.00 24.05 ? 40 THR A C   1 
ATOM   307  O  O   . THR A 1 40 ? -3.848  13.817  12.408  1.00 29.02 ? 40 THR A O   1 
ATOM   308  C  CB  . THR A 1 40 ? -5.455  16.632  11.871  1.00 24.11 ? 40 THR A CB  1 
ATOM   309  O  OG1 . THR A 1 40 ? -6.535  16.561  12.827  1.00 27.68 ? 40 THR A OG1 1 
ATOM   310  C  CG2 . THR A 1 40 ? -5.857  17.747  10.836  1.00 13.36 ? 40 THR A CG2 1 
ATOM   311  N  N   . ALA A 1 41 ? -6.000  13.750  13.012  1.00 23.04 ? 41 ALA A N   1 
ATOM   312  C  CA  . ALA A 1 41 ? -5.769  12.603  13.887  1.00 22.22 ? 41 ALA A CA  1 
ATOM   313  C  C   . ALA A 1 41 ? -5.076  11.489  13.066  1.00 23.59 ? 41 ALA A C   1 
ATOM   314  O  O   . ALA A 1 41 ? -3.928  11.105  13.364  1.00 26.47 ? 41 ALA A O   1 
ATOM   315  C  CB  . ALA A 1 41 ? -7.072  12.094  14.546  1.00 10.62 ? 41 ALA A CB  1 
ATOM   316  N  N   . THR A 1 42 ? -5.732  10.969  12.020  1.00 25.22 ? 42 THR A N   1 
ATOM   317  C  CA  . THR A 1 42 ? -5.076  9.912   11.297  1.00 19.29 ? 42 THR A CA  1 
ATOM   318  C  C   . THR A 1 42 ? -3.688  10.344  10.741  1.00 24.02 ? 42 THR A C   1 
ATOM   319  O  O   . THR A 1 42 ? -2.736  9.581   10.875  1.00 26.98 ? 42 THR A O   1 
ATOM   320  C  CB  . THR A 1 42 ? -6.013  8.991   10.349  1.00 20.27 ? 42 THR A CB  1 
ATOM   321  O  OG1 . THR A 1 42 ? -5.387  8.770   9.054   1.00 21.62 ? 42 THR A OG1 1 
ATOM   322  C  CG2 . THR A 1 42 ? -7.473  9.481   10.078  1.00 4.89  ? 42 THR A CG2 1 
ATOM   323  N  N   . PHE A 1 43 ? -3.546  11.574  10.212  1.00 24.91 ? 43 PHE A N   1 
ATOM   324  C  CA  . PHE A 1 43 ? -2.229  12.010  9.667   1.00 25.19 ? 43 PHE A CA  1 
ATOM   325  C  C   . PHE A 1 43 ? -1.119  12.013  10.697  1.00 26.65 ? 43 PHE A C   1 
ATOM   326  O  O   . PHE A 1 43 ? -0.036  11.500  10.416  1.00 23.28 ? 43 PHE A O   1 
ATOM   327  C  CB  . PHE A 1 43 ? -2.284  13.378  8.963   1.00 25.88 ? 43 PHE A CB  1 
ATOM   328  C  CG  . PHE A 1 43 ? -0.926  13.942  8.584   1.00 21.94 ? 43 PHE A CG  1 
ATOM   329  C  CD1 . PHE A 1 43 ? -0.433  13.797  7.299   1.00 20.25 ? 43 PHE A CD1 1 
ATOM   330  C  CD2 . PHE A 1 43 ? -0.144  14.667  9.528   1.00 23.58 ? 43 PHE A CD2 1 
ATOM   331  C  CE1 . PHE A 1 43 ? 0.851   14.325  6.921   1.00 20.29 ? 43 PHE A CE1 1 
ATOM   332  C  CE2 . PHE A 1 43 ? 1.155   15.189  9.177   1.00 17.81 ? 43 PHE A CE2 1 
ATOM   333  C  CZ  . PHE A 1 43 ? 1.643   15.027  7.878   1.00 16.85 ? 43 PHE A CZ  1 
ATOM   334  N  N   . TYR A 1 44 ? -1.392  12.601  11.869  1.00 24.99 ? 44 TYR A N   1 
ATOM   335  C  CA  . TYR A 1 44 ? -0.400  12.692  12.951  1.00 26.18 ? 44 TYR A CA  1 
ATOM   336  C  C   . TYR A 1 44 ? -0.077  11.319  13.516  1.00 24.28 ? 44 TYR A C   1 
ATOM   337  O  O   . TYR A 1 44 ? 1.071   11.035  13.837  1.00 26.59 ? 44 TYR A O   1 
ATOM   338  C  CB  . TYR A 1 44 ? -0.748  13.766  14.024  1.00 23.99 ? 44 TYR A CB  1 
ATOM   339  C  CG  . TYR A 1 44 ? -0.310  15.150  13.534  1.00 28.80 ? 44 TYR A CG  1 
ATOM   340  C  CD1 . TYR A 1 44 ? -1.188  15.993  12.868  1.00 31.82 ? 44 TYR A CD1 1 
ATOM   341  C  CD2 . TYR A 1 44 ? 1.000   15.575  13.663  1.00 30.92 ? 44 TYR A CD2 1 
ATOM   342  C  CE1 . TYR A 1 44 ? -0.761  17.247  12.353  1.00 31.29 ? 44 TYR A CE1 1 
ATOM   343  C  CE2 . TYR A 1 44 ? 1.419   16.818  13.181  1.00 33.80 ? 44 TYR A CE2 1 
ATOM   344  C  CZ  . TYR A 1 44 ? 0.535   17.642  12.517  1.00 31.72 ? 44 TYR A CZ  1 
ATOM   345  O  OH  . TYR A 1 44 ? 0.950   18.868  12.047  1.00 36.10 ? 44 TYR A OH  1 
ATOM   346  N  N   . ASP A 1 45 ? -1.057  10.431  13.547  1.00 23.19 ? 45 ASP A N   1 
ATOM   347  C  CA  . ASP A 1 45 ? -0.769  9.076   13.969  1.00 25.98 ? 45 ASP A CA  1 
ATOM   348  C  C   . ASP A 1 45 ? 0.299   8.478   13.060  1.00 26.97 ? 45 ASP A C   1 
ATOM   349  O  O   . ASP A 1 45 ? 1.257   7.854   13.532  1.00 26.95 ? 45 ASP A O   1 
ATOM   350  C  CB  . ASP A 1 45 ? -2.026  8.250   13.936  1.00 28.51 ? 45 ASP A CB  1 
ATOM   351  C  CG  . ASP A 1 45 ? -2.625  8.090   15.285  1.00 35.92 ? 45 ASP A CG  1 
ATOM   352  O  OD1 . ASP A 1 45 ? -2.171  8.762   16.264  1.00 35.68 ? 45 ASP A OD1 1 
ATOM   353  O  OD2 . ASP A 1 45 ? -3.570  7.292   15.462  1.00 43.66 ? 45 ASP A OD2 1 
ATOM   354  N  N   . ALA A 1 46 ? 0.147   8.718   11.762  1.00 19.75 ? 46 ALA A N   1 
ATOM   355  C  CA  . ALA A 1 46 ? 1.109   8.260   10.804  1.00 21.35 ? 46 ALA A CA  1 
ATOM   356  C  C   . ALA A 1 46 ? 2.485   8.946   10.971  1.00 26.62 ? 46 ALA A C   1 
ATOM   357  O  O   . ALA A 1 46 ? 3.535   8.281   10.860  1.00 30.64 ? 46 ALA A O   1 
ATOM   358  C  CB  . ALA A 1 46 ? 0.555   8.426   9.370   1.00 18.14 ? 46 ALA A CB  1 
ATOM   359  N  N   . LYS A 1 47 ? 2.507   10.256  11.244  1.00 26.15 ? 47 LYS A N   1 
ATOM   360  C  CA  . LYS A 1 47 ? 3.804   10.906  11.431  1.00 27.06 ? 47 LYS A CA  1 
ATOM   361  C  C   . LYS A 1 47 ? 4.460   10.231  12.638  1.00 25.50 ? 47 LYS A C   1 
ATOM   362  O  O   . LYS A 1 47 ? 5.614   9.798   12.558  1.00 23.88 ? 47 LYS A O   1 
ATOM   363  C  CB  . LYS A 1 47 ? 3.699   12.449  11.546  1.00 27.77 ? 47 LYS A CB  1 
ATOM   364  C  CG  . LYS A 1 47 ? 4.993   13.216  11.894  1.00 23.66 ? 47 LYS A CG  1 
ATOM   365  C  CD  . LYS A 1 47 ? 4.677   14.386  12.872  1.00 32.66 ? 47 LYS A CD  1 
ATOM   366  C  CE  . LYS A 1 47 ? 5.183   14.194  14.325  1.00 27.52 ? 47 LYS A CE  1 
ATOM   367  N  NZ  . LYS A 1 47 ? 4.405   14.991  15.327  1.00 34.62 ? 47 LYS A NZ  1 
ATOM   368  N  N   . LYS A 1 48 ? 3.694   10.063  13.718  1.00 23.84 ? 48 LYS A N   1 
ATOM   369  C  CA  . LYS A 1 48 ? 4.216   9.427   14.929  1.00 26.15 ? 48 LYS A CA  1 
ATOM   370  C  C   . LYS A 1 48 ? 4.887   8.092   14.579  1.00 27.51 ? 48 LYS A C   1 
ATOM   371  O  O   . LYS A 1 48 ? 6.038   7.829   14.952  1.00 27.66 ? 48 LYS A O   1 
ATOM   372  C  CB  . LYS A 1 48 ? 3.109   9.200   15.946  1.00 24.96 ? 48 LYS A CB  1 
ATOM   373  C  CG  . LYS A 1 48 ? 3.511   9.515   17.404  1.00 31.58 ? 48 LYS A CG  1 
ATOM   374  C  CD  . LYS A 1 48 ? 3.253   8.348   18.357  1.00 32.27 ? 48 LYS A CD  1 
ATOM   375  C  CE  . LYS A 1 48 ? 2.579   8.793   19.662  1.00 43.01 ? 48 LYS A CE  1 
ATOM   376  N  NZ  . LYS A 1 48 ? 2.019   7.626   20.457  1.00 45.72 ? 48 LYS A NZ  1 
ATOM   377  N  N   . PHE A 1 49 ? 4.169   7.276   13.819  1.00 26.28 ? 49 PHE A N   1 
ATOM   378  C  CA  . PHE A 1 49 ? 4.620   5.935   13.546  1.00 26.27 ? 49 PHE A CA  1 
ATOM   379  C  C   . PHE A 1 49 ? 5.939   5.942   12.729  1.00 24.48 ? 49 PHE A C   1 
ATOM   380  O  O   . PHE A 1 49 ? 6.909   5.301   13.111  1.00 23.78 ? 49 PHE A O   1 
ATOM   381  C  CB  . PHE A 1 49 ? 3.480   5.139   12.892  1.00 22.91 ? 49 PHE A CB  1 
ATOM   382  C  CG  . PHE A 1 49 ? 3.896   3.810   12.355  1.00 25.78 ? 49 PHE A CG  1 
ATOM   383  C  CD1 . PHE A 1 49 ? 3.925   2.692   13.175  1.00 18.27 ? 49 PHE A CD1 1 
ATOM   384  C  CD2 . PHE A 1 49 ? 4.264   3.674   11.011  1.00 29.71 ? 49 PHE A CD2 1 
ATOM   385  C  CE1 . PHE A 1 49 ? 4.322   1.457   12.679  1.00 21.90 ? 49 PHE A CE1 1 
ATOM   386  C  CE2 . PHE A 1 49 ? 4.673   2.409   10.500  1.00 31.33 ? 49 PHE A CE2 1 
ATOM   387  C  CZ  . PHE A 1 49 ? 4.694   1.306   11.335  1.00 24.78 ? 49 PHE A CZ  1 
ATOM   388  N  N   . LEU A 1 50 ? 5.985   6.698   11.640  1.00 24.78 ? 50 LEU A N   1 
ATOM   389  C  CA  . LEU A 1 50 ? 7.162   6.703   10.783  1.00 23.35 ? 50 LEU A CA  1 
ATOM   390  C  C   . LEU A 1 50 ? 8.393   7.259   11.504  1.00 26.22 ? 50 LEU A C   1 
ATOM   391  O  O   . LEU A 1 50 ? 9.523   6.823   11.228  1.00 26.35 ? 50 LEU A O   1 
ATOM   392  C  CB  . LEU A 1 50 ? 6.890   7.489   9.521   1.00 20.56 ? 50 LEU A CB  1 
ATOM   393  C  CG  . LEU A 1 50 ? 5.610   7.144   8.748   1.00 22.64 ? 50 LEU A CG  1 
ATOM   394  C  CD1 . LEU A 1 50 ? 5.242   8.274   7.738   1.00 15.14 ? 50 LEU A CD1 1 
ATOM   395  C  CD2 . LEU A 1 50 ? 5.793   5.795   8.037   1.00 19.46 ? 50 LEU A CD2 1 
ATOM   396  N  N   . ILE A 1 51 ? 8.186   8.201   12.434  1.00 24.70 ? 51 ILE A N   1 
ATOM   397  C  CA  . ILE A 1 51 ? 9.275   8.652   13.280  1.00 24.36 ? 51 ILE A CA  1 
ATOM   398  C  C   . ILE A 1 51 ? 9.693   7.504   14.181  1.00 24.92 ? 51 ILE A C   1 
ATOM   399  O  O   . ILE A 1 51 ? 10.884  7.230   14.309  1.00 27.80 ? 51 ILE A O   1 
ATOM   400  C  CB  . ILE A 1 51 ? 8.879   9.878   14.139  1.00 23.97 ? 51 ILE A CB  1 
ATOM   401  C  CG1 . ILE A 1 51 ? 9.087   11.171  13.375  1.00 28.57 ? 51 ILE A CG1 1 
ATOM   402  C  CG2 . ILE A 1 51 ? 9.744   9.985   15.370  1.00 19.07 ? 51 ILE A CG2 1 
ATOM   403  C  CD1 . ILE A 1 51 ? 8.159   12.270  13.799  1.00 21.83 ? 51 ILE A CD1 1 
ATOM   404  N  N   . GLN A 1 52 ? 8.725   6.822   14.786  1.00 24.38 ? 52 GLN A N   1 
ATOM   405  C  CA  . GLN A 1 52 ? 9.037   5.785   15.765  1.00 27.56 ? 52 GLN A CA  1 
ATOM   406  C  C   . GLN A 1 52 ? 9.715   4.594   15.152  1.00 28.01 ? 52 GLN A C   1 
ATOM   407  O  O   . GLN A 1 52 ? 10.548  3.966   15.796  1.00 28.94 ? 52 GLN A O   1 
ATOM   408  C  CB  . GLN A 1 52 ? 7.792   5.266   16.436  1.00 29.44 ? 52 GLN A CB  1 
ATOM   409  C  CG  . GLN A 1 52 ? 7.724   5.589   17.899  1.00 38.71 ? 52 GLN A CG  1 
ATOM   410  C  CD  . GLN A 1 52 ? 6.343   6.085   18.269  1.00 44.75 ? 52 GLN A CD  1 
ATOM   411  O  OE1 . GLN A 1 52 ? 5.335   5.567   17.763  1.00 53.20 ? 52 GLN A OE1 1 
ATOM   412  N  NE2 . GLN A 1 52 ? 6.281   7.099   19.113  1.00 40.51 ? 52 GLN A NE2 1 
ATOM   413  N  N   . GLU A 1 53 ? 9.328   4.266   13.919  1.00 27.70 ? 53 GLU A N   1 
ATOM   414  C  CA  . GLU A 1 53 ? 9.920   3.151   13.192  1.00 25.08 ? 53 GLU A CA  1 
ATOM   415  C  C   . GLU A 1 53 ? 11.095  3.565   12.309  1.00 25.75 ? 53 GLU A C   1 
ATOM   416  O  O   . GLU A 1 53 ? 11.584  2.770   11.498  1.00 26.63 ? 53 GLU A O   1 
ATOM   417  C  CB  . GLU A 1 53 ? 8.875   2.406   12.381  1.00 24.55 ? 53 GLU A CB  1 
ATOM   418  C  CG  . GLU A 1 53 ? 7.801   1.748   13.226  1.00 31.63 ? 53 GLU A CG  1 
ATOM   419  C  CD  . GLU A 1 53 ? 8.329   0.791   14.281  1.00 33.07 ? 53 GLU A CD  1 
ATOM   420  O  OE1 . GLU A 1 53 ? 9.150   -0.095  13.956  1.00 33.92 ? 53 GLU A OE1 1 
ATOM   421  O  OE2 . GLU A 1 53 ? 7.892   0.922   15.442  1.00 34.15 ? 53 GLU A OE2 1 
ATOM   422  N  N   . GLY A 1 54 ? 11.542  4.808   12.461  1.00 19.26 ? 54 GLY A N   1 
ATOM   423  C  CA  . GLY A 1 54 ? 12.822  5.225   11.921  1.00 19.38 ? 54 GLY A CA  1 
ATOM   424  C  C   . GLY A 1 54 ? 12.896  5.472   10.425  1.00 23.80 ? 54 GLY A C   1 
ATOM   425  O  O   . GLY A 1 54 ? 13.987  5.351   9.838   1.00 19.65 ? 54 GLY A O   1 
ATOM   426  N  N   . PHE A 1 55 ? 11.747  5.817   9.830   1.00 21.09 ? 55 PHE A N   1 
ATOM   427  C  CA  . PHE A 1 55 ? 11.650  6.201   8.433   1.00 17.72 ? 55 PHE A CA  1 
ATOM   428  C  C   . PHE A 1 55 ? 11.735  7.703   8.209   1.00 22.97 ? 55 PHE A C   1 
ATOM   429  O  O   . PHE A 1 55 ? 12.151  8.129   7.138   1.00 23.58 ? 55 PHE A O   1 
ATOM   430  C  CB  . PHE A 1 55 ? 10.331  5.761   7.886   1.00 12.95 ? 55 PHE A CB  1 
ATOM   431  C  CG  . PHE A 1 55 ? 10.150  4.284   7.870   1.00 18.35 ? 55 PHE A CG  1 
ATOM   432  C  CD1 . PHE A 1 55 ? 9.363   3.657   8.825   1.00 18.54 ? 55 PHE A CD1 1 
ATOM   433  C  CD2 . PHE A 1 55 ? 10.726  3.508   6.876   1.00 22.19 ? 55 PHE A CD2 1 
ATOM   434  C  CE1 . PHE A 1 55 ? 9.150   2.294   8.804   1.00 14.82 ? 55 PHE A CE1 1 
ATOM   435  C  CE2 . PHE A 1 55 ? 10.523  2.131   6.864   1.00 23.36 ? 55 PHE A CE2 1 
ATOM   436  C  CZ  . PHE A 1 55 ? 9.724   1.537   7.834   1.00 19.01 ? 55 PHE A CZ  1 
ATOM   437  N  N   . VAL A 1 56 ? 11.350  8.500   9.210   1.00 24.19 ? 56 VAL A N   1 
ATOM   438  C  CA  . VAL A 1 56 ? 11.222  9.956   9.075   1.00 19.64 ? 56 VAL A CA  1 
ATOM   439  C  C   . VAL A 1 56 ? 11.839  10.632  10.283  1.00 22.38 ? 56 VAL A C   1 
ATOM   440  O  O   . VAL A 1 56 ? 11.807  10.087  11.398  1.00 21.00 ? 56 VAL A O   1 
ATOM   441  C  CB  . VAL A 1 56 ? 9.729   10.343  9.009   1.00 19.57 ? 56 VAL A CB  1 
ATOM   442  C  CG1 . VAL A 1 56 ? 9.489   11.828  9.196   1.00 17.13 ? 56 VAL A CG1 1 
ATOM   443  C  CG2 . VAL A 1 56 ? 9.106   9.866   7.696   1.00 24.15 ? 56 VAL A CG2 1 
ATOM   444  N  N   . LYS A 1 57 ? 12.399  11.818  10.069  1.00 21.28 ? 57 LYS A N   1 
ATOM   445  C  CA  . LYS A 1 57 ? 12.887  12.633  11.177  1.00 24.81 ? 57 LYS A CA  1 
ATOM   446  C  C   . LYS A 1 57 ? 12.128  13.951  11.204  1.00 25.54 ? 57 LYS A C   1 
ATOM   447  O  O   . LYS A 1 57 ? 11.855  14.522  10.165  1.00 27.01 ? 57 LYS A O   1 
ATOM   448  C  CB  . LYS A 1 57 ? 14.406  12.853  11.089  1.00 24.57 ? 57 LYS A CB  1 
ATOM   449  C  CG  . LYS A 1 57 ? 15.225  11.811  11.895  1.00 29.04 ? 57 LYS A CG  1 
ATOM   450  C  CD  . LYS A 1 57 ? 16.687  11.583  11.368  1.00 31.42 ? 57 LYS A CD  1 
ATOM   451  C  CE  . LYS A 1 57 ? 17.450  10.453  12.158  1.00 32.86 ? 57 LYS A CE  1 
ATOM   452  N  NZ  . LYS A 1 57 ? 18.866  10.788  12.607  1.00 34.30 ? 57 LYS A NZ  1 
ATOM   453  N  N   . GLU A 1 58 ? 11.754  14.422  12.386  1.00 26.62 ? 58 GLU A N   1 
ATOM   454  C  CA  . GLU A 1 58 ? 11.160  15.738  12.468  1.00 29.46 ? 58 GLU A CA  1 
ATOM   455  C  C   . GLU A 1 58 ? 12.044  16.717  13.237  1.00 31.80 ? 58 GLU A C   1 
ATOM   456  O  O   . GLU A 1 58 ? 12.338  16.470  14.410  1.00 35.93 ? 58 GLU A O   1 
ATOM   457  C  CB  . GLU A 1 58 ? 9.789   15.668  13.121  1.00 31.13 ? 58 GLU A CB  1 
ATOM   458  C  CG  . GLU A 1 58 ? 9.090   17.023  13.228  1.00 32.09 ? 58 GLU A CG  1 
ATOM   459  C  CD  . GLU A 1 58 ? 7.677   16.867  13.709  1.00 36.51 ? 58 GLU A CD  1 
ATOM   460  O  OE1 . GLU A 1 58 ? 6.748   17.382  13.033  1.00 40.53 ? 58 GLU A OE1 1 
ATOM   461  O  OE2 . GLU A 1 58 ? 7.508   16.193  14.755  1.00 32.47 ? 58 GLU A OE2 1 
ATOM   462  N  N   . ARG A 1 59 ? 12.445  17.824  12.593  1.00 30.94 ? 59 ARG A N   1 
ATOM   463  C  CA  . ARG A 1 59 ? 13.207  18.903  13.262  1.00 24.88 ? 59 ARG A CA  1 
ATOM   464  C  C   . ARG A 1 59 ? 12.459  20.238  13.321  1.00 23.15 ? 59 ARG A C   1 
ATOM   465  O  O   . ARG A 1 59 ? 11.691  20.580  12.410  1.00 24.10 ? 59 ARG A O   1 
ATOM   466  C  CB  . ARG A 1 59 ? 14.564  19.130  12.598  1.00 26.56 ? 59 ARG A CB  1 
ATOM   467  C  CG  . ARG A 1 59 ? 15.408  17.867  12.320  1.00 35.69 ? 59 ARG A CG  1 
ATOM   468  C  CD  . ARG A 1 59 ? 16.751  18.157  11.626  1.00 39.16 ? 59 ARG A CD  1 
ATOM   469  N  NE  . ARG A 1 59 ? 16.847  17.537  10.304  1.00 39.15 ? 59 ARG A NE  1 
ATOM   470  C  CZ  . ARG A 1 59 ? 17.760  17.858  9.379   1.00 47.30 ? 59 ARG A CZ  1 
ATOM   471  N  NH1 . ARG A 1 59 ? 18.674  18.801  9.622   1.00 47.25 ? 59 ARG A NH1 1 
ATOM   472  N  NH2 . ARG A 1 59 ? 17.772  17.218  8.204   1.00 47.42 ? 59 ARG A NH2 1 
ATOM   473  N  N   . GLN A 1 60 ? 12.669  20.983  14.406  1.00 22.53 ? 60 GLN A N   1 
ATOM   474  C  CA  . GLN A 1 60 ? 12.203  22.369  14.491  1.00 24.84 ? 60 GLN A CA  1 
ATOM   475  C  C   . GLN A 1 60 ? 13.286  23.273  13.858  1.00 23.56 ? 60 GLN A C   1 
ATOM   476  O  O   . GLN A 1 60 ? 14.289  23.580  14.466  1.00 25.68 ? 60 GLN A O   1 
ATOM   477  C  CB  . GLN A 1 60 ? 11.824  22.757  15.934  1.00 23.81 ? 60 GLN A CB  1 
ATOM   478  C  CG  . GLN A 1 60 ? 11.507  24.243  16.186  1.00 26.99 ? 60 GLN A CG  1 
ATOM   479  C  CD  . GLN A 1 60 ? 10.034  24.641  15.961  1.00 34.53 ? 60 GLN A CD  1 
ATOM   480  O  OE1 . GLN A 1 60 ? 9.095   23.873  16.225  1.00 38.49 ? 60 GLN A OE1 1 
ATOM   481  N  NE2 . GLN A 1 60 ? 9.839   25.857  15.481  1.00 35.53 ? 60 GLN A NE2 1 
ATOM   482  N  N   . GLU A 1 61 ? 13.075  23.637  12.601  1.00 25.37 ? 61 GLU A N   1 
ATOM   483  C  CA  . GLU A 1 61 ? 14.012  24.438  11.841  1.00 26.84 ? 61 GLU A CA  1 
ATOM   484  C  C   . GLU A 1 61 ? 13.261  25.626  11.250  1.00 30.58 ? 61 GLU A C   1 
ATOM   485  O  O   . GLU A 1 61 ? 12.084  25.493  10.868  1.00 30.51 ? 61 GLU A O   1 
ATOM   486  C  CB  . GLU A 1 61 ? 14.589  23.617  10.701  1.00 27.27 ? 61 GLU A CB  1 
ATOM   487  C  CG  . GLU A 1 61 ? 15.898  22.923  11.020  1.00 27.97 ? 61 GLU A CG  1 
ATOM   488  C  CD  . GLU A 1 61 ? 16.290  21.940  9.925   1.00 38.05 ? 61 GLU A CD  1 
ATOM   489  O  OE1 . GLU A 1 61 ? 15.775  22.046  8.757   1.00 33.32 ? 61 GLU A OE1 1 
ATOM   490  O  OE2 . GLU A 1 61 ? 17.111  21.047  10.246  1.00 42.21 ? 61 GLU A OE2 1 
ATOM   491  N  N   . ARG A 1 62 ? 13.931  26.784  11.213  1.00 31.66 ? 62 ARG A N   1 
ATOM   492  C  CA  . ARG A 1 62 ? 13.428  27.996  10.548  1.00 30.35 ? 62 ARG A CA  1 
ATOM   493  C  C   . ARG A 1 62 ? 11.952  28.342  10.956  1.00 30.74 ? 62 ARG A C   1 
ATOM   494  O  O   . ARG A 1 62 ? 11.066  28.527  10.097  1.00 29.38 ? 62 ARG A O   1 
ATOM   495  C  CB  . ARG A 1 62 ? 13.650  27.869  9.015   1.00 28.71 ? 62 ARG A CB  1 
ATOM   496  C  CG  . ARG A 1 62 ? 15.048  27.352  8.622   1.00 23.99 ? 62 ARG A CG  1 
ATOM   497  C  CD  . ARG A 1 62 ? 16.222  28.085  9.333   1.00 31.75 ? 62 ARG A CD  1 
ATOM   498  N  NE  . ARG A 1 62 ? 16.476  29.382  8.694   1.00 32.03 ? 62 ARG A NE  1 
ATOM   499  C  CZ  . ARG A 1 62 ? 16.900  30.504  9.289   1.00 30.85 ? 62 ARG A CZ  1 
ATOM   500  N  NH1 . ARG A 1 62 ? 17.184  30.567  10.604  1.00 26.91 ? 62 ARG A NH1 1 
ATOM   501  N  NH2 . ARG A 1 62 ? 17.056  31.588  8.528   1.00 28.98 ? 62 ARG A NH2 1 
ATOM   502  N  N   . GLY A 1 63 ? 11.714  28.403  12.276  1.00 26.95 ? 63 GLY A N   1 
ATOM   503  C  CA  . GLY A 1 63 ? 10.419  28.729  12.867  1.00 21.53 ? 63 GLY A CA  1 
ATOM   504  C  C   . GLY A 1 63 ? 9.244   27.820  12.539  1.00 21.63 ? 63 GLY A C   1 
ATOM   505  O  O   . GLY A 1 63 ? 8.105   28.288  12.542  1.00 20.83 ? 63 GLY A O   1 
ATOM   506  N  N   . GLU A 1 64 ? 9.528   26.537  12.283  1.00 18.19 ? 64 GLU A N   1 
ATOM   507  C  CA  . GLU A 1 64 ? 8.544   25.521  11.932  1.00 23.87 ? 64 GLU A CA  1 
ATOM   508  C  C   . GLU A 1 64 ? 9.092   24.129  12.314  1.00 26.45 ? 64 GLU A C   1 
ATOM   509  O  O   . GLU A 1 64 ? 10.313  23.985  12.442  1.00 27.59 ? 64 GLU A O   1 
ATOM   510  C  CB  . GLU A 1 64 ? 8.308   25.544  10.411  1.00 29.31 ? 64 GLU A CB  1 
ATOM   511  C  CG  . GLU A 1 64 ? 6.938   25.992  9.878   1.00 36.01 ? 64 GLU A CG  1 
ATOM   512  C  CD  . GLU A 1 64 ? 5.996   26.585  10.924  1.00 39.61 ? 64 GLU A CD  1 
ATOM   513  O  OE1 . GLU A 1 64 ? 5.435   25.803  11.751  1.00 43.86 ? 64 GLU A OE1 1 
ATOM   514  O  OE2 . GLU A 1 64 ? 5.792   27.823  10.890  1.00 31.73 ? 64 GLU A OE2 1 
ATOM   515  N  N   . LYS A 1 65 ? 8.204   23.130  12.480  1.00 22.63 ? 65 LYS A N   1 
ATOM   516  C  CA  . LYS A 1 65 ? 8.567   21.704  12.544  1.00 20.65 ? 65 LYS A CA  1 
ATOM   517  C  C   . LYS A 1 65 ? 8.506   21.094  11.130  1.00 27.05 ? 65 LYS A C   1 
ATOM   518  O  O   . LYS A 1 65 ? 7.446   21.128  10.457  1.00 25.35 ? 65 LYS A O   1 
ATOM   519  C  CB  . LYS A 1 65 ? 7.616   20.936  13.470  1.00 20.90 ? 65 LYS A CB  1 
ATOM   520  C  CG  . LYS A 1 65 ? 7.984   20.970  14.956  1.00 28.19 ? 65 LYS A CG  1 
ATOM   521  C  CD  . LYS A 1 65 ? 6.764   21.027  15.862  1.00 27.04 ? 65 LYS A CD  1 
ATOM   522  C  CE  . LYS A 1 65 ? 7.156   21.292  17.323  1.00 33.86 ? 65 LYS A CE  1 
ATOM   523  N  NZ  . LYS A 1 65 ? 6.137   22.083  18.167  1.00 35.18 ? 65 LYS A NZ  1 
ATOM   524  N  N   . ARG A 1 66 ? 9.632   20.524  10.691  1.00 25.94 ? 66 ARG A N   1 
ATOM   525  C  CA  . ARG A 1 66 ? 9.785   20.021  9.320   1.00 24.15 ? 66 ARG A CA  1 
ATOM   526  C  C   . ARG A 1 66 ? 10.173  18.580  9.296   1.00 24.91 ? 66 ARG A C   1 
ATOM   527  O  O   . ARG A 1 66 ? 10.703  18.079  10.277  1.00 26.32 ? 66 ARG A O   1 
ATOM   528  C  CB  . ARG A 1 66 ? 10.854  20.806  8.555   1.00 21.71 ? 66 ARG A CB  1 
ATOM   529  C  CG  . ARG A 1 66 ? 10.553  22.283  8.546   1.00 24.91 ? 66 ARG A CG  1 
ATOM   530  C  CD  . ARG A 1 66 ? 11.614  23.155  7.907   1.00 24.00 ? 66 ARG A CD  1 
ATOM   531  N  NE  . ARG A 1 66 ? 11.284  24.552  8.162   1.00 24.92 ? 66 ARG A NE  1 
ATOM   532  C  CZ  . ARG A 1 66 ? 10.252  25.241  7.624   1.00 26.39 ? 66 ARG A CZ  1 
ATOM   533  N  NH1 . ARG A 1 66 ? 9.416   24.715  6.730   1.00 23.45 ? 66 ARG A NH1 1 
ATOM   534  N  NH2 . ARG A 1 66 ? 10.077  26.504  7.970   1.00 30.42 ? 66 ARG A NH2 1 
ATOM   535  N  N   . LEU A 1 67 ? 9.953   17.949  8.144   1.00 23.09 ? 67 LEU A N   1 
ATOM   536  C  CA  . LEU A 1 67 ? 10.115  16.518  7.970   1.00 26.68 ? 67 LEU A CA  1 
ATOM   537  C  C   . LEU A 1 67 ? 11.215  16.148  6.993   1.00 31.85 ? 67 LEU A C   1 
ATOM   538  O  O   . LEU A 1 67 ? 11.293  16.681  5.866   1.00 38.84 ? 67 LEU A O   1 
ATOM   539  C  CB  . LEU A 1 67 ? 8.785   15.879  7.528   1.00 24.91 ? 67 LEU A CB  1 
ATOM   540  C  CG  . LEU A 1 67 ? 7.668   16.157  8.544   1.00 27.70 ? 67 LEU A CG  1 
ATOM   541  C  CD1 . LEU A 1 67 ? 6.356   15.734  7.978   1.00 22.12 ? 67 LEU A CD1 1 
ATOM   542  C  CD2 . LEU A 1 67 ? 7.918   15.504  9.938   1.00 25.27 ? 67 LEU A CD2 1 
ATOM   543  N  N   . TYR A 1 68 ? 12.071  15.227  7.417   1.00 30.49 ? 68 TYR A N   1 
ATOM   544  C  CA  . TYR A 1 68 ? 13.103  14.711  6.537   1.00 27.21 ? 68 TYR A CA  1 
ATOM   545  C  C   . TYR A 1 68 ? 12.950  13.225  6.465   1.00 29.83 ? 68 TYR A C   1 
ATOM   546  O  O   . TYR A 1 68 ? 12.286  12.602  7.310   1.00 29.33 ? 68 TYR A O   1 
ATOM   547  C  CB  . TYR A 1 68 ? 14.496  15.168  6.986   1.00 24.86 ? 68 TYR A CB  1 
ATOM   548  C  CG  . TYR A 1 68 ? 14.532  16.690  7.043   1.00 24.86 ? 68 TYR A CG  1 
ATOM   549  C  CD1 . TYR A 1 68 ? 13.945  17.360  8.121   1.00 24.34 ? 68 TYR A CD1 1 
ATOM   550  C  CD2 . TYR A 1 68 ? 15.050  17.459  5.980   1.00 20.93 ? 68 TYR A CD2 1 
ATOM   551  C  CE1 . TYR A 1 68 ? 13.898  18.746  8.179   1.00 28.33 ? 68 TYR A CE1 1 
ATOM   552  C  CE2 . TYR A 1 68 ? 15.012  18.860  6.024   1.00 18.42 ? 68 TYR A CE2 1 
ATOM   553  C  CZ  . TYR A 1 68 ? 14.440  19.501  7.140   1.00 27.71 ? 68 TYR A CZ  1 
ATOM   554  O  OH  . TYR A 1 68 ? 14.373  20.889  7.268   1.00 31.73 ? 68 TYR A OH  1 
ATOM   555  N  N   . LEU A 1 69 ? 13.508  12.667  5.399   1.00 32.85 ? 69 LEU A N   1 
ATOM   556  C  CA  . LEU A 1 69 ? 13.472  11.237  5.190   1.00 28.66 ? 69 LEU A CA  1 
ATOM   557  C  C   . LEU A 1 69 ? 14.712  10.658  5.776   1.00 29.66 ? 69 LEU A C   1 
ATOM   558  O  O   . LEU A 1 69 ? 15.716  11.328  5.972   1.00 33.60 ? 69 LEU A O   1 
ATOM   559  C  CB  . LEU A 1 69 ? 13.385  10.875  3.719   1.00 29.20 ? 69 LEU A CB  1 
ATOM   560  C  CG  . LEU A 1 69 ? 11.977  10.947  3.139   1.00 32.50 ? 69 LEU A CG  1 
ATOM   561  C  CD1 . LEU A 1 69 ? 12.076  10.759  1.632   1.00 35.31 ? 69 LEU A CD1 1 
ATOM   562  C  CD2 . LEU A 1 69 ? 11.085  9.897   3.765   1.00 31.29 ? 69 LEU A CD2 1 
ATOM   563  N  N   . THR A 1 70 ? 14.625  9.388   6.066   1.00 30.92 ? 70 THR A N   1 
ATOM   564  C  CA  . THR A 1 70 ? 15.685  8.690   6.701   1.00 27.53 ? 70 THR A CA  1 
ATOM   565  C  C   . THR A 1 70 ? 16.312  7.891   5.574   1.00 32.88 ? 70 THR A C   1 
ATOM   566  O  O   . THR A 1 70 ? 15.729  7.813   4.487   1.00 41.28 ? 70 THR A O   1 
ATOM   567  C  CB  . THR A 1 70 ? 15.000  7.874   7.752   1.00 26.26 ? 70 THR A CB  1 
ATOM   568  O  OG1 . THR A 1 70 ? 15.613  8.147   9.010   1.00 26.20 ? 70 THR A OG1 1 
ATOM   569  C  CG2 . THR A 1 70 ? 15.061  6.366   7.497   1.00 17.96 ? 70 THR A CG2 1 
ATOM   570  N  N   . GLU A 1 71 ? 17.506  7.346   5.784   1.00 31.96 ? 71 GLU A N   1 
ATOM   571  C  CA  . GLU A 1 71 ? 18.089  6.433   4.811   1.00 29.76 ? 71 GLU A CA  1 
ATOM   572  C  C   . GLU A 1 71 ? 17.081  5.358   4.368   1.00 27.44 ? 71 GLU A C   1 
ATOM   573  O  O   . GLU A 1 71 ? 16.765  5.243   3.173   1.00 28.11 ? 71 GLU A O   1 
ATOM   574  C  CB  . GLU A 1 71 ? 19.321  5.807   5.423   1.00 31.56 ? 71 GLU A CB  1 
ATOM   575  C  CG  . GLU A 1 71 ? 20.562  6.645   5.214   1.00 38.18 ? 71 GLU A CG  1 
ATOM   576  C  CD  . GLU A 1 71 ? 21.693  5.855   4.560   1.00 43.58 ? 71 GLU A CD  1 
ATOM   577  O  OE1 . GLU A 1 71 ? 21.419  4.864   3.831   1.00 43.81 ? 71 GLU A OE1 1 
ATOM   578  O  OE2 . GLU A 1 71 ? 22.868  6.223   4.779   1.00 41.91 ? 71 GLU A OE2 1 
ATOM   579  N  N   . LYS A 1 72 ? 16.546  4.611   5.341   1.00 25.84 ? 72 LYS A N   1 
ATOM   580  C  CA  . LYS A 1 72 ? 15.520  3.581   5.076   1.00 24.17 ? 72 LYS A CA  1 
ATOM   581  C  C   . LYS A 1 72 ? 14.155  4.141   4.596   1.00 27.89 ? 72 LYS A C   1 
ATOM   582  O  O   . LYS A 1 72 ? 13.421  3.472   3.867   1.00 32.96 ? 72 LYS A O   1 
ATOM   583  C  CB  . LYS A 1 72 ? 15.422  2.540   6.240   1.00 22.43 ? 72 LYS A CB  1 
ATOM   584  C  CG  . LYS A 1 72 ? 14.219  2.529   7.192   1.00 19.16 ? 72 LYS A CG  1 
ATOM   585  C  CD  . LYS A 1 72 ? 14.670  2.114   8.598   1.00 15.20 ? 72 LYS A CD  1 
ATOM   586  C  CE  . LYS A 1 72 ? 13.508  1.789   9.551   1.00 17.09 ? 72 LYS A CE  1 
ATOM   587  N  NZ  . LYS A 1 72 ? 13.531  0.424   10.194  1.00 16.17 ? 72 LYS A NZ  1 
ATOM   588  N  N   . GLY A 1 73 ? 13.838  5.369   4.984   1.00 26.89 ? 73 GLY A N   1 
ATOM   589  C  CA  . GLY A 1 73 ? 12.651  6.020   4.478   1.00 28.42 ? 73 GLY A CA  1 
ATOM   590  C  C   . GLY A 1 73 ? 12.812  6.378   3.012   1.00 29.96 ? 73 GLY A C   1 
ATOM   591  O  O   . GLY A 1 73 ? 11.880  6.185   2.224   1.00 31.38 ? 73 GLY A O   1 
ATOM   592  N  N   . LYS A 1 74 ? 13.989  6.897   2.641   1.00 30.78 ? 74 LYS A N   1 
ATOM   593  C  CA  . LYS A 1 74 ? 14.239  7.356   1.277   1.00 30.11 ? 74 LYS A CA  1 
ATOM   594  C  C   . LYS A 1 74 ? 14.096  6.176   0.348   1.00 31.57 ? 74 LYS A C   1 
ATOM   595  O  O   . LYS A 1 74 ? 13.444  6.291   -0.688  1.00 33.30 ? 74 LYS A O   1 
ATOM   596  C  CB  . LYS A 1 74 ? 15.633  7.976   1.125   1.00 33.38 ? 74 LYS A CB  1 
ATOM   597  C  CG  . LYS A 1 74 ? 15.694  9.504   0.810   1.00 33.65 ? 74 LYS A CG  1 
ATOM   598  C  CD  . LYS A 1 74 ? 17.106  10.070  1.129   1.00 33.30 ? 74 LYS A CD  1 
ATOM   599  C  CE  . LYS A 1 74 ? 17.135  11.596  1.303   1.00 35.64 ? 74 LYS A CE  1 
ATOM   600  N  NZ  . LYS A 1 74 ? 17.865  12.109  2.549   1.00 34.37 ? 74 LYS A NZ  1 
ATOM   601  N  N   . LEU A 1 75 ? 14.675  5.037   0.734   1.00 30.32 ? 75 LEU A N   1 
ATOM   602  C  CA  . LEU A 1 75 ? 14.593  3.814   -0.057  1.00 31.34 ? 75 LEU A CA  1 
ATOM   603  C  C   . LEU A 1 75 ? 13.161  3.350   -0.235  1.00 30.24 ? 75 LEU A C   1 
ATOM   604  O  O   . LEU A 1 75 ? 12.685  3.169   -1.361  1.00 34.54 ? 75 LEU A O   1 
ATOM   605  C  CB  . LEU A 1 75 ? 15.486  2.736   0.557   1.00 32.93 ? 75 LEU A CB  1 
ATOM   606  C  CG  . LEU A 1 75 ? 16.927  3.112   0.150   1.00 37.19 ? 75 LEU A CG  1 
ATOM   607  C  CD1 . LEU A 1 75 ? 18.036  2.628   1.112   1.00 32.05 ? 75 LEU A CD1 1 
ATOM   608  C  CD2 . LEU A 1 75 ? 17.200  2.727   -1.344  1.00 37.41 ? 75 LEU A CD2 1 
ATOM   609  N  N   . PHE A 1 76 ? 12.446  3.215   0.866   1.00 26.57 ? 76 PHE A N   1 
ATOM   610  C  CA  . PHE A 1 76 ? 11.047  2.765   0.822   1.00 27.86 ? 76 PHE A CA  1 
ATOM   611  C  C   . PHE A 1 76 ? 10.093  3.739   0.130   1.00 30.36 ? 76 PHE A C   1 
ATOM   612  O  O   . PHE A 1 76 ? 9.298   3.328   -0.720  1.00 34.70 ? 76 PHE A O   1 
ATOM   613  C  CB  . PHE A 1 76 ? 10.552  2.503   2.233   1.00 28.85 ? 76 PHE A CB  1 
ATOM   614  C  CG  . PHE A 1 76 ? 9.347   1.614   2.311   1.00 31.12 ? 76 PHE A CG  1 
ATOM   615  C  CD1 . PHE A 1 76 ? 9.012   0.758   1.260   1.00 30.65 ? 76 PHE A CD1 1 
ATOM   616  C  CD2 . PHE A 1 76 ? 8.555   1.612   3.470   1.00 29.57 ? 76 PHE A CD2 1 
ATOM   617  C  CE1 . PHE A 1 76 ? 7.864   -0.070  1.350   1.00 33.51 ? 76 PHE A CE1 1 
ATOM   618  C  CE2 . PHE A 1 76 ? 7.422   0.785   3.579   1.00 31.54 ? 76 PHE A CE2 1 
ATOM   619  C  CZ  . PHE A 1 76 ? 7.076   -0.053  2.515   1.00 33.04 ? 76 PHE A CZ  1 
ATOM   620  N  N   . ALA A 1 77 ? 10.155  5.017   0.508   1.00 29.24 ? 77 ALA A N   1 
ATOM   621  C  CA  . ALA A 1 77 ? 9.320   6.049   -0.094  1.00 26.84 ? 77 ALA A CA  1 
ATOM   622  C  C   . ALA A 1 77 ? 9.261   5.934   -1.643  1.00 25.15 ? 77 ALA A C   1 
ATOM   623  O  O   . ALA A 1 77 ? 8.184   6.055   -2.230  1.00 24.65 ? 77 ALA A O   1 
ATOM   624  C  CB  . ALA A 1 77 ? 9.796   7.442   0.353   1.00 24.05 ? 77 ALA A CB  1 
ATOM   625  N  N   . ILE A 1 78 ? 10.402  5.656   -2.283  1.00 25.74 ? 78 ILE A N   1 
ATOM   626  C  CA  . ILE A 1 78 ? 10.462  5.581   -3.757  1.00 24.84 ? 78 ILE A CA  1 
ATOM   627  C  C   . ILE A 1 78 ? 9.553   4.479   -4.287  1.00 25.20 ? 78 ILE A C   1 
ATOM   628  O  O   . ILE A 1 78 ? 8.755   4.727   -5.199  1.00 29.03 ? 78 ILE A O   1 
ATOM   629  C  CB  . ILE A 1 78 ? 11.880  5.329   -4.254  1.00 23.02 ? 78 ILE A CB  1 
ATOM   630  C  CG1 . ILE A 1 78 ? 12.803  6.514   -3.939  1.00 27.61 ? 78 ILE A CG1 1 
ATOM   631  C  CG2 . ILE A 1 78 ? 11.877  4.968   -5.741  1.00 24.65 ? 78 ILE A CG2 1 
ATOM   632  C  CD1 . ILE A 1 78 ? 14.332  6.090   -3.896  1.00 23.54 ? 78 ILE A CD1 1 
ATOM   633  N  N   . SER A 1 79 ? 9.667   3.280   -3.718  1.00 23.53 ? 79 SER A N   1 
ATOM   634  C  CA  . SER A 1 79 ? 8.851   2.188   -4.193  1.00 23.06 ? 79 SER A CA  1 
ATOM   635  C  C   . SER A 1 79 ? 7.373   2.344   -3.813  1.00 25.08 ? 79 SER A C   1 
ATOM   636  O  O   . SER A 1 79 ? 6.495   1.896   -4.536  1.00 32.37 ? 79 SER A O   1 
ATOM   637  C  CB  . SER A 1 79 ? 9.394   0.851   -3.733  1.00 23.02 ? 79 SER A CB  1 
ATOM   638  O  OG  . SER A 1 79 ? 9.480   0.810   -2.328  1.00 37.01 ? 79 SER A OG  1 
ATOM   639  N  N   . LEU A 1 80 ? 7.083   2.957   -2.674  1.00 23.17 ? 80 LEU A N   1 
ATOM   640  C  CA  . LEU A 1 80 ? 5.693   3.300   -2.369  1.00 23.55 ? 80 LEU A CA  1 
ATOM   641  C  C   . LEU A 1 80 ? 5.120   4.330   -3.351  1.00 26.27 ? 80 LEU A C   1 
ATOM   642  O  O   . LEU A 1 80 ? 3.974   4.195   -3.765  1.00 31.86 ? 80 LEU A O   1 
ATOM   643  C  CB  . LEU A 1 80 ? 5.546   3.827   -0.942  1.00 21.72 ? 80 LEU A CB  1 
ATOM   644  C  CG  . LEU A 1 80 ? 5.742   2.877   0.264   1.00 27.53 ? 80 LEU A CG  1 
ATOM   645  C  CD1 . LEU A 1 80 ? 5.798   3.643   1.632   1.00 25.26 ? 80 LEU A CD1 1 
ATOM   646  C  CD2 . LEU A 1 80 ? 4.724   1.681   0.291   1.00 17.59 ? 80 LEU A CD2 1 
ATOM   647  N  N   . LYS A 1 81 ? 5.903   5.357   -3.700  1.00 29.15 ? 81 LYS A N   1 
ATOM   648  C  CA  . LYS A 1 81 ? 5.457   6.432   -4.592  1.00 30.50 ? 81 LYS A CA  1 
ATOM   649  C  C   . LYS A 1 81 ? 4.979   5.846   -5.912  1.00 28.98 ? 81 LYS A C   1 
ATOM   650  O  O   . LYS A 1 81 ? 3.937   6.267   -6.454  1.00 30.25 ? 81 LYS A O   1 
ATOM   651  C  CB  . LYS A 1 81 ? 6.602   7.431   -4.856  1.00 30.97 ? 81 LYS A CB  1 
ATOM   652  C  CG  . LYS A 1 81 ? 6.261   8.636   -5.747  1.00 40.79 ? 81 LYS A CG  1 
ATOM   653  C  CD  . LYS A 1 81 ? 5.815   9.926   -4.976  1.00 51.70 ? 81 LYS A CD  1 
ATOM   654  C  CE  . LYS A 1 81 ? 4.221   9.990   -4.678  1.00 50.91 ? 81 LYS A CE  1 
ATOM   655  N  NZ  . LYS A 1 81 ? 3.494   11.326  -4.853  1.00 42.61 ? 81 LYS A NZ  1 
ATOM   656  N  N   . THR A 1 82 ? 5.756   4.886   -6.415  1.00 25.80 ? 82 THR A N   1 
ATOM   657  C  CA  . THR A 1 82 ? 5.537   4.244   -7.705  1.00 26.33 ? 82 THR A CA  1 
ATOM   658  C  C   . THR A 1 82 ? 4.207   3.442   -7.676  1.00 27.50 ? 82 THR A C   1 
ATOM   659  O  O   . THR A 1 82 ? 3.381   3.576   -8.564  1.00 27.84 ? 82 THR A O   1 
ATOM   660  C  CB  . THR A 1 82 ? 6.877   3.419   -8.157  1.00 25.68 ? 82 THR A CB  1 
ATOM   661  O  OG1 . THR A 1 82 ? 6.641   2.568   -9.277  1.00 33.43 ? 82 THR A OG1 1 
ATOM   662  C  CG2 . THR A 1 82 ? 7.308   2.392   -7.201  1.00 25.33 ? 82 THR A CG2 1 
ATOM   663  N  N   . ALA A 1 83 ? 4.007   2.668   -6.610  1.00 24.30 ? 83 ALA A N   1 
ATOM   664  C  CA  . ALA A 1 83 ? 2.747   2.021   -6.299  1.00 22.83 ? 83 ALA A CA  1 
ATOM   665  C  C   . ALA A 1 83 ? 1.514   2.977   -6.217  1.00 23.23 ? 83 ALA A C   1 
ATOM   666  O  O   . ALA A 1 83 ? 0.548   2.797   -6.980  1.00 23.15 ? 83 ALA A O   1 
ATOM   667  C  CB  . ALA A 1 83 ? 2.896   1.192   -5.046  1.00 17.13 ? 83 ALA A CB  1 
ATOM   668  N  N   . ILE A 1 84 ? 1.545   3.987   -5.334  1.00 21.18 ? 84 ILE A N   1 
ATOM   669  C  CA  . ILE A 1 84 ? 0.449   4.979   -5.233  1.00 22.97 ? 84 ILE A CA  1 
ATOM   670  C  C   . ILE A 1 84 ? 0.205   5.730   -6.540  1.00 25.84 ? 84 ILE A C   1 
ATOM   671  O  O   . ILE A 1 84 ? -0.944  5.945   -6.969  1.00 27.36 ? 84 ILE A O   1 
ATOM   672  C  CB  . ILE A 1 84 ? 0.730   5.988   -4.117  1.00 28.63 ? 84 ILE A CB  1 
ATOM   673  C  CG1 . ILE A 1 84 ? 0.639   5.295   -2.753  1.00 29.18 ? 84 ILE A CG1 1 
ATOM   674  C  CG2 . ILE A 1 84 ? -0.231  7.189   -4.207  1.00 23.02 ? 84 ILE A CG2 1 
ATOM   675  C  CD1 . ILE A 1 84 ? 1.615   5.792   -1.765  1.00 32.75 ? 84 ILE A CD1 1 
ATOM   676  N  N   . GLU A 1 85 ? 1.292   6.114   -7.184  1.00 23.45 ? 85 GLU A N   1 
ATOM   677  C  CA  . GLU A 1 85 ? 1.189   6.794   -8.446  1.00 23.55 ? 85 GLU A CA  1 
ATOM   678  C  C   . GLU A 1 85 ? 0.508   5.952   -9.518  1.00 24.58 ? 85 GLU A C   1 
ATOM   679  O  O   . GLU A 1 85 ? -0.278  6.481   -10.320 1.00 23.57 ? 85 GLU A O   1 
ATOM   680  C  CB  . GLU A 1 85 ? 2.566   7.219   -8.877  1.00 17.61 ? 85 GLU A CB  1 
ATOM   681  C  CG  . GLU A 1 85 ? 2.508   8.408   -9.780  1.00 29.68 ? 85 GLU A CG  1 
ATOM   682  C  CD  . GLU A 1 85 ? 2.178   9.701   -9.027  1.00 40.90 ? 85 GLU A CD  1 
ATOM   683  O  OE1 . GLU A 1 85 ? 2.424   9.757   -7.766  1.00 37.81 ? 85 GLU A OE1 1 
ATOM   684  O  OE2 . GLU A 1 85 ? 1.681   10.655  -9.723  1.00 42.88 ? 85 GLU A OE2 1 
ATOM   685  N  N   . THR A 1 86 ? 0.827   4.648   -9.530  1.00 21.45 ? 86 THR A N   1 
ATOM   686  C  CA  . THR A 1 86 ? 0.290   3.739   -10.505 1.00 20.36 ? 86 THR A CA  1 
ATOM   687  C  C   . THR A 1 86 ? -1.173  3.595   -10.156 1.00 20.56 ? 86 THR A C   1 
ATOM   688  O  O   . THR A 1 86 ? -2.027  3.606   -11.029 1.00 20.72 ? 86 THR A O   1 
ATOM   689  C  CB  . THR A 1 86 ? 1.019   2.371   -10.406 1.00 25.13 ? 86 THR A CB  1 
ATOM   690  O  OG1 . THR A 1 86 ? 2.407   2.545   -10.715 1.00 24.61 ? 86 THR A OG1 1 
ATOM   691  C  CG2 . THR A 1 86 ? 0.496   1.359   -11.472 1.00 15.05 ? 86 THR A CG2 1 
ATOM   692  N  N   . TYR A 1 87 ? -1.447  3.471   -8.859  1.00 19.57 ? 87 TYR A N   1 
ATOM   693  C  CA  . TYR A 1 87 ? -2.826  3.468   -8.369  1.00 23.58 ? 87 TYR A CA  1 
ATOM   694  C  C   . TYR A 1 87 ? -3.647  4.652   -8.872  1.00 25.58 ? 87 TYR A C   1 
ATOM   695  O  O   . TYR A 1 87 ? -4.696  4.429   -9.495  1.00 21.65 ? 87 TYR A O   1 
ATOM   696  C  CB  . TYR A 1 87 ? -2.897  3.502   -6.854  1.00 25.03 ? 87 TYR A CB  1 
ATOM   697  C  CG  . TYR A 1 87 ? -4.307  3.317   -6.334  1.00 28.57 ? 87 TYR A CG  1 
ATOM   698  C  CD1 . TYR A 1 87 ? -5.146  2.359   -6.901  1.00 30.69 ? 87 TYR A CD1 1 
ATOM   699  C  CD2 . TYR A 1 87 ? -4.806  4.099   -5.285  1.00 25.78 ? 87 TYR A CD2 1 
ATOM   700  C  CE1 . TYR A 1 87 ? -6.433  2.171   -6.451  1.00 30.12 ? 87 TYR A CE1 1 
ATOM   701  C  CE2 . TYR A 1 87 ? -6.102  3.915   -4.829  1.00 28.33 ? 87 TYR A CE2 1 
ATOM   702  C  CZ  . TYR A 1 87 ? -6.910  2.951   -5.415  1.00 30.31 ? 87 TYR A CZ  1 
ATOM   703  O  OH  . TYR A 1 87 ? -8.189  2.720   -4.960  1.00 31.18 ? 87 TYR A OH  1 
ATOM   704  N  N   . LYS A 1 88 ? -3.179  5.884   -8.581  1.00 20.06 ? 88 LYS A N   1 
ATOM   705  C  CA  . LYS A 1 88 ? -3.778  7.095   -9.108  1.00 21.18 ? 88 LYS A CA  1 
ATOM   706  C  C   . LYS A 1 88 ? -4.061  7.007   -10.593 1.00 22.05 ? 88 LYS A C   1 
ATOM   707  O  O   . LYS A 1 88 ? -5.169  7.292   -11.015 1.00 24.42 ? 88 LYS A O   1 
ATOM   708  C  CB  . LYS A 1 88 ? -2.853  8.244   -8.902  1.00 26.86 ? 88 LYS A CB  1 
ATOM   709  C  CG  . LYS A 1 88 ? -2.890  8.923   -7.567  1.00 29.23 ? 88 LYS A CG  1 
ATOM   710  C  CD  . LYS A 1 88 ? -2.080  10.247  -7.675  1.00 36.27 ? 88 LYS A CD  1 
ATOM   711  C  CE  . LYS A 1 88 ? -1.233  10.469  -6.380  1.00 50.39 ? 88 LYS A CE  1 
ATOM   712  N  NZ  . LYS A 1 88 ? 0.283   10.684  -6.464  1.00 50.52 ? 88 LYS A NZ  1 
ATOM   713  N  N   . GLN A 1 89 ? -3.093  6.568   -11.402 1.00 25.42 ? 89 GLN A N   1 
ATOM   714  C  CA  . GLN A 1 89 ? -3.310  6.468   -12.860 1.00 23.50 ? 89 GLN A CA  1 
ATOM   715  C  C   . GLN A 1 89 ? -4.274  5.398   -13.247 1.00 23.73 ? 89 GLN A C   1 
ATOM   716  O  O   . GLN A 1 89 ? -4.845  5.449   -14.327 1.00 27.21 ? 89 GLN A O   1 
ATOM   717  C  CB  . GLN A 1 89 ? -2.002  6.258   -13.628 1.00 23.15 ? 89 GLN A CB  1 
ATOM   718  C  CG  . GLN A 1 89 ? -1.125  7.472   -13.633 1.00 32.74 ? 89 GLN A CG  1 
ATOM   719  C  CD  . GLN A 1 89 ? -1.860  8.739   -14.150 1.00 36.51 ? 89 GLN A CD  1 
ATOM   720  O  OE1 . GLN A 1 89 ? -2.398  8.739   -15.278 1.00 38.99 ? 89 GLN A OE1 1 
ATOM   721  N  NE2 . GLN A 1 89 ? -1.899  9.786   -13.327 1.00 23.93 ? 89 GLN A NE2 1 
ATOM   722  N  N   . ILE A 1 90 ? -4.419  4.385   -12.399 1.00 27.68 ? 90 ILE A N   1 
ATOM   723  C  CA  . ILE A 1 90 ? -5.345  3.292   -12.680 1.00 30.14 ? 90 ILE A CA  1 
ATOM   724  C  C   . ILE A 1 90 ? -6.778  3.809   -12.419 1.00 29.72 ? 90 ILE A C   1 
ATOM   725  O  O   . ILE A 1 90 ? -7.648  3.705   -13.284 1.00 26.19 ? 90 ILE A O   1 
ATOM   726  C  CB  . ILE A 1 90 ? -4.940  2.038   -11.852 1.00 30.50 ? 90 ILE A CB  1 
ATOM   727  C  CG1 . ILE A 1 90 ? -4.041  1.126   -12.682 1.00 27.89 ? 90 ILE A CG1 1 
ATOM   728  C  CG2 . ILE A 1 90 ? -6.149  1.284   -11.353 1.00 33.53 ? 90 ILE A CG2 1 
ATOM   729  C  CD1 . ILE A 1 90 ? -3.383  0.045   -11.866 1.00 33.10 ? 90 ILE A CD1 1 
ATOM   730  N  N   . LYS A 1 91 ? -6.978  4.418   -11.247 1.00 29.14 ? 91 LYS A N   1 
ATOM   731  C  CA  . LYS A 1 91 ? -8.194  5.161   -10.953 1.00 27.71 ? 91 LYS A CA  1 
ATOM   732  C  C   . LYS A 1 91 ? -8.517  6.118   -12.132 1.00 28.68 ? 91 LYS A C   1 
ATOM   733  O  O   . LYS A 1 91 ? -9.475  5.846   -12.862 1.00 32.47 ? 91 LYS A O   1 
ATOM   734  C  CB  . LYS A 1 91 ? -8.163  5.807   -9.546  1.00 23.06 ? 91 LYS A CB  1 
ATOM   735  C  CG  . LYS A 1 91 ? -7.963  4.791   -8.412  1.00 27.93 ? 91 LYS A CG  1 
ATOM   736  C  CD  . LYS A 1 91 ? -9.285  4.188   -7.843  1.00 35.79 ? 91 LYS A CD  1 
ATOM   737  C  CE  . LYS A 1 91 ? -9.604  2.655   -8.205  1.00 43.07 ? 91 LYS A CE  1 
ATOM   738  N  NZ  . LYS A 1 91 ? -10.181 1.709   -7.112  1.00 34.69 ? 91 LYS A NZ  1 
ATOM   739  N  N   . LYS A 1 92 ? -7.702  7.139   -12.423 1.00 28.09 ? 92 LYS A N   1 
ATOM   740  C  CA  . LYS A 1 92 ? -7.982  7.970   -13.621 1.00 31.22 ? 92 LYS A CA  1 
ATOM   741  C  C   . LYS A 1 92 ? -8.365  7.188   -14.880 1.00 29.54 ? 92 LYS A C   1 
ATOM   742  O  O   . LYS A 1 92 ? -9.421  7.430   -15.433 1.00 33.74 ? 92 LYS A O   1 
ATOM   743  C  CB  . LYS A 1 92 ? -6.870  8.990   -13.934 1.00 40.63 ? 92 LYS A CB  1 
ATOM   744  C  CG  . LYS A 1 92 ? -6.854  9.498   -15.445 1.00 43.68 ? 92 LYS A CG  1 
ATOM   745  C  CD  . LYS A 1 92 ? -6.297  10.945  -15.614 1.00 48.64 ? 92 LYS A CD  1 
ATOM   746  C  CE  . LYS A 1 92 ? -5.738  11.536  -14.296 1.00 51.63 ? 92 LYS A CE  1 
ATOM   747  N  NZ  . LYS A 1 92 ? -4.426  12.206  -14.539 1.00 57.38 ? 92 LYS A NZ  1 
ATOM   748  N  N   . ARG A 1 93 ? -7.539  6.239   -15.311 1.00 31.34 ? 93 ARG A N   1 
ATOM   749  C  CA  . ARG A 1 93 ? -7.804  5.476   -16.520 1.00 34.33 ? 93 ARG A CA  1 
ATOM   750  C  C   . ARG A 1 93 ? -9.239  4.945   -16.525 1.00 37.70 ? 93 ARG A C   1 
ATOM   751  O  O   . ARG A 1 93 ? -9.898  4.921   -17.571 1.00 35.28 ? 93 ARG A O   1 
ATOM   752  C  CB  . ARG A 1 93 ? -6.829  4.298   -16.635 1.00 40.04 ? 93 ARG A CB  1 
ATOM   753  C  CG  . ARG A 1 93 ? -5.658  4.453   -17.628 1.00 40.81 ? 93 ARG A CG  1 
ATOM   754  C  CD  . ARG A 1 93 ? -4.415  3.596   -17.275 1.00 43.09 ? 93 ARG A CD  1 
ATOM   755  N  NE  . ARG A 1 93 ? -3.560  3.341   -18.432 1.00 48.76 ? 93 ARG A NE  1 
ATOM   756  C  CZ  . ARG A 1 93 ? -3.753  2.381   -19.361 1.00 58.53 ? 93 ARG A CZ  1 
ATOM   757  N  NH1 . ARG A 1 93 ? -4.789  1.541   -19.303 1.00 60.84 ? 93 ARG A NH1 1 
ATOM   758  N  NH2 . ARG A 1 93 ? -2.899  2.257   -20.378 1.00 63.46 ? 93 ARG A NH2 1 
ATOM   759  N  N   . HIS A 1 94 ? -9.729  4.559   -15.345 1.00 39.85 ? 94 HIS A N   1 
ATOM   760  C  CA  . HIS A 1 94 ? -10.938 3.724   -15.250 1.00 40.38 ? 94 HIS A CA  1 
ATOM   761  C  C   . HIS A 1 94 ? -12.247 4.342   -14.642 1.00 40.40 ? 94 HIS A C   1 
ATOM   762  O  O   . HIS A 1 94 ? -13.202 3.583   -14.394 1.00 41.60 ? 94 HIS A O   1 
ATOM   763  C  CB  . HIS A 1 94 ? -10.600 2.399   -14.530 1.00 41.63 ? 94 HIS A CB  1 
ATOM   764  C  CG  . HIS A 1 94 ? -9.634  1.512   -15.266 1.00 42.60 ? 94 HIS A CG  1 
ATOM   765  N  ND1 . HIS A 1 94 ? -9.971  0.831   -16.418 1.00 44.50 ? 94 HIS A ND1 1 
ATOM   766  C  CD2 . HIS A 1 94 ? -8.358  1.156   -14.982 1.00 42.52 ? 94 HIS A CD2 1 
ATOM   767  C  CE1 . HIS A 1 94 ? -8.937  0.115   -16.824 1.00 41.35 ? 94 HIS A CE1 1 
ATOM   768  N  NE2 . HIS A 1 94 ? -7.946  0.292   -15.968 1.00 43.30 ? 94 HIS A NE2 1 
ATOM   769  N  N   . HIS A 1 95 ? -12.300 5.667   -14.395 1.00 35.03 ? 95 HIS A N   1 
ATOM   770  C  CA  . HIS A 1 95 ? -13.555 6.374   -14.089 1.00 30.91 ? 95 HIS A CA  1 
ATOM   771  C  C   . HIS A 1 95 ? -14.586 6.146   -15.204 1.00 33.35 ? 95 HIS A C   1 
ATOM   772  O  O   . HIS A 1 95 ? -15.044 7.102   -15.802 1.00 34.33 ? 95 HIS A O   1 
ATOM   773  C  CB  . HIS A 1 95 ? -13.284 7.860   -14.050 1.00 30.38 ? 95 HIS A CB  1 
ATOM   774  C  CG  . HIS A 1 95 ? -13.343 8.480   -12.681 1.00 35.50 ? 95 HIS A CG  1 
ATOM   775  N  ND1 . HIS A 1 95 ? -13.866 9.742   -12.456 1.00 35.79 ? 95 HIS A ND1 1 
ATOM   776  C  CD2 . HIS A 1 95 ? -12.901 8.048   -11.474 1.00 34.42 ? 95 HIS A CD2 1 
ATOM   777  C  CE1 . HIS A 1 95 ? -13.773 10.045  -11.174 1.00 32.26 ? 95 HIS A CE1 1 
ATOM   778  N  NE2 . HIS A 1 95 ? -13.189 9.033   -10.553 1.00 32.75 ? 95 HIS A NE2 1 
ATOM   779  N  N   . HIS A 1 96 ? -14.915 4.877   -15.496 1.00 37.57 ? 96 HIS A N   1 
ATOM   780  C  CA  . HIS A 1 96 ? -15.863 4.454   -16.555 1.00 37.26 ? 96 HIS A CA  1 
ATOM   781  C  C   . HIS A 1 96 ? -16.681 3.259   -16.073 1.00 33.11 ? 96 HIS A C   1 
ATOM   782  O  O   . HIS A 1 96 ? -16.273 2.114   -16.265 1.00 28.67 ? 96 HIS A O   1 
ATOM   783  C  CB  . HIS A 1 96 ? -15.129 4.019   -17.841 1.00 40.36 ? 96 HIS A CB  1 
ATOM   784  C  CG  . HIS A 1 96 ? -14.396 5.125   -18.546 1.00 42.97 ? 96 HIS A CG  1 
ATOM   785  N  ND1 . HIS A 1 96 ? -13.611 6.050   -17.887 1.00 43.10 ? 96 HIS A ND1 1 
ATOM   786  C  CD2 . HIS A 1 96 ? -14.302 5.427   -19.863 1.00 42.09 ? 96 HIS A CD2 1 
ATOM   787  C  CE1 . HIS A 1 96 ? -13.088 6.889   -18.762 1.00 43.32 ? 96 HIS A CE1 1 
ATOM   788  N  NE2 . HIS A 1 96 ? -13.491 6.532   -19.969 1.00 46.18 ? 96 HIS A NE2 1 
ATOM   789  N  N   . LYS B 1 2  ? -4.690  -3.205  11.637  1.00 61.83 ? 2  LYS B N   1 
ATOM   790  C  CA  . LYS B 1 2  ? -5.023  -4.581  12.149  1.00 63.19 ? 2  LYS B CA  1 
ATOM   791  C  C   . LYS B 1 2  ? -3.763  -5.405  12.505  1.00 64.35 ? 2  LYS B C   1 
ATOM   792  O  O   . LYS B 1 2  ? -3.511  -5.704  13.689  1.00 64.81 ? 2  LYS B O   1 
ATOM   793  C  CB  . LYS B 1 2  ? -5.926  -5.348  11.154  1.00 60.70 ? 2  LYS B CB  1 
ATOM   794  C  CG  . LYS B 1 2  ? -7.429  -5.315  11.467  1.00 56.91 ? 2  LYS B CG  1 
ATOM   795  C  CD  . LYS B 1 2  ? -7.802  -6.192  12.652  1.00 56.03 ? 2  LYS B CD  1 
ATOM   796  C  CE  . LYS B 1 2  ? -7.985  -5.360  13.925  1.00 51.79 ? 2  LYS B CE  1 
ATOM   797  N  NZ  . LYS B 1 2  ? -8.031  -6.238  15.136  1.00 52.90 ? 2  LYS B NZ  1 
ATOM   798  N  N   . SER B 1 3  ? -2.999  -5.782  11.471  1.00 62.17 ? 3  SER B N   1 
ATOM   799  C  CA  . SER B 1 3  ? -1.709  -6.452  11.645  1.00 58.76 ? 3  SER B CA  1 
ATOM   800  C  C   . SER B 1 3  ? -0.567  -5.618  11.019  1.00 58.05 ? 3  SER B C   1 
ATOM   801  O  O   . SER B 1 3  ? 0.003   -4.748  11.699  1.00 62.81 ? 3  SER B O   1 
ATOM   802  C  CB  . SER B 1 3  ? -1.716  -7.924  11.142  1.00 60.48 ? 3  SER B CB  1 
ATOM   803  O  OG  . SER B 1 3  ? -2.759  -8.238  10.211  1.00 56.53 ? 3  SER B OG  1 
ATOM   804  N  N   . THR B 1 4  ? -0.287  -5.853  9.731   1.00 49.87 ? 4  THR B N   1 
ATOM   805  C  CA  . THR B 1 4  ? 0.862   -5.308  9.007   1.00 42.37 ? 4  THR B CA  1 
ATOM   806  C  C   . THR B 1 4  ? 0.708   -3.805  8.759   1.00 41.42 ? 4  THR B C   1 
ATOM   807  O  O   . THR B 1 4  ? -0.397  -3.349  8.443   1.00 40.22 ? 4  THR B O   1 
ATOM   808  C  CB  . THR B 1 4  ? 1.058   -6.118  7.676   1.00 41.37 ? 4  THR B CB  1 
ATOM   809  O  OG1 . THR B 1 4  ? 1.376   -7.484  8.004   1.00 41.37 ? 4  THR B OG1 1 
ATOM   810  C  CG2 . THR B 1 4  ? 2.267   -5.621  6.833   1.00 35.25 ? 4  THR B CG2 1 
ATOM   811  N  N   . PRO B 1 5  ? 1.801   -3.037  8.918   1.00 40.62 ? 5  PRO B N   1 
ATOM   812  C  CA  . PRO B 1 5  ? 1.772   -1.584  8.693   1.00 40.30 ? 5  PRO B CA  1 
ATOM   813  C  C   . PRO B 1 5  ? 1.448   -1.062  7.281   1.00 43.77 ? 5  PRO B C   1 
ATOM   814  O  O   . PRO B 1 5  ? 0.469   -0.339  7.184   1.00 53.53 ? 5  PRO B O   1 
ATOM   815  C  CB  . PRO B 1 5  ? 3.156   -1.099  9.144   1.00 37.15 ? 5  PRO B CB  1 
ATOM   816  C  CG  . PRO B 1 5  ? 3.837   -2.255  9.780   1.00 34.67 ? 5  PRO B CG  1 
ATOM   817  C  CD  . PRO B 1 5  ? 3.128   -3.485  9.379   1.00 37.81 ? 5  PRO B CD  1 
ATOM   818  N  N   . PHE B 1 6  ? 2.189   -1.282  6.219   1.00 33.24 ? 6  PHE B N   1 
ATOM   819  C  CA  . PHE B 1 6  ? 1.955   -0.214  5.234   1.00 29.45 ? 6  PHE B CA  1 
ATOM   820  C  C   . PHE B 1 6  ? 0.826   -0.498  4.289   1.00 30.05 ? 6  PHE B C   1 
ATOM   821  O  O   . PHE B 1 6  ? 0.238   0.390   3.643   1.00 24.04 ? 6  PHE B O   1 
ATOM   822  C  CB  . PHE B 1 6  ? 3.219   0.123   4.493   1.00 30.59 ? 6  PHE B CB  1 
ATOM   823  C  CG  . PHE B 1 6  ? 4.193   0.852   5.325   1.00 28.74 ? 6  PHE B CG  1 
ATOM   824  C  CD1 . PHE B 1 6  ? 4.926   0.174   6.315   1.00 27.52 ? 6  PHE B CD1 1 
ATOM   825  C  CD2 . PHE B 1 6  ? 4.365   2.227   5.152   1.00 30.06 ? 6  PHE B CD2 1 
ATOM   826  C  CE1 . PHE B 1 6  ? 5.834   0.847   7.108   1.00 23.21 ? 6  PHE B CE1 1 
ATOM   827  C  CE2 . PHE B 1 6  ? 5.271   2.926   5.928   1.00 29.61 ? 6  PHE B CE2 1 
ATOM   828  C  CZ  . PHE B 1 6  ? 6.014   2.228   6.923   1.00 32.24 ? 6  PHE B CZ  1 
ATOM   829  N  N   . PHE B 1 7  ? 0.521   -1.777  4.263   1.00 31.28 ? 7  PHE B N   1 
ATOM   830  C  CA  . PHE B 1 7  ? -0.280  -2.382  3.236   1.00 26.29 ? 7  PHE B CA  1 
ATOM   831  C  C   . PHE B 1 7  ? -1.518  -3.058  3.852   1.00 24.65 ? 7  PHE B C   1 
ATOM   832  O  O   . PHE B 1 7  ? -1.418  -3.835  4.831   1.00 24.17 ? 7  PHE B O   1 
ATOM   833  C  CB  . PHE B 1 7  ? 0.595   -3.441  2.573   1.00 27.62 ? 7  PHE B CB  1 
ATOM   834  C  CG  . PHE B 1 7  ? 1.909   -2.927  2.060   1.00 20.72 ? 7  PHE B CG  1 
ATOM   835  C  CD1 . PHE B 1 7  ? 3.098   -3.311  2.658   1.00 23.73 ? 7  PHE B CD1 1 
ATOM   836  C  CD2 . PHE B 1 7  ? 1.966   -2.117  0.924   1.00 25.41 ? 7  PHE B CD2 1 
ATOM   837  C  CE1 . PHE B 1 7  ? 4.351   -2.884  2.148   1.00 17.94 ? 7  PHE B CE1 1 
ATOM   838  C  CE2 . PHE B 1 7  ? 3.205   -1.652  0.412   1.00 22.88 ? 7  PHE B CE2 1 
ATOM   839  C  CZ  . PHE B 1 7  ? 4.400   -2.038  1.039   1.00 22.13 ? 7  PHE B CZ  1 
ATOM   840  N  N   . TYR B 1 8  ? -2.676  -2.747  3.279   1.00 21.37 ? 8  TYR B N   1 
ATOM   841  C  CA  . TYR B 1 8  ? -3.931  -3.443  3.569   1.00 21.99 ? 8  TYR B CA  1 
ATOM   842  C  C   . TYR B 1 8  ? -3.936  -4.809  2.918   1.00 22.56 ? 8  TYR B C   1 
ATOM   843  O  O   . TYR B 1 8  ? -3.366  -4.972  1.827   1.00 30.03 ? 8  TYR B O   1 
ATOM   844  C  CB  . TYR B 1 8  ? -5.081  -2.678  2.955   1.00 21.63 ? 8  TYR B CB  1 
ATOM   845  C  CG  . TYR B 1 8  ? -5.533  -1.499  3.749   1.00 31.20 ? 8  TYR B CG  1 
ATOM   846  C  CD1 . TYR B 1 8  ? -5.170  -0.195  3.373   1.00 30.62 ? 8  TYR B CD1 1 
ATOM   847  C  CD2 . TYR B 1 8  ? -6.332  -1.668  4.877   1.00 29.67 ? 8  TYR B CD2 1 
ATOM   848  C  CE1 . TYR B 1 8  ? -5.600  0.906   4.097   1.00 23.81 ? 8  TYR B CE1 1 
ATOM   849  C  CE2 . TYR B 1 8  ? -6.745  -0.579  5.622   1.00 34.30 ? 8  TYR B CE2 1 
ATOM   850  C  CZ  . TYR B 1 8  ? -6.387  0.706   5.234   1.00 35.66 ? 8  TYR B CZ  1 
ATOM   851  O  OH  . TYR B 1 8  ? -6.842  1.778   5.995   1.00 39.01 ? 8  TYR B OH  1 
ATOM   852  N  N   . PRO B 1 9  ? -4.580  -5.780  3.565   1.00 23.53 ? 9  PRO B N   1 
ATOM   853  C  CA  . PRO B 1 9  ? -4.695  -7.139  2.999   1.00 21.01 ? 9  PRO B CA  1 
ATOM   854  C  C   . PRO B 1 9  ? -4.930  -7.217  1.451   1.00 26.02 ? 9  PRO B C   1 
ATOM   855  O  O   . PRO B 1 9  ? -4.189  -8.006  0.774   1.00 23.16 ? 9  PRO B O   1 
ATOM   856  C  CB  . PRO B 1 9  ? -5.818  -7.799  3.833   1.00 21.83 ? 9  PRO B CB  1 
ATOM   857  C  CG  . PRO B 1 9  ? -6.050  -6.894  5.077   1.00 14.41 ? 9  PRO B CG  1 
ATOM   858  C  CD  . PRO B 1 9  ? -5.199  -5.658  4.913   1.00 18.86 ? 9  PRO B CD  1 
ATOM   859  N  N   . GLU B 1 10 ? -5.859  -6.409  0.904   1.00 24.17 ? 10 GLU B N   1 
ATOM   860  C  CA  . GLU B 1 10 ? -6.048  -6.313  -0.565  1.00 30.18 ? 10 GLU B CA  1 
ATOM   861  C  C   . GLU B 1 10 ? -4.733  -6.162  -1.285  1.00 30.80 ? 10 GLU B C   1 
ATOM   862  O  O   . GLU B 1 10 ? -4.524  -6.774  -2.327  1.00 30.54 ? 10 GLU B O   1 
ATOM   863  C  CB  . GLU B 1 10 ? -6.782  -5.051  -1.034  1.00 33.47 ? 10 GLU B CB  1 
ATOM   864  C  CG  . GLU B 1 10 ? -7.985  -4.577  -0.291  1.00 36.16 ? 10 GLU B CG  1 
ATOM   865  C  CD  . GLU B 1 10 ? -7.595  -3.895  0.961   1.00 35.38 ? 10 GLU B CD  1 
ATOM   866  O  OE1 . GLU B 1 10 ? -7.556  -4.624  1.982   1.00 42.26 ? 10 GLU B OE1 1 
ATOM   867  O  OE2 . GLU B 1 10 ? -7.326  -2.673  0.908   1.00 36.42 ? 10 GLU B OE2 1 
ATOM   868  N  N   . ALA B 1 11 ? -3.906  -5.233  -0.794  1.00 29.65 ? 11 ALA B N   1 
ATOM   869  C  CA  . ALA B 1 11 ? -2.634  -4.952  -1.431  1.00 27.61 ? 11 ALA B CA  1 
ATOM   870  C  C   . ALA B 1 11 ? -1.754  -6.209  -1.381  1.00 27.24 ? 11 ALA B C   1 
ATOM   871  O  O   . ALA B 1 11 ? -1.155  -6.603  -2.392  1.00 29.50 ? 11 ALA B O   1 
ATOM   872  C  CB  . ALA B 1 11 ? -1.944  -3.762  -0.768  1.00 26.24 ? 11 ALA B CB  1 
ATOM   873  N  N   . ILE B 1 12 ? -1.692  -6.854  -0.221  1.00 24.55 ? 12 ILE B N   1 
ATOM   874  C  CA  . ILE B 1 12 ? -0.881  -8.046  -0.106  1.00 23.27 ? 12 ILE B CA  1 
ATOM   875  C  C   . ILE B 1 12 ? -1.424  -9.161  -1.025  1.00 25.87 ? 12 ILE B C   1 
ATOM   876  O  O   . ILE B 1 12 ? -0.674  -9.800  -1.773  1.00 23.00 ? 12 ILE B O   1 
ATOM   877  C  CB  . ILE B 1 12 ? -0.852  -8.510  1.318   1.00 17.65 ? 12 ILE B CB  1 
ATOM   878  C  CG1 . ILE B 1 12 ? -0.345  -7.389  2.199   1.00 21.56 ? 12 ILE B CG1 1 
ATOM   879  C  CG2 . ILE B 1 12 ? 0.064   -9.746  1.457   1.00 12.32 ? 12 ILE B CG2 1 
ATOM   880  C  CD1 . ILE B 1 12 ? -0.754  -7.546  3.675   1.00 24.81 ? 12 ILE B CD1 1 
ATOM   881  N  N   . VAL B 1 13 ? -2.735  -9.368  -0.966  1.00 23.52 ? 13 VAL B N   1 
ATOM   882  C  CA  . VAL B 1 13 ? -3.359  -10.393 -1.766  1.00 18.93 ? 13 VAL B CA  1 
ATOM   883  C  C   . VAL B 1 13 ? -3.045  -10.175 -3.241  1.00 23.87 ? 13 VAL B C   1 
ATOM   884  O  O   . VAL B 1 13 ? -2.519  -11.061 -3.921  1.00 29.99 ? 13 VAL B O   1 
ATOM   885  C  CB  . VAL B 1 13 ? -4.876  -10.545 -1.462  1.00 22.52 ? 13 VAL B CB  1 
ATOM   886  C  CG1 . VAL B 1 13 ? -5.521  -11.498 -2.442  1.00 11.81 ? 13 VAL B CG1 1 
ATOM   887  C  CG2 . VAL B 1 13 ? -5.077  -11.074 -0.009  1.00 12.79 ? 13 VAL B CG2 1 
ATOM   888  N  N   . LEU B 1 14 ? -3.320  -8.992  -3.729  1.00 23.15 ? 14 LEU B N   1 
ATOM   889  C  CA  . LEU B 1 14 ? -3.095  -8.699  -5.119  1.00 24.52 ? 14 LEU B CA  1 
ATOM   890  C  C   . LEU B 1 14 ? -1.618  -8.891  -5.542  1.00 27.80 ? 14 LEU B C   1 
ATOM   891  O  O   . LEU B 1 14 ? -1.327  -9.501  -6.593  1.00 25.43 ? 14 LEU B O   1 
ATOM   892  C  CB  . LEU B 1 14 ? -3.572  -7.283  -5.394  1.00 25.66 ? 14 LEU B CB  1 
ATOM   893  C  CG  . LEU B 1 14 ? -3.743  -6.936  -6.854  1.00 24.61 ? 14 LEU B CG  1 
ATOM   894  C  CD1 . LEU B 1 14 ? -4.876  -7.763  -7.367  1.00 28.20 ? 14 LEU B CD1 1 
ATOM   895  C  CD2 . LEU B 1 14 ? -4.047  -5.453  -7.022  1.00 21.21 ? 14 LEU B CD2 1 
ATOM   896  N  N   . ALA B 1 15 ? -0.694  -8.364  -4.731  1.00 26.77 ? 15 ALA B N   1 
ATOM   897  C  CA  . ALA B 1 15 ? 0.735   -8.506  -4.992  1.00 24.93 ? 15 ALA B CA  1 
ATOM   898  C  C   . ALA B 1 15 ? 1.114   -9.991  -5.128  1.00 27.97 ? 15 ALA B C   1 
ATOM   899  O  O   . ALA B 1 15 ? 1.784   -10.399 -6.092  1.00 34.05 ? 15 ALA B O   1 
ATOM   900  C  CB  . ALA B 1 15 ? 1.535   -7.814  -3.902  1.00 16.74 ? 15 ALA B CB  1 
ATOM   901  N  N   . TYR B 1 16 ? 0.637   -10.804 -4.186  1.00 27.22 ? 16 TYR B N   1 
ATOM   902  C  CA  . TYR B 1 16 ? 0.934   -12.234 -4.160  1.00 25.52 ? 16 TYR B CA  1 
ATOM   903  C  C   . TYR B 1 16 ? 0.342   -13.019 -5.312  1.00 26.14 ? 16 TYR B C   1 
ATOM   904  O  O   . TYR B 1 16 ? 0.865   -14.061 -5.690  1.00 27.97 ? 16 TYR B O   1 
ATOM   905  C  CB  . TYR B 1 16 ? 0.523   -12.853 -2.812  1.00 26.46 ? 16 TYR B CB  1 
ATOM   906  C  CG  . TYR B 1 16 ? 1.641   -12.746 -1.817  1.00 29.62 ? 16 TYR B CG  1 
ATOM   907  C  CD1 . TYR B 1 16 ? 1.916   -11.535 -1.171  1.00 33.30 ? 16 TYR B CD1 1 
ATOM   908  C  CD2 . TYR B 1 16 ? 2.480   -13.818 -1.580  1.00 32.39 ? 16 TYR B CD2 1 
ATOM   909  C  CE1 . TYR B 1 16 ? 2.986   -11.420 -0.266  1.00 35.58 ? 16 TYR B CE1 1 
ATOM   910  C  CE2 . TYR B 1 16 ? 3.541   -13.723 -0.685  1.00 32.21 ? 16 TYR B CE2 1 
ATOM   911  C  CZ  . TYR B 1 16 ? 3.795   -12.532 -0.032  1.00 35.41 ? 16 TYR B CZ  1 
ATOM   912  O  OH  . TYR B 1 16 ? 4.862   -12.457 0.840   1.00 34.44 ? 16 TYR B OH  1 
ATOM   913  N  N   . LEU B 1 17 ? -0.751  -12.535 -5.875  1.00 24.80 ? 17 LEU B N   1 
ATOM   914  C  CA  . LEU B 1 17 ? -1.363  -13.223 -6.999  1.00 24.34 ? 17 LEU B CA  1 
ATOM   915  C  C   . LEU B 1 17 ? -0.505  -13.079 -8.257  1.00 29.54 ? 17 LEU B C   1 
ATOM   916  O  O   . LEU B 1 17 ? -0.500  -13.972 -9.135  1.00 28.86 ? 17 LEU B O   1 
ATOM   917  C  CB  . LEU B 1 17 ? -2.787  -12.721 -7.212  1.00 24.99 ? 17 LEU B CB  1 
ATOM   918  C  CG  . LEU B 1 17 ? -3.646  -13.300 -8.336  1.00 24.95 ? 17 LEU B CG  1 
ATOM   919  C  CD1 . LEU B 1 17 ? -3.689  -14.859 -8.311  1.00 20.50 ? 17 LEU B CD1 1 
ATOM   920  C  CD2 . LEU B 1 17 ? -5.055  -12.660 -8.284  1.00 21.43 ? 17 LEU B CD2 1 
ATOM   921  N  N   . TYR B 1 18 ? 0.257   -11.989 -8.346  1.00 25.84 ? 18 TYR B N   1 
ATOM   922  C  CA  . TYR B 1 18 ? 1.178   -11.847 -9.475  1.00 27.40 ? 18 TYR B CA  1 
ATOM   923  C  C   . TYR B 1 18 ? 2.301   -12.910 -9.467  1.00 29.78 ? 18 TYR B C   1 
ATOM   924  O  O   . TYR B 1 18 ? 2.679   -13.346 -8.416  1.00 37.42 ? 18 TYR B O   1 
ATOM   925  C  CB  . TYR B 1 18 ? 1.849   -10.462 -9.402  1.00 24.14 ? 18 TYR B CB  1 
ATOM   926  C  CG  . TYR B 1 18 ? 2.551   -10.142 -10.669 1.00 17.13 ? 18 TYR B CG  1 
ATOM   927  C  CD1 . TYR B 1 18 ? 1.838   -9.646  -11.758 1.00 17.02 ? 18 TYR B CD1 1 
ATOM   928  C  CD2 . TYR B 1 18 ? 3.905   -10.395 -10.812 1.00 17.95 ? 18 TYR B CD2 1 
ATOM   929  C  CE1 . TYR B 1 18 ? 2.462   -9.384  -12.976 1.00 24.35 ? 18 TYR B CE1 1 
ATOM   930  C  CE2 . TYR B 1 18 ? 4.563   -10.134 -12.030 1.00 21.62 ? 18 TYR B CE2 1 
ATOM   931  C  CZ  . TYR B 1 18 ? 3.834   -9.631  -13.122 1.00 25.76 ? 18 TYR B CZ  1 
ATOM   932  O  OH  . TYR B 1 18 ? 4.445   -9.403  -14.363 1.00 27.66 ? 18 TYR B OH  1 
ATOM   933  N  N   . ASP B 1 19 ? 2.755   -13.476 -10.563 1.00 30.93 ? 19 ASP B N   1 
ATOM   934  C  CA  . ASP B 1 19 ? 2.020   -14.427 -11.350 1.00 41.14 ? 19 ASP B CA  1 
ATOM   935  C  C   . ASP B 1 19 ? 2.009   -15.816 -10.635 1.00 38.93 ? 19 ASP B C   1 
ATOM   936  O  O   . ASP B 1 19 ? 2.782   -16.725 -10.986 1.00 37.85 ? 19 ASP B O   1 
ATOM   937  C  CB  . ASP B 1 19 ? 2.612   -14.586 -12.777 1.00 49.38 ? 19 ASP B CB  1 
ATOM   938  C  CG  . ASP B 1 19 ? 3.830   -13.698 -13.017 1.00 53.79 ? 19 ASP B CG  1 
ATOM   939  O  OD1 . ASP B 1 19 ? 4.114   -13.379 -14.201 1.00 53.23 ? 19 ASP B OD1 1 
ATOM   940  O  OD2 . ASP B 1 19 ? 4.549   -13.279 -12.073 1.00 59.10 ? 19 ASP B OD2 1 
ATOM   941  N  N   . ASN B 1 20 ? 1.159   -15.950 -9.614  1.00 33.23 ? 20 ASN B N   1 
ATOM   942  C  CA  . ASN B 1 20 ? 0.642   -17.260 -9.226  1.00 26.20 ? 20 ASN B CA  1 
ATOM   943  C  C   . ASN B 1 20 ? -0.756  -17.280 -9.765  1.00 26.09 ? 20 ASN B C   1 
ATOM   944  O  O   . ASN B 1 20 ? -1.690  -17.708 -9.087  1.00 27.60 ? 20 ASN B O   1 
ATOM   945  C  CB  . ASN B 1 20 ? 0.610   -17.477 -7.722  1.00 28.04 ? 20 ASN B CB  1 
ATOM   946  C  CG  . ASN B 1 20 ? 1.813   -16.916 -7.035  1.00 38.26 ? 20 ASN B CG  1 
ATOM   947  O  OD1 . ASN B 1 20 ? 1.783   -16.621 -5.824  1.00 36.51 ? 20 ASN B OD1 1 
ATOM   948  N  ND2 . ASN B 1 20 ? 2.901   -16.751 -7.801  1.00 40.40 ? 20 ASN B ND2 1 
ATOM   949  N  N   . GLU B 1 21 ? -0.901  -16.767 -10.981 1.00 26.39 ? 21 GLU B N   1 
ATOM   950  C  CA  . GLU B 1 21 ? -2.192  -16.683 -11.628 1.00 29.67 ? 21 GLU B CA  1 
ATOM   951  C  C   . GLU B 1 21 ? -2.665  -18.097 -11.901 1.00 33.41 ? 21 GLU B C   1 
ATOM   952  O  O   . GLU B 1 21 ? -1.933  -18.919 -12.483 1.00 38.71 ? 21 GLU B O   1 
ATOM   953  C  CB  . GLU B 1 21 ? -2.087  -15.849 -12.909 1.00 29.00 ? 21 GLU B CB  1 
ATOM   954  C  CG  . GLU B 1 21 ? -2.498  -14.413 -12.701 1.00 25.41 ? 21 GLU B CG  1 
ATOM   955  C  CD  . GLU B 1 21 ? -2.261  -13.590 -13.931 1.00 35.56 ? 21 GLU B CD  1 
ATOM   956  O  OE1 . GLU B 1 21 ? -1.070  -13.237 -14.210 1.00 36.64 ? 21 GLU B OE1 1 
ATOM   957  O  OE2 . GLU B 1 21 ? -3.275  -13.300 -14.615 1.00 36.23 ? 21 GLU B OE2 1 
ATOM   958  N  N   . GLY B 1 22 ? -3.876  -18.403 -11.451 1.00 35.68 ? 22 GLY B N   1 
ATOM   959  C  CA  . GLY B 1 22 ? -4.416  -19.745 -11.626 1.00 32.74 ? 22 GLY B CA  1 
ATOM   960  C  C   . GLY B 1 22 ? -4.262  -20.573 -10.374 1.00 31.55 ? 22 GLY B C   1 
ATOM   961  O  O   . GLY B 1 22 ? -4.595  -21.746 -10.364 1.00 27.53 ? 22 GLY B O   1 
ATOM   962  N  N   . ILE B 1 23 ? -3.757  -19.940 -9.311  1.00 33.14 ? 23 ILE B N   1 
ATOM   963  C  CA  . ILE B 1 23 ? -3.664  -20.575 -8.010  1.00 27.89 ? 23 ILE B CA  1 
ATOM   964  C  C   . ILE B 1 23 ? -5.093  -20.803 -7.556  1.00 29.60 ? 23 ILE B C   1 
ATOM   965  O  O   . ILE B 1 23 ? -6.001  -20.059 -7.953  1.00 33.13 ? 23 ILE B O   1 
ATOM   966  C  CB  . ILE B 1 23 ? -2.813  -19.723 -7.001  1.00 26.08 ? 23 ILE B CB  1 
ATOM   967  C  CG1 . ILE B 1 23 ? -2.265  -20.607 -5.856  1.00 22.13 ? 23 ILE B CG1 1 
ATOM   968  C  CG2 . ILE B 1 23 ? -3.586  -18.474 -6.497  1.00 27.94 ? 23 ILE B CG2 1 
ATOM   969  C  CD1 . ILE B 1 23 ? -0.956  -20.128 -5.166  1.00 9.53  ? 23 ILE B CD1 1 
ATOM   970  N  N   . ALA B 1 24 ? -5.288  -21.891 -6.811  1.00 27.49 ? 24 ALA B N   1 
ATOM   971  C  CA  . ALA B 1 24 ? -6.492  -22.123 -6.040  1.00 23.78 ? 24 ALA B CA  1 
ATOM   972  C  C   . ALA B 1 24 ? -6.516  -21.088 -4.905  1.00 24.18 ? 24 ALA B C   1 
ATOM   973  O  O   . ALA B 1 24 ? -5.514  -20.861 -4.224  1.00 23.90 ? 24 ALA B O   1 
ATOM   974  C  CB  . ALA B 1 24 ? -6.495  -23.546 -5.502  1.00 20.10 ? 24 ALA B CB  1 
ATOM   975  N  N   . THR B 1 25 ? -7.662  -20.441 -4.752  1.00 24.83 ? 25 THR B N   1 
ATOM   976  C  CA  . THR B 1 25 ? -7.904  -19.450 -3.721  1.00 23.25 ? 25 THR B CA  1 
ATOM   977  C  C   . THR B 1 25 ? -7.328  -19.826 -2.342  1.00 24.74 ? 25 THR B C   1 
ATOM   978  O  O   . THR B 1 25 ? -6.620  -19.043 -1.690  1.00 26.02 ? 25 THR B O   1 
ATOM   979  C  CB  . THR B 1 25 ? -9.417  -19.274 -3.579  1.00 24.78 ? 25 THR B CB  1 
ATOM   980  O  OG1 . THR B 1 25 ? -9.993  -19.010 -4.859  1.00 22.40 ? 25 THR B OG1 1 
ATOM   981  C  CG2 . THR B 1 25 ? -9.729  -18.024 -2.763  1.00 27.14 ? 25 THR B CG2 1 
ATOM   982  N  N   . TYR B 1 26 ? -7.679  -21.033 -1.899  1.00 25.46 ? 26 TYR B N   1 
ATOM   983  C  CA  . TYR B 1 26 ? -7.257  -21.600 -0.618  1.00 25.52 ? 26 TYR B CA  1 
ATOM   984  C  C   . TYR B 1 26 ? -5.744  -21.610 -0.472  1.00 26.11 ? 26 TYR B C   1 
ATOM   985  O  O   . TYR B 1 26 ? -5.199  -21.203 0.560   1.00 23.76 ? 26 TYR B O   1 
ATOM   986  C  CB  . TYR B 1 26 ? -7.774  -23.031 -0.567  1.00 27.69 ? 26 TYR B CB  1 
ATOM   987  C  CG  . TYR B 1 26 ? -7.233  -23.910 0.556   1.00 30.88 ? 26 TYR B CG  1 
ATOM   988  C  CD1 . TYR B 1 26 ? -7.682  -23.757 1.878   1.00 31.10 ? 26 TYR B CD1 1 
ATOM   989  C  CD2 . TYR B 1 26 ? -6.299  -24.923 0.288   1.00 31.01 ? 26 TYR B CD2 1 
ATOM   990  C  CE1 . TYR B 1 26 ? -7.194  -24.573 2.929   1.00 32.24 ? 26 TYR B CE1 1 
ATOM   991  C  CE2 . TYR B 1 26 ? -5.807  -25.750 1.315   1.00 33.14 ? 26 TYR B CE2 1 
ATOM   992  C  CZ  . TYR B 1 26 ? -6.257  -25.578 2.640   1.00 36.86 ? 26 TYR B CZ  1 
ATOM   993  O  OH  . TYR B 1 26 ? -5.770  -26.401 3.657   1.00 35.50 ? 26 TYR B OH  1 
ATOM   994  N  N   . ASP B 1 27 ? -5.082  -22.093 -1.522  1.00 25.34 ? 27 ASP B N   1 
ATOM   995  C  CA  . ASP B 1 27 ? -3.617  -22.074 -1.618  1.00 27.84 ? 27 ASP B CA  1 
ATOM   996  C  C   . ASP B 1 27 ? -2.992  -20.676 -1.645  1.00 27.82 ? 27 ASP B C   1 
ATOM   997  O  O   . ASP B 1 27 ? -1.890  -20.498 -1.118  1.00 31.11 ? 27 ASP B O   1 
ATOM   998  C  CB  . ASP B 1 27 ? -3.124  -22.876 -2.820  1.00 26.37 ? 27 ASP B CB  1 
ATOM   999  C  CG  . ASP B 1 27 ? -3.491  -24.373 -2.748  1.00 31.09 ? 27 ASP B CG  1 
ATOM   1000 O  OD1 . ASP B 1 27 ? -3.333  -25.030 -1.669  1.00 29.81 ? 27 ASP B OD1 1 
ATOM   1001 O  OD2 . ASP B 1 27 ? -3.929  -24.967 -3.764  1.00 24.96 ? 27 ASP B OD2 1 
ATOM   1002 N  N   . LEU B 1 28 ? -3.672  -19.698 -2.248  1.00 26.66 ? 28 LEU B N   1 
ATOM   1003 C  CA  . LEU B 1 28 ? -3.179  -18.327 -2.201  1.00 24.79 ? 28 LEU B CA  1 
ATOM   1004 C  C   . LEU B 1 28 ? -3.233  -17.845 -0.757  1.00 26.41 ? 28 LEU B C   1 
ATOM   1005 O  O   . LEU B 1 28 ? -2.317  -17.156 -0.273  1.00 24.25 ? 28 LEU B O   1 
ATOM   1006 C  CB  . LEU B 1 28 ? -4.001  -17.422 -3.102  1.00 23.63 ? 28 LEU B CB  1 
ATOM   1007 C  CG  . LEU B 1 28 ? -3.565  -15.957 -3.224  1.00 22.71 ? 28 LEU B CG  1 
ATOM   1008 C  CD1 . LEU B 1 28 ? -2.087  -15.769 -3.712  1.00 13.69 ? 28 LEU B CD1 1 
ATOM   1009 C  CD2 . LEU B 1 28 ? -4.573  -15.184 -4.094  1.00 17.52 ? 28 LEU B CD2 1 
ATOM   1010 N  N   . TYR B 1 29 ? -4.297  -18.249 -0.052  1.00 26.42 ? 29 TYR B N   1 
ATOM   1011 C  CA  . TYR B 1 29 ? -4.415  -17.889 1.341   1.00 23.99 ? 29 TYR B CA  1 
ATOM   1012 C  C   . TYR B 1 29 ? -3.180  -18.326 2.089   1.00 28.34 ? 29 TYR B C   1 
ATOM   1013 O  O   . TYR B 1 29 ? -2.552  -17.515 2.774   1.00 30.37 ? 29 TYR B O   1 
ATOM   1014 C  CB  . TYR B 1 29 ? -5.599  -18.525 2.057   1.00 23.65 ? 29 TYR B CB  1 
ATOM   1015 C  CG  . TYR B 1 29 ? -5.418  -18.297 3.559   1.00 22.01 ? 29 TYR B CG  1 
ATOM   1016 C  CD1 . TYR B 1 29 ? -5.576  -17.012 4.092   1.00 19.03 ? 29 TYR B CD1 1 
ATOM   1017 C  CD2 . TYR B 1 29 ? -4.997  -19.320 4.420   1.00 17.70 ? 29 TYR B CD2 1 
ATOM   1018 C  CE1 . TYR B 1 29 ? -5.381  -16.737 5.427   1.00 16.13 ? 29 TYR B CE1 1 
ATOM   1019 C  CE2 . TYR B 1 29 ? -4.790  -19.044 5.785   1.00 14.98 ? 29 TYR B CE2 1 
ATOM   1020 C  CZ  . TYR B 1 29 ? -4.993  -17.741 6.266   1.00 16.00 ? 29 TYR B CZ  1 
ATOM   1021 O  OH  . TYR B 1 29 ? -4.816  -17.397 7.580   1.00 13.41 ? 29 TYR B OH  1 
ATOM   1022 N  N   . LYS B 1 30 ? -2.868  -19.622 1.997   1.00 26.20 ? 30 LYS B N   1 
ATOM   1023 C  CA  . LYS B 1 30 ? -1.736  -20.198 2.725   1.00 24.57 ? 30 LYS B CA  1 
ATOM   1024 C  C   . LYS B 1 30 ? -0.408  -19.473 2.443   1.00 26.49 ? 30 LYS B C   1 
ATOM   1025 O  O   . LYS B 1 30 ? 0.326   -19.155 3.383   1.00 32.66 ? 30 LYS B O   1 
ATOM   1026 C  CB  . LYS B 1 30 ? -1.616  -21.703 2.462   1.00 23.27 ? 30 LYS B CB  1 
ATOM   1027 C  CG  . LYS B 1 30 ? -2.967  -22.395 2.473   1.00 24.41 ? 30 LYS B CG  1 
ATOM   1028 C  CD  . LYS B 1 30 ? -2.909  -23.702 3.172   1.00 27.59 ? 30 LYS B CD  1 
ATOM   1029 C  CE  . LYS B 1 30 ? -2.618  -24.838 2.157   1.00 35.19 ? 30 LYS B CE  1 
ATOM   1030 N  NZ  . LYS B 1 30 ? -2.639  -26.236 2.754   1.00 37.45 ? 30 LYS B NZ  1 
ATOM   1031 N  N   . LYS B 1 31 ? -0.126  -19.192 1.168   1.00 23.17 ? 31 LYS B N   1 
ATOM   1032 C  CA  . LYS B 1 31 ? 1.085   -18.498 0.758   1.00 25.51 ? 31 LYS B CA  1 
ATOM   1033 C  C   . LYS B 1 31 ? 1.187   -17.117 1.385   1.00 28.84 ? 31 LYS B C   1 
ATOM   1034 O  O   . LYS B 1 31 ? 2.198   -16.785 2.020   1.00 28.21 ? 31 LYS B O   1 
ATOM   1035 C  CB  . LYS B 1 31 ? 1.083   -18.360 -0.747  1.00 28.35 ? 31 LYS B CB  1 
ATOM   1036 C  CG  . LYS B 1 31 ? 1.993   -19.359 -1.462  1.00 37.67 ? 31 LYS B CG  1 
ATOM   1037 C  CD  . LYS B 1 31 ? 2.502   -18.856 -2.847  1.00 41.70 ? 31 LYS B CD  1 
ATOM   1038 C  CE  . LYS B 1 31 ? 3.252   -17.498 -2.774  1.00 42.67 ? 31 LYS B CE  1 
ATOM   1039 N  NZ  . LYS B 1 31 ? 2.976   -16.692 -1.528  1.00 39.60 ? 31 LYS B NZ  1 
ATOM   1040 N  N   . VAL B 1 32 ? 0.122   -16.329 1.205   1.00 26.61 ? 32 VAL B N   1 
ATOM   1041 C  CA  . VAL B 1 32 ? -0.020  -14.996 1.776   1.00 23.93 ? 32 VAL B CA  1 
ATOM   1042 C  C   . VAL B 1 32 ? 0.242   -15.062 3.284   1.00 27.68 ? 32 VAL B C   1 
ATOM   1043 O  O   . VAL B 1 32 ? 1.006   -14.261 3.857   1.00 30.16 ? 32 VAL B O   1 
ATOM   1044 C  CB  . VAL B 1 32 ? -1.454  -14.438 1.487   1.00 23.78 ? 32 VAL B CB  1 
ATOM   1045 C  CG1 . VAL B 1 32 ? -1.677  -13.140 2.150   1.00 22.56 ? 32 VAL B CG1 1 
ATOM   1046 C  CG2 . VAL B 1 32 ? -1.663  -14.218 0.025   1.00 24.54 ? 32 VAL B CG2 1 
ATOM   1047 N  N   . ASN B 1 33 ? -0.379  -16.038 3.929   1.00 26.89 ? 33 ASN B N   1 
ATOM   1048 C  CA  . ASN B 1 33 ? -0.340  -16.117 5.398   1.00 25.23 ? 33 ASN B CA  1 
ATOM   1049 C  C   . ASN B 1 33 ? 1.057   -16.372 5.983   1.00 25.27 ? 33 ASN B C   1 
ATOM   1050 O  O   . ASN B 1 33 ? 1.330   -15.968 7.112   1.00 26.31 ? 33 ASN B O   1 
ATOM   1051 C  CB  . ASN B 1 33 ? -1.346  -17.141 5.926   1.00 20.16 ? 33 ASN B CB  1 
ATOM   1052 C  CG  . ASN B 1 33 ? -1.561  -17.022 7.414   1.00 22.68 ? 33 ASN B CG  1 
ATOM   1053 O  OD1 . ASN B 1 33 ? -1.689  -15.916 7.980   1.00 26.23 ? 33 ASN B OD1 1 
ATOM   1054 N  ND2 . ASN B 1 33 ? -1.593  -18.158 8.068   1.00 17.89 ? 33 ASN B ND2 1 
ATOM   1055 N  N   . ALA B 1 34 ? 1.934   -17.004 5.199   1.00 28.59 ? 34 ALA B N   1 
ATOM   1056 C  CA  . ALA B 1 34 ? 3.318   -17.294 5.604   1.00 28.38 ? 34 ALA B CA  1 
ATOM   1057 C  C   . ALA B 1 34 ? 4.178   -16.054 5.951   1.00 28.68 ? 34 ALA B C   1 
ATOM   1058 O  O   . ALA B 1 34 ? 4.884   -16.065 6.962   1.00 29.72 ? 34 ALA B O   1 
ATOM   1059 C  CB  . ALA B 1 34 ? 4.023   -18.188 4.551   1.00 23.74 ? 34 ALA B CB  1 
ATOM   1060 N  N   . GLU B 1 35 ? 4.117   -15.006 5.129   1.00 28.80 ? 35 GLU B N   1 
ATOM   1061 C  CA  . GLU B 1 35 ? 4.872   -13.777 5.384   1.00 31.70 ? 35 GLU B CA  1 
ATOM   1062 C  C   . GLU B 1 35 ? 3.985   -12.750 6.048   1.00 34.42 ? 35 GLU B C   1 
ATOM   1063 O  O   . GLU B 1 35 ? 4.456   -11.892 6.810   1.00 38.37 ? 35 GLU B O   1 
ATOM   1064 C  CB  . GLU B 1 35 ? 5.391   -13.159 4.084   1.00 33.98 ? 35 GLU B CB  1 
ATOM   1065 C  CG  . GLU B 1 35 ? 6.729   -13.667 3.596   1.00 40.02 ? 35 GLU B CG  1 
ATOM   1066 C  CD  . GLU B 1 35 ? 6.562   -14.656 2.452   1.00 46.91 ? 35 GLU B CD  1 
ATOM   1067 O  OE1 . GLU B 1 35 ? 7.053   -14.381 1.324   1.00 44.10 ? 35 GLU B OE1 1 
ATOM   1068 O  OE2 . GLU B 1 35 ? 5.930   -15.716 2.681   1.00 53.05 ? 35 GLU B OE2 1 
ATOM   1069 N  N   . PHE B 1 36 ? 2.695   -12.802 5.735   1.00 36.38 ? 36 PHE B N   1 
ATOM   1070 C  CA  . PHE B 1 36 ? 1.766   -11.804 6.267   1.00 37.16 ? 36 PHE B CA  1 
ATOM   1071 C  C   . PHE B 1 36 ? 0.605   -12.494 6.882   1.00 35.72 ? 36 PHE B C   1 
ATOM   1072 O  O   . PHE B 1 36 ? -0.409  -12.747 6.227   1.00 37.00 ? 36 PHE B O   1 
ATOM   1073 C  CB  . PHE B 1 36 ? 1.323   -10.849 5.176   1.00 36.67 ? 36 PHE B CB  1 
ATOM   1074 C  CG  . PHE B 1 36 ? 2.442   -10.043 4.654   1.00 36.79 ? 36 PHE B CG  1 
ATOM   1075 C  CD1 . PHE B 1 36 ? 3.205   -10.509 3.594   1.00 32.32 ? 36 PHE B CD1 1 
ATOM   1076 C  CD2 . PHE B 1 36 ? 2.795   -8.858  5.273   1.00 36.29 ? 36 PHE B CD2 1 
ATOM   1077 C  CE1 . PHE B 1 36 ? 4.268   -9.799  3.131   1.00 29.22 ? 36 PHE B CE1 1 
ATOM   1078 C  CE2 . PHE B 1 36 ? 3.859   -8.131  4.815   1.00 32.61 ? 36 PHE B CE2 1 
ATOM   1079 C  CZ  . PHE B 1 36 ? 4.597   -8.600  3.736   1.00 34.09 ? 36 PHE B CZ  1 
ATOM   1080 N  N   . PRO B 1 37 ? 0.769   -12.850 8.142   1.00 34.71 ? 37 PRO B N   1 
ATOM   1081 C  CA  . PRO B 1 37 ? -0.277  -13.610 8.822   1.00 33.01 ? 37 PRO B CA  1 
ATOM   1082 C  C   . PRO B 1 37 ? -1.561  -12.756 8.822   1.00 32.65 ? 37 PRO B C   1 
ATOM   1083 O  O   . PRO B 1 37 ? -1.547  -11.514 9.090   1.00 29.61 ? 37 PRO B O   1 
ATOM   1084 C  CB  . PRO B 1 37 ? 0.319   -13.863 10.212  1.00 29.83 ? 37 PRO B CB  1 
ATOM   1085 C  CG  . PRO B 1 37 ? 1.809   -13.738 9.997   1.00 28.22 ? 37 PRO B CG  1 
ATOM   1086 C  CD  . PRO B 1 37 ? 1.923   -12.573 9.020   1.00 32.89 ? 37 PRO B CD  1 
HETATM 1087 N  N   . MSE B 1 38 ? -2.651  -13.407 8.427   1.00 25.73 ? 38 MSE B N   1 
HETATM 1088 C  CA  . MSE B 1 38 ? -3.956  -12.773 8.451   1.00 23.42 ? 38 MSE B CA  1 
HETATM 1089 C  C   . MSE B 1 38 ? -4.992  -13.861 8.546   1.00 20.72 ? 38 MSE B C   1 
HETATM 1090 O  O   . MSE B 1 38 ? -4.719  -15.023 8.213   1.00 24.43 ? 38 MSE B O   1 
HETATM 1091 C  CB  . MSE B 1 38 ? -4.179  -11.901 7.212   1.00 22.00 ? 38 MSE B CB  1 
HETATM 1092 C  CG  . MSE B 1 38 ? -4.831  -12.624 6.035   1.00 25.55 ? 38 MSE B CG  1 
HETATM 1093 SE SE  . MSE B 1 38 ? -4.531  -11.654 4.391   1.00 35.05 ? 38 MSE B SE  1 
HETATM 1094 C  CE  . MSE B 1 38 ? -6.271  -11.324 3.832   1.00 31.57 ? 38 MSE B CE  1 
ATOM   1095 N  N   . SER B 1 39 ? -6.183  -13.492 8.992   1.00 15.69 ? 39 SER B N   1 
ATOM   1096 C  CA  . SER B 1 39 ? -7.235  -14.480 9.157   1.00 19.78 ? 39 SER B CA  1 
ATOM   1097 C  C   . SER B 1 39 ? -7.852  -14.773 7.790   1.00 20.07 ? 39 SER B C   1 
ATOM   1098 O  O   . SER B 1 39 ? -7.656  -14.020 6.839   1.00 18.04 ? 39 SER B O   1 
ATOM   1099 C  CB  . SER B 1 39 ? -8.301  -13.953 10.108  1.00 15.25 ? 39 SER B CB  1 
ATOM   1100 O  OG  . SER B 1 39 ? -8.790  -12.733 9.572   1.00 21.13 ? 39 SER B OG  1 
ATOM   1101 N  N   . THR B 1 40 ? -8.601  -15.868 7.709   1.00 21.08 ? 40 THR B N   1 
ATOM   1102 C  CA  . THR B 1 40 ? -9.371  -16.187 6.511   1.00 23.77 ? 40 THR B CA  1 
ATOM   1103 C  C   . THR B 1 40 ? -10.474 -15.160 6.305   1.00 23.84 ? 40 THR B C   1 
ATOM   1104 O  O   . THR B 1 40 ? -10.789 -14.800 5.177   1.00 28.86 ? 40 THR B O   1 
ATOM   1105 C  CB  . THR B 1 40 ? -9.948  -17.639 6.550   1.00 24.47 ? 40 THR B CB  1 
ATOM   1106 O  OG1 . THR B 1 40 ? -11.033 -17.732 7.498   1.00 22.80 ? 40 THR B OG1 1 
ATOM   1107 C  CG2 . THR B 1 40 ? -8.880  -18.651 7.027   1.00 14.59 ? 40 THR B CG2 1 
ATOM   1108 N  N   . ALA B 1 41 ? -11.034 -14.672 7.401   1.00 23.15 ? 41 ALA B N   1 
ATOM   1109 C  CA  . ALA B 1 41 ? -12.067 -13.671 7.342   1.00 21.69 ? 41 ALA B CA  1 
ATOM   1110 C  C   . ALA B 1 41 ? -11.506 -12.505 6.589   1.00 22.80 ? 41 ALA B C   1 
ATOM   1111 O  O   . ALA B 1 41 ? -12.093 -12.077 5.599   1.00 25.29 ? 41 ALA B O   1 
ATOM   1112 C  CB  . ALA B 1 41 ? -12.452 -13.281 8.708   1.00 13.77 ? 41 ALA B CB  1 
ATOM   1113 N  N   . THR B 1 42 ? -10.348 -12.022 7.048   1.00 24.99 ? 42 THR B N   1 
ATOM   1114 C  CA  . THR B 1 42 ? -9.640  -10.898 6.434   1.00 19.32 ? 42 THR B CA  1 
ATOM   1115 C  C   . THR B 1 42 ? -9.304  -11.198 4.976   1.00 24.24 ? 42 THR B C   1 
ATOM   1116 O  O   . THR B 1 42 ? -9.530  -10.359 4.102   1.00 27.51 ? 42 THR B O   1 
ATOM   1117 C  CB  . THR B 1 42 ? -8.333  -10.585 7.188   1.00 18.90 ? 42 THR B CB  1 
ATOM   1118 O  OG1 . THR B 1 42 ? -8.607  -10.206 8.547   1.00 10.79 ? 42 THR B OG1 1 
ATOM   1119 C  CG2 . THR B 1 42 ? -7.642  -9.364  6.559   1.00 8.82  ? 42 THR B CG2 1 
ATOM   1120 N  N   . PHE B 1 43 ? -8.752  -12.390 4.714   1.00 25.36 ? 43 PHE B N   1 
ATOM   1121 C  CA  . PHE B 1 43 ? -8.343  -12.805 3.355   1.00 25.06 ? 43 PHE B CA  1 
ATOM   1122 C  C   . PHE B 1 43 ? -9.502  -12.754 2.380   1.00 26.36 ? 43 PHE B C   1 
ATOM   1123 O  O   . PHE B 1 43 ? -9.409  -12.145 1.320   1.00 22.95 ? 43 PHE B O   1 
ATOM   1124 C  CB  . PHE B 1 43 ? -7.767  -14.234 3.362   1.00 23.82 ? 43 PHE B CB  1 
ATOM   1125 C  CG  . PHE B 1 43 ? -7.438  -14.769 1.985   1.00 20.49 ? 43 PHE B CG  1 
ATOM   1126 C  CD1 . PHE B 1 43 ? -6.179  -14.564 1.426   1.00 16.72 ? 43 PHE B CD1 1 
ATOM   1127 C  CD2 . PHE B 1 43 ? -8.390  -15.474 1.245   1.00 15.05 ? 43 PHE B CD2 1 
ATOM   1128 C  CE1 . PHE B 1 43 ? -5.878  -15.063 0.162   1.00 16.19 ? 43 PHE B CE1 1 
ATOM   1129 C  CE2 . PHE B 1 43 ? -8.085  -15.949 -0.027  1.00 16.38 ? 43 PHE B CE2 1 
ATOM   1130 C  CZ  . PHE B 1 43 ? -6.835  -15.759 -0.567  1.00 7.08  ? 43 PHE B CZ  1 
ATOM   1131 N  N   . TYR B 1 44 ? -10.592 -13.425 2.748   1.00 25.02 ? 44 TYR B N   1 
ATOM   1132 C  CA  . TYR B 1 44 ? -11.784 -13.474 1.915   1.00 26.07 ? 44 TYR B CA  1 
ATOM   1133 C  C   . TYR B 1 44 ? -12.447 -12.102 1.736   1.00 24.23 ? 44 TYR B C   1 
ATOM   1134 O  O   . TYR B 1 44 ? -12.987 -11.816 0.677   1.00 26.07 ? 44 TYR B O   1 
ATOM   1135 C  CB  . TYR B 1 44 ? -12.748 -14.569 2.402   1.00 24.54 ? 44 TYR B CB  1 
ATOM   1136 C  CG  . TYR B 1 44 ? -12.343 -15.960 1.885   1.00 30.34 ? 44 TYR B CG  1 
ATOM   1137 C  CD1 . TYR B 1 44 ? -11.483 -16.794 2.619   1.00 30.49 ? 44 TYR B CD1 1 
ATOM   1138 C  CD2 . TYR B 1 44 ? -12.786 -16.423 0.631   1.00 30.75 ? 44 TYR B CD2 1 
ATOM   1139 C  CE1 . TYR B 1 44 ? -11.089 -18.062 2.112   1.00 30.76 ? 44 TYR B CE1 1 
ATOM   1140 C  CE2 . TYR B 1 44 ? -12.407 -17.682 0.134   1.00 31.72 ? 44 TYR B CE2 1 
ATOM   1141 C  CZ  . TYR B 1 44 ? -11.565 -18.493 0.877   1.00 30.45 ? 44 TYR B CZ  1 
ATOM   1142 O  OH  . TYR B 1 44 ? -11.219 -19.733 0.381   1.00 33.88 ? 44 TYR B OH  1 
ATOM   1143 N  N   . ASP B 1 45 ? -12.361 -11.241 2.752   1.00 23.39 ? 45 ASP B N   1 
ATOM   1144 C  CA  . ASP B 1 45 ? -12.804 -9.856  2.612   1.00 25.98 ? 45 ASP B CA  1 
ATOM   1145 C  C   . ASP B 1 45 ? -12.075 -9.189  1.458   1.00 26.72 ? 45 ASP B C   1 
ATOM   1146 O  O   . ASP B 1 45 ? -12.692 -8.485  0.635   1.00 26.36 ? 45 ASP B O   1 
ATOM   1147 C  CB  . ASP B 1 45 ? -12.545 -9.048  3.888   1.00 29.94 ? 45 ASP B CB  1 
ATOM   1148 C  CG  . ASP B 1 45 ? -13.713 -9.079  4.852   1.00 36.16 ? 45 ASP B CG  1 
ATOM   1149 O  OD1 . ASP B 1 45 ? -14.709 -9.806  4.578   1.00 37.87 ? 45 ASP B OD1 1 
ATOM   1150 O  OD2 . ASP B 1 45 ? -13.706 -8.422  5.921   1.00 37.27 ? 45 ASP B OD2 1 
ATOM   1151 N  N   . ALA B 1 46 ? -10.760 -9.423  1.416   1.00 20.15 ? 46 ALA B N   1 
ATOM   1152 C  CA  . ALA B 1 46 ? -9.898  -8.868  0.408   1.00 20.73 ? 46 ALA B CA  1 
ATOM   1153 C  C   . ALA B 1 46 ? -10.174 -9.493  -0.966  1.00 26.02 ? 46 ALA B C   1 
ATOM   1154 O  O   . ALA B 1 46 ? -10.233 -8.770  -1.960  1.00 30.30 ? 46 ALA B O   1 
ATOM   1155 C  CB  . ALA B 1 46 ? -8.463  -9.014  0.829   1.00 14.44 ? 46 ALA B CB  1 
ATOM   1156 N  N   . LYS B 1 47 ? -10.386 -10.810 -1.032  1.00 25.96 ? 47 LYS B N   1 
ATOM   1157 C  CA  . LYS B 1 47 ? -10.775 -11.438 -2.300  1.00 27.20 ? 47 LYS B CA  1 
ATOM   1158 C  C   . LYS B 1 47 ? -12.043 -10.755 -2.851  1.00 25.58 ? 47 LYS B C   1 
ATOM   1159 O  O   . LYS B 1 47 ? -12.134 -10.417 -4.041  1.00 23.64 ? 47 LYS B O   1 
ATOM   1160 C  CB  . LYS B 1 47 ? -11.015 -12.948 -2.125  1.00 25.42 ? 47 LYS B CB  1 
ATOM   1161 C  CG  . LYS B 1 47 ? -11.356 -13.637 -3.405  1.00 22.99 ? 47 LYS B CG  1 
ATOM   1162 C  CD  . LYS B 1 47 ? -12.035 -14.970 -3.150  1.00 32.26 ? 47 LYS B CD  1 
ATOM   1163 C  CE  . LYS B 1 47 ? -13.509 -14.983 -3.566  1.00 28.11 ? 47 LYS B CE  1 
ATOM   1164 N  NZ  . LYS B 1 47 ? -14.298 -16.001 -2.805  1.00 30.84 ? 47 LYS B NZ  1 
ATOM   1165 N  N   . LYS B 1 48 ? -13.005 -10.543 -1.957  1.00 23.80 ? 48 LYS B N   1 
ATOM   1166 C  CA  . LYS B 1 48 ? -14.304 -10.015 -2.339  1.00 26.08 ? 48 LYS B CA  1 
ATOM   1167 C  C   . LYS B 1 48 ? -14.090 -8.666  -2.964  1.00 27.02 ? 48 LYS B C   1 
ATOM   1168 O  O   . LYS B 1 48 ? -14.503 -8.424  -4.086  1.00 27.54 ? 48 LYS B O   1 
ATOM   1169 C  CB  . LYS B 1 48 ? -15.260 -9.927  -1.137  1.00 25.68 ? 48 LYS B CB  1 
ATOM   1170 C  CG  . LYS B 1 48 ? -16.597 -9.186  -1.402  1.00 30.90 ? 48 LYS B CG  1 
ATOM   1171 C  CD  . LYS B 1 48 ? -17.846 -9.997  -1.021  1.00 33.48 ? 48 LYS B CD  1 
ATOM   1172 C  CE  . LYS B 1 48 ? -18.407 -9.648  0.374   1.00 39.13 ? 48 LYS B CE  1 
ATOM   1173 N  NZ  . LYS B 1 48 ? -18.674 -8.186  0.596   1.00 39.16 ? 48 LYS B NZ  1 
ATOM   1174 N  N   . PHE B 1 49 ? -13.402 -7.805  -2.234  1.00 26.10 ? 49 PHE B N   1 
ATOM   1175 C  CA  . PHE B 1 49 ? -13.098 -6.462  -2.708  1.00 26.12 ? 49 PHE B CA  1 
ATOM   1176 C  C   . PHE B 1 49 ? -12.360 -6.411  -4.064  1.00 24.49 ? 49 PHE B C   1 
ATOM   1177 O  O   . PHE B 1 49 ? -12.769 -5.663  -4.957  1.00 24.13 ? 49 PHE B O   1 
ATOM   1178 C  CB  . PHE B 1 49 ? -12.366 -5.679  -1.631  1.00 19.44 ? 49 PHE B CB  1 
ATOM   1179 C  CG  . PHE B 1 49 ? -11.806 -4.399  -2.106  1.00 25.95 ? 49 PHE B CG  1 
ATOM   1180 C  CD1 . PHE B 1 49 ? -12.506 -3.218  -1.929  1.00 24.41 ? 49 PHE B CD1 1 
ATOM   1181 C  CD2 . PHE B 1 49 ? -10.553 -4.352  -2.740  1.00 32.50 ? 49 PHE B CD2 1 
ATOM   1182 C  CE1 . PHE B 1 49 ? -11.976 -1.991  -2.354  1.00 25.74 ? 49 PHE B CE1 1 
ATOM   1183 C  CE2 . PHE B 1 49 ? -10.006 -3.129  -3.174  1.00 32.39 ? 49 PHE B CE2 1 
ATOM   1184 C  CZ  . PHE B 1 49 ? -10.730 -1.941  -2.982  1.00 30.15 ? 49 PHE B CZ  1 
ATOM   1185 N  N   . LEU B 1 50 ? -11.296 -7.196  -4.224  1.00 24.66 ? 50 LEU B N   1 
ATOM   1186 C  CA  . LEU B 1 50 ? -10.518 -7.175  -5.465  1.00 23.80 ? 50 LEU B CA  1 
ATOM   1187 C  C   . LEU B 1 50 ? -11.372 -7.606  -6.651  1.00 25.92 ? 50 LEU B C   1 
ATOM   1188 O  O   . LEU B 1 50 ? -11.229 -7.073  -7.743  1.00 26.38 ? 50 LEU B O   1 
ATOM   1189 C  CB  . LEU B 1 50 ? -9.252  -8.046  -5.373  1.00 20.09 ? 50 LEU B CB  1 
ATOM   1190 C  CG  . LEU B 1 50 ? -8.233  -7.641  -4.311  1.00 19.41 ? 50 LEU B CG  1 
ATOM   1191 C  CD1 . LEU B 1 50 ? -7.232  -8.736  -4.051  1.00 13.99 ? 50 LEU B CD1 1 
ATOM   1192 C  CD2 . LEU B 1 50 ? -7.535  -6.333  -4.691  1.00 21.97 ? 50 LEU B CD2 1 
ATOM   1193 N  N   . ILE B 1 51 ? -12.269 -8.559  -6.445  1.00 24.92 ? 51 ILE B N   1 
ATOM   1194 C  CA  . ILE B 1 51 ? -13.126 -8.973  -7.556  1.00 24.83 ? 51 ILE B CA  1 
ATOM   1195 C  C   . ILE B 1 51 ? -14.155 -7.887  -7.825  1.00 25.04 ? 51 ILE B C   1 
ATOM   1196 O  O   . ILE B 1 51 ? -14.406 -7.545  -8.964  1.00 27.79 ? 51 ILE B O   1 
ATOM   1197 C  CB  . ILE B 1 51 ? -13.800 -10.304 -7.287  1.00 24.45 ? 51 ILE B CB  1 
ATOM   1198 C  CG1 . ILE B 1 51 ? -12.780 -11.434 -7.452  1.00 29.58 ? 51 ILE B CG1 1 
ATOM   1199 C  CG2 . ILE B 1 51 ? -15.006 -10.477 -8.208  1.00 21.73 ? 51 ILE B CG2 1 
ATOM   1200 C  CD1 . ILE B 1 51 ? -13.033 -12.681 -6.522  1.00 26.23 ? 51 ILE B CD1 1 
ATOM   1201 N  N   . GLN B 1 52 ? -14.727 -7.322  -6.774  1.00 24.84 ? 52 GLN B N   1 
ATOM   1202 C  CA  . GLN B 1 52 ? -15.797 -6.356  -6.968  1.00 27.75 ? 52 GLN B CA  1 
ATOM   1203 C  C   . GLN B 1 52 ? -15.292 -5.015  -7.501  1.00 28.21 ? 52 GLN B C   1 
ATOM   1204 O  O   . GLN B 1 52 ? -16.037 -4.331  -8.191  1.00 29.30 ? 52 GLN B O   1 
ATOM   1205 C  CB  . GLN B 1 52 ? -16.698 -6.209  -5.726  1.00 29.88 ? 52 GLN B CB  1 
ATOM   1206 C  CG  . GLN B 1 52 ? -15.972 -5.838  -4.450  1.00 37.07 ? 52 GLN B CG  1 
ATOM   1207 C  CD  . GLN B 1 52 ? -16.911 -5.513  -3.272  1.00 45.80 ? 52 GLN B CD  1 
ATOM   1208 O  OE1 . GLN B 1 52 ? -17.880 -6.261  -3.002  1.00 48.02 ? 52 GLN B OE1 1 
ATOM   1209 N  NE2 . GLN B 1 52 ? -16.623 -4.396  -2.563  1.00 37.35 ? 52 GLN B NE2 1 
ATOM   1210 N  N   . GLU B 1 53 ? -14.041 -4.652  -7.205  1.00 27.71 ? 53 GLU B N   1 
ATOM   1211 C  CA  . GLU B 1 53 ? -13.447 -3.454  -7.791  1.00 25.08 ? 53 GLU B CA  1 
ATOM   1212 C  C   . GLU B 1 53 ? -12.634 -3.759  -9.050  1.00 26.10 ? 53 GLU B C   1 
ATOM   1213 O  O   . GLU B 1 53 ? -11.932 -2.864  -9.565  1.00 26.74 ? 53 GLU B O   1 
ATOM   1214 C  CB  . GLU B 1 53 ? -12.612 -2.685  -6.767  1.00 27.24 ? 53 GLU B CB  1 
ATOM   1215 C  CG  . GLU B 1 53 ? -12.906 -1.173  -6.715  1.00 34.69 ? 53 GLU B CG  1 
ATOM   1216 C  CD  . GLU B 1 53 ? -14.400 -0.813  -6.562  1.00 36.09 ? 53 GLU B CD  1 
ATOM   1217 O  OE1 . GLU B 1 53 ? -14.880 0.114   -7.273  1.00 38.12 ? 53 GLU B OE1 1 
ATOM   1218 O  OE2 . GLU B 1 53 ? -15.100 -1.434  -5.733  1.00 31.97 ? 53 GLU B OE2 1 
ATOM   1219 N  N   . GLY B 1 54 ? -12.731 -5.012  -9.534  1.00 22.24 ? 54 GLY B N   1 
ATOM   1220 C  CA  . GLY B 1 54 ? -12.235 -5.383  -10.856 1.00 21.43 ? 54 GLY B CA  1 
ATOM   1221 C  C   . GLY B 1 54 ? -10.743 -5.606  -11.116 1.00 24.53 ? 54 GLY B C   1 
ATOM   1222 O  O   . GLY B 1 54 ? -10.291 -5.568  -12.256 1.00 24.16 ? 54 GLY B O   1 
ATOM   1223 N  N   . PHE B 1 55 ? -9.974  -5.849  -10.062 1.00 29.61 ? 55 PHE B N   1 
ATOM   1224 C  CA  . PHE B 1 55 ? -8.566  -6.236  -10.185 1.00 27.19 ? 55 PHE B CA  1 
ATOM   1225 C  C   . PHE B 1 55 ? -8.409  -7.722  -10.383 1.00 25.31 ? 55 PHE B C   1 
ATOM   1226 O  O   . PHE B 1 55 ? -7.515  -8.132  -11.081 1.00 25.15 ? 55 PHE B O   1 
ATOM   1227 C  CB  . PHE B 1 55 ? -7.778  -5.823  -8.940  1.00 29.89 ? 55 PHE B CB  1 
ATOM   1228 C  CG  . PHE B 1 55 ? -7.911  -4.375  -8.592  1.00 27.09 ? 55 PHE B CG  1 
ATOM   1229 C  CD1 . PHE B 1 55 ? -8.872  -3.950  -7.676  1.00 31.46 ? 55 PHE B CD1 1 
ATOM   1230 C  CD2 . PHE B 1 55 ? -7.069  -3.422  -9.176  1.00 26.45 ? 55 PHE B CD2 1 
ATOM   1231 C  CE1 . PHE B 1 55 ? -8.988  -2.575  -7.343  1.00 25.97 ? 55 PHE B CE1 1 
ATOM   1232 C  CE2 . PHE B 1 55 ? -7.186  -2.071  -8.853  1.00 19.89 ? 55 PHE B CE2 1 
ATOM   1233 C  CZ  . PHE B 1 55 ? -8.152  -1.656  -7.931  1.00 21.03 ? 55 PHE B CZ  1 
ATOM   1234 N  N   . VAL B 1 56 ? -9.265  -8.523  -9.741  1.00 27.27 ? 56 VAL B N   1 
ATOM   1235 C  CA  . VAL B 1 56 ? -9.200  -9.993  -9.811  1.00 28.30 ? 56 VAL B CA  1 
ATOM   1236 C  C   . VAL B 1 56 ? -10.475 -10.596 -10.383 1.00 27.47 ? 56 VAL B C   1 
ATOM   1237 O  O   . VAL B 1 56 ? -11.557 -10.022 -10.205 1.00 30.31 ? 56 VAL B O   1 
ATOM   1238 C  CB  . VAL B 1 56 ? -9.013  -10.583 -8.404  1.00 27.94 ? 56 VAL B CB  1 
ATOM   1239 C  CG1 . VAL B 1 56 ? -9.178  -12.085 -8.421  1.00 27.98 ? 56 VAL B CG1 1 
ATOM   1240 C  CG2 . VAL B 1 56 ? -7.657  -10.226 -7.896  1.00 28.58 ? 56 VAL B CG2 1 
ATOM   1241 N  N   . LYS B 1 57 ? -10.357 -11.746 -11.047 1.00 25.04 ? 57 LYS B N   1 
ATOM   1242 C  CA  . LYS B 1 57 ? -11.543 -12.562 -11.345 1.00 28.25 ? 57 LYS B CA  1 
ATOM   1243 C  C   . LYS B 1 57 ? -11.428 -13.992 -10.816 1.00 30.14 ? 57 LYS B C   1 
ATOM   1244 O  O   . LYS B 1 57 ? -10.361 -14.629 -10.873 1.00 27.34 ? 57 LYS B O   1 
ATOM   1245 C  CB  . LYS B 1 57 ? -11.970 -12.522 -12.832 1.00 25.53 ? 57 LYS B CB  1 
ATOM   1246 C  CG  . LYS B 1 57 ? -10.847 -12.619 -13.900 1.00 28.00 ? 57 LYS B CG  1 
ATOM   1247 C  CD  . LYS B 1 57 ? -11.282 -13.462 -15.157 1.00 36.52 ? 57 LYS B CD  1 
ATOM   1248 C  CE  . LYS B 1 57 ? -10.875 -12.860 -16.539 1.00 34.58 ? 57 LYS B CE  1 
ATOM   1249 N  NZ  . LYS B 1 57 ? -11.062 -11.375 -16.589 1.00 27.33 ? 57 LYS B NZ  1 
ATOM   1250 N  N   . GLU B 1 58 ? -12.535 -14.472 -10.266 1.00 33.85 ? 58 GLU B N   1 
ATOM   1251 C  CA  . GLU B 1 58 ? -12.652 -15.884 -9.896  1.00 38.09 ? 58 GLU B CA  1 
ATOM   1252 C  C   . GLU B 1 58 ? -13.290 -16.691 -11.034 1.00 39.81 ? 58 GLU B C   1 
ATOM   1253 O  O   . GLU B 1 58 ? -14.306 -16.274 -11.593 1.00 40.25 ? 58 GLU B O   1 
ATOM   1254 C  CB  . GLU B 1 58 ? -13.472 -16.058 -8.614  1.00 37.62 ? 58 GLU B CB  1 
ATOM   1255 C  CG  . GLU B 1 58 ? -13.370 -17.449 -7.996  1.00 37.51 ? 58 GLU B CG  1 
ATOM   1256 C  CD  . GLU B 1 58 ? -13.340 -17.439 -6.474  1.00 39.25 ? 58 GLU B CD  1 
ATOM   1257 O  OE1 . GLU B 1 58 ? -12.718 -18.346 -5.871  1.00 38.63 ? 58 GLU B OE1 1 
ATOM   1258 O  OE2 . GLU B 1 58 ? -13.939 -16.521 -5.870  1.00 39.33 ? 58 GLU B OE2 1 
ATOM   1259 N  N   . ARG B 1 59 ? -12.662 -17.812 -11.397 1.00 41.68 ? 59 ARG B N   1 
ATOM   1260 C  CA  . ARG B 1 59 ? -13.270 -18.818 -12.280 1.00 45.13 ? 59 ARG B CA  1 
ATOM   1261 C  C   . ARG B 1 59 ? -12.928 -20.184 -11.694 1.00 44.71 ? 59 ARG B C   1 
ATOM   1262 O  O   . ARG B 1 59 ? -11.840 -20.372 -11.144 1.00 44.92 ? 59 ARG B O   1 
ATOM   1263 C  CB  . ARG B 1 59 ? -12.769 -18.743 -13.747 1.00 46.91 ? 59 ARG B CB  1 
ATOM   1264 C  CG  . ARG B 1 59 ? -12.746 -17.359 -14.413 1.00 50.36 ? 59 ARG B CG  1 
ATOM   1265 C  CD  . ARG B 1 59 ? -14.056 -16.943 -15.082 1.00 52.97 ? 59 ARG B CD  1 
ATOM   1266 N  NE  . ARG B 1 59 ? -14.164 -15.479 -15.188 1.00 54.06 ? 59 ARG B NE  1 
ATOM   1267 C  CZ  . ARG B 1 59 ? -15.115 -14.827 -15.868 1.00 54.20 ? 59 ARG B CZ  1 
ATOM   1268 N  NH1 . ARG B 1 59 ? -16.069 -15.496 -16.516 1.00 51.70 ? 59 ARG B NH1 1 
ATOM   1269 N  NH2 . ARG B 1 59 ? -15.114 -13.498 -15.903 1.00 50.46 ? 59 ARG B NH2 1 
ATOM   1270 N  N   . GLN B 1 60 ? -13.865 -21.124 -11.805 1.00 43.41 ? 60 GLN B N   1 
ATOM   1271 C  CA  . GLN B 1 60 ? -13.601 -22.528 -11.481 1.00 42.06 ? 60 GLN B CA  1 
ATOM   1272 C  C   . GLN B 1 60 ? -12.894 -23.228 -12.659 1.00 40.50 ? 60 GLN B C   1 
ATOM   1273 O  O   . GLN B 1 60 ? -13.474 -23.399 -13.730 1.00 40.57 ? 60 GLN B O   1 
ATOM   1274 C  CB  . GLN B 1 60 ? -14.903 -23.232 -11.111 1.00 40.83 ? 60 GLN B CB  1 
ATOM   1275 C  CG  . GLN B 1 60 ? -14.847 -24.732 -11.188 1.00 44.22 ? 60 GLN B CG  1 
ATOM   1276 C  CD  . GLN B 1 60 ? -15.186 -25.405 -9.873  1.00 46.96 ? 60 GLN B CD  1 
ATOM   1277 O  OE1 . GLN B 1 60 ? -15.884 -24.837 -9.019  1.00 45.18 ? 60 GLN B OE1 1 
ATOM   1278 N  NE2 . GLN B 1 60 ? -14.700 -26.630 -9.708  1.00 50.68 ? 60 GLN B NE2 1 
ATOM   1279 N  N   . GLU B 1 61 ? -11.624 -23.580 -12.466 1.00 39.54 ? 61 GLU B N   1 
ATOM   1280 C  CA  . GLU B 1 61 ? -10.844 -24.309 -13.460 1.00 38.13 ? 61 GLU B CA  1 
ATOM   1281 C  C   . GLU B 1 61 ? -10.233 -25.502 -12.774 1.00 38.55 ? 61 GLU B C   1 
ATOM   1282 O  O   . GLU B 1 61 ? -9.941  -25.452 -11.580 1.00 36.87 ? 61 GLU B O   1 
ATOM   1283 C  CB  . GLU B 1 61 ? -9.711  -23.470 -14.053 1.00 40.28 ? 61 GLU B CB  1 
ATOM   1284 C  CG  . GLU B 1 61 ? -10.036 -22.006 -14.326 1.00 46.17 ? 61 GLU B CG  1 
ATOM   1285 C  CD  . GLU B 1 61 ? -10.781 -21.786 -15.632 1.00 46.23 ? 61 GLU B CD  1 
ATOM   1286 O  OE1 . GLU B 1 61 ? -11.781 -22.517 -15.874 1.00 40.40 ? 61 GLU B OE1 1 
ATOM   1287 O  OE2 . GLU B 1 61 ? -10.371 -20.867 -16.397 1.00 47.81 ? 61 GLU B OE2 1 
ATOM   1288 N  N   . ARG B 1 62 ? -10.057 -26.580 -13.533 1.00 37.10 ? 62 ARG B N   1 
ATOM   1289 C  CA  . ARG B 1 62 ? -9.339  -27.760 -13.068 1.00 34.72 ? 62 ARG B CA  1 
ATOM   1290 C  C   . ARG B 1 62 ? -9.836  -28.323 -11.726 1.00 30.95 ? 62 ARG B C   1 
ATOM   1291 O  O   . ARG B 1 62 ? -9.060  -28.914 -10.970 1.00 26.90 ? 62 ARG B O   1 
ATOM   1292 C  CB  . ARG B 1 62 ? -7.815  -27.510 -13.070 1.00 38.46 ? 62 ARG B CB  1 
ATOM   1293 C  CG  . ARG B 1 62 ? -6.954  -28.751 -13.394 1.00 43.87 ? 62 ARG B CG  1 
ATOM   1294 C  CD  . ARG B 1 62 ? -5.705  -28.479 -14.259 1.00 46.64 ? 62 ARG B CD  1 
ATOM   1295 N  NE  . ARG B 1 62 ? -5.504  -29.509 -15.288 1.00 49.51 ? 62 ARG B NE  1 
ATOM   1296 C  CZ  . ARG B 1 62 ? -5.064  -30.751 -15.052 1.00 53.62 ? 62 ARG B CZ  1 
ATOM   1297 N  NH1 . ARG B 1 62 ? -4.773  -31.130 -13.808 1.00 55.75 ? 62 ARG B NH1 1 
ATOM   1298 N  NH2 . ARG B 1 62 ? -4.917  -31.623 -16.056 1.00 50.73 ? 62 ARG B NH2 1 
ATOM   1299 N  N   . GLY B 1 63 ? -11.134 -28.167 -11.456 1.00 28.72 ? 63 GLY B N   1 
ATOM   1300 C  CA  . GLY B 1 63 ? -11.754 -28.743 -10.266 1.00 30.71 ? 63 GLY B CA  1 
ATOM   1301 C  C   . GLY B 1 63 ? -11.288 -28.005 -9.023  1.00 35.32 ? 63 GLY B C   1 
ATOM   1302 O  O   . GLY B 1 63 ? -10.875 -28.622 -8.030  1.00 37.99 ? 63 GLY B O   1 
ATOM   1303 N  N   . GLU B 1 64 ? -11.372 -26.676 -9.089  1.00 32.64 ? 64 GLU B N   1 
ATOM   1304 C  CA  . GLU B 1 64 ? -10.749 -25.799 -8.122  1.00 31.94 ? 64 GLU B CA  1 
ATOM   1305 C  C   . GLU B 1 64 ? -11.238 -24.362 -8.304  1.00 30.42 ? 64 GLU B C   1 
ATOM   1306 O  O   . GLU B 1 64 ? -11.611 -23.965 -9.406  1.00 27.69 ? 64 GLU B O   1 
ATOM   1307 C  CB  . GLU B 1 64 ? -9.238  -25.853 -8.309  1.00 34.39 ? 64 GLU B CB  1 
ATOM   1308 C  CG  . GLU B 1 64 ? -8.437  -25.768 -7.031  1.00 38.10 ? 64 GLU B CG  1 
ATOM   1309 C  CD  . GLU B 1 64 ? -8.924  -26.742 -5.990  1.00 41.52 ? 64 GLU B CD  1 
ATOM   1310 O  OE1 . GLU B 1 64 ? -8.749  -27.964 -6.239  1.00 41.49 ? 64 GLU B OE1 1 
ATOM   1311 O  OE2 . GLU B 1 64 ? -9.480  -26.274 -4.946  1.00 37.38 ? 64 GLU B OE2 1 
ATOM   1312 N  N   . LYS B 1 65 ? -11.259 -23.609 -7.206  1.00 29.52 ? 65 LYS B N   1 
ATOM   1313 C  CA  . LYS B 1 65 ? -11.603 -22.183 -7.215  1.00 31.01 ? 65 LYS B CA  1 
ATOM   1314 C  C   . LYS B 1 65 ? -10.331 -21.463 -7.611  1.00 29.70 ? 65 LYS B C   1 
ATOM   1315 O  O   . LYS B 1 65 ? -9.366  -21.447 -6.843  1.00 30.18 ? 65 LYS B O   1 
ATOM   1316 C  CB  . LYS B 1 65 ? -12.063 -21.701 -5.814  1.00 30.48 ? 65 LYS B CB  1 
ATOM   1317 C  CG  . LYS B 1 65 ? -13.584 -21.501 -5.595  1.00 27.49 ? 65 LYS B CG  1 
ATOM   1318 C  CD  . LYS B 1 65 ? -14.016 -21.999 -4.189  1.00 30.87 ? 65 LYS B CD  1 
ATOM   1319 C  CE  . LYS B 1 65 ? -15.435 -21.566 -3.782  1.00 29.36 ? 65 LYS B CE  1 
ATOM   1320 N  NZ  . LYS B 1 65 ? -16.425 -22.610 -4.162  1.00 22.54 ? 65 LYS B NZ  1 
ATOM   1321 N  N   . ARG B 1 66 ? -10.315 -20.890 -8.814  1.00 29.50 ? 66 ARG B N   1 
ATOM   1322 C  CA  . ARG B 1 66 ? -9.101  -20.269 -9.350  1.00 25.69 ? 66 ARG B CA  1 
ATOM   1323 C  C   . ARG B 1 66 ? -9.245  -18.757 -9.453  1.00 25.89 ? 66 ARG B C   1 
ATOM   1324 O  O   . ARG B 1 66 ? -10.262 -18.240 -9.926  1.00 24.66 ? 66 ARG B O   1 
ATOM   1325 C  CB  . ARG B 1 66 ? -8.749  -20.845 -10.716 1.00 26.62 ? 66 ARG B CB  1 
ATOM   1326 C  CG  . ARG B 1 66 ? -8.719  -22.343 -10.785 1.00 25.56 ? 66 ARG B CG  1 
ATOM   1327 C  CD  . ARG B 1 66 ? -7.351  -22.956 -10.508 1.00 26.77 ? 66 ARG B CD  1 
ATOM   1328 N  NE  . ARG B 1 66 ? -7.306  -24.386 -10.837 1.00 16.23 ? 66 ARG B NE  1 
ATOM   1329 C  CZ  . ARG B 1 66 ? -6.366  -25.244 -10.423 1.00 14.20 ? 66 ARG B CZ  1 
ATOM   1330 N  NH1 . ARG B 1 66 ? -5.348  -24.867 -9.657  1.00 14.36 ? 66 ARG B NH1 1 
ATOM   1331 N  NH2 . ARG B 1 66 ? -6.450  -26.506 -10.776 1.00 12.79 ? 66 ARG B NH2 1 
ATOM   1332 N  N   . LEU B 1 67 ? -8.211  -18.065 -8.993  1.00 24.93 ? 67 LEU B N   1 
ATOM   1333 C  CA  . LEU B 1 67 ? -8.154  -16.618 -9.005  1.00 25.78 ? 67 LEU B CA  1 
ATOM   1334 C  C   . LEU B 1 67 ? -7.242  -16.180 -10.151 1.00 27.34 ? 67 LEU B C   1 
ATOM   1335 O  O   . LEU B 1 67 ? -6.165  -16.772 -10.357 1.00 27.52 ? 67 LEU B O   1 
ATOM   1336 C  CB  . LEU B 1 67 ? -7.561  -16.133 -7.688  1.00 20.63 ? 67 LEU B CB  1 
ATOM   1337 C  CG  . LEU B 1 67 ? -8.437  -16.286 -6.466  1.00 24.63 ? 67 LEU B CG  1 
ATOM   1338 C  CD1 . LEU B 1 67 ? -7.630  -15.998 -5.202  1.00 22.05 ? 67 LEU B CD1 1 
ATOM   1339 C  CD2 . LEU B 1 67 ? -9.631  -15.353 -6.584  1.00 25.96 ? 67 LEU B CD2 1 
ATOM   1340 N  N   . TYR B 1 68 ? -7.655  -15.154 -10.892 1.00 24.50 ? 68 TYR B N   1 
ATOM   1341 C  CA  . TYR B 1 68 ? -6.802  -14.612 -11.946 1.00 26.66 ? 68 TYR B CA  1 
ATOM   1342 C  C   . TYR B 1 68 ? -6.776  -13.103 -11.860 1.00 27.36 ? 68 TYR B C   1 
ATOM   1343 O  O   . TYR B 1 68 ? -7.599  -12.526 -11.128 1.00 31.53 ? 68 TYR B O   1 
ATOM   1344 C  CB  . TYR B 1 68 ? -7.272  -15.063 -13.337 1.00 24.38 ? 68 TYR B CB  1 
ATOM   1345 C  CG  . TYR B 1 68 ? -7.157  -16.550 -13.560 1.00 27.55 ? 68 TYR B CG  1 
ATOM   1346 C  CD1 . TYR B 1 68 ? -8.239  -17.418 -13.223 1.00 30.73 ? 68 TYR B CD1 1 
ATOM   1347 C  CD2 . TYR B 1 68 ? -5.973  -17.120 -14.077 1.00 20.88 ? 68 TYR B CD2 1 
ATOM   1348 C  CE1 . TYR B 1 68 ? -8.155  -18.808 -13.410 1.00 28.76 ? 68 TYR B CE1 1 
ATOM   1349 C  CE2 . TYR B 1 68 ? -5.880  -18.525 -14.271 1.00 27.08 ? 68 TYR B CE2 1 
ATOM   1350 C  CZ  . TYR B 1 68 ? -6.981  -19.353 -13.937 1.00 29.95 ? 68 TYR B CZ  1 
ATOM   1351 O  OH  . TYR B 1 68 ? -6.920  -20.715 -14.126 1.00 33.77 ? 68 TYR B OH  1 
ATOM   1352 N  N   . LEU B 1 69 ? -5.825  -12.480 -12.578 1.00 24.66 ? 69 LEU B N   1 
ATOM   1353 C  CA  . LEU B 1 69 ? -5.712  -11.012 -12.630 1.00 27.20 ? 69 LEU B CA  1 
ATOM   1354 C  C   . LEU B 1 69 ? -6.313  -10.479 -13.909 1.00 26.71 ? 69 LEU B C   1 
ATOM   1355 O  O   . LEU B 1 69 ? -6.005  -10.947 -14.989 1.00 32.55 ? 69 LEU B O   1 
ATOM   1356 C  CB  . LEU B 1 69 ? -4.262  -10.489 -12.499 1.00 22.85 ? 69 LEU B CB  1 
ATOM   1357 C  CG  . LEU B 1 69 ? -3.441  -10.805 -11.242 1.00 19.71 ? 69 LEU B CG  1 
ATOM   1358 C  CD1 . LEU B 1 69 ? -1.948  -10.611 -11.459 1.00 16.74 ? 69 LEU B CD1 1 
ATOM   1359 C  CD2 . LEU B 1 69 ? -3.873  -9.962  -10.105 1.00 19.75 ? 69 LEU B CD2 1 
ATOM   1360 N  N   . THR B 1 70 ? -7.194  -9.504  -13.747 1.00 29.32 ? 70 THR B N   1 
ATOM   1361 C  CA  . THR B 1 70 ? -7.655  -8.643  -14.802 1.00 29.44 ? 70 THR B CA  1 
ATOM   1362 C  C   . THR B 1 70 ? -6.464  -7.807  -15.286 1.00 31.96 ? 70 THR B C   1 
ATOM   1363 O  O   . THR B 1 70 ? -5.395  -7.856  -14.681 1.00 36.98 ? 70 THR B O   1 
ATOM   1364 C  CB  . THR B 1 70 ? -8.744  -7.742  -14.231 1.00 29.12 ? 70 THR B CB  1 
ATOM   1365 O  OG1 . THR B 1 70 ? -9.435  -7.129  -15.310 1.00 40.43 ? 70 THR B OG1 1 
ATOM   1366 C  CG2 . THR B 1 70 ? -8.150  -6.546  -13.565 1.00 28.69 ? 70 THR B CG2 1 
ATOM   1367 N  N   . GLU B 1 71 ? -6.643  -7.051  -16.367 1.00 32.03 ? 71 GLU B N   1 
ATOM   1368 C  CA  . GLU B 1 71 ? -5.590  -6.190  -16.910 1.00 29.77 ? 71 GLU B CA  1 
ATOM   1369 C  C   . GLU B 1 71 ? -5.156  -5.079  -15.971 1.00 27.56 ? 71 GLU B C   1 
ATOM   1370 O  O   . GLU B 1 71 ? -3.962  -4.843  -15.823 1.00 28.45 ? 71 GLU B O   1 
ATOM   1371 C  CB  . GLU B 1 71 ? -6.025  -5.612  -18.239 1.00 32.34 ? 71 GLU B CB  1 
ATOM   1372 C  CG  . GLU B 1 71 ? -5.924  -6.639  -19.360 1.00 40.16 ? 71 GLU B CG  1 
ATOM   1373 C  CD  . GLU B 1 71 ? -5.447  -6.007  -20.663 1.00 46.07 ? 71 GLU B CD  1 
ATOM   1374 O  OE1 . GLU B 1 71 ? -5.154  -4.768  -20.625 1.00 46.69 ? 71 GLU B OE1 1 
ATOM   1375 O  OE2 . GLU B 1 71 ? -5.384  -6.734  -21.703 1.00 42.10 ? 71 GLU B OE2 1 
ATOM   1376 N  N   . LYS B 1 72 ? -6.147  -4.427  -15.349 1.00 25.97 ? 72 LYS B N   1 
ATOM   1377 C  CA  . LYS B 1 72 ? -6.028  -3.398  -14.313 1.00 23.42 ? 72 LYS B CA  1 
ATOM   1378 C  C   . LYS B 1 72 ? -5.232  -3.964  -13.149 1.00 27.59 ? 72 LYS B C   1 
ATOM   1379 O  O   . LYS B 1 72 ? -4.380  -3.283  -12.587 1.00 33.69 ? 72 LYS B O   1 
ATOM   1380 C  CB  . LYS B 1 72 ? -7.473  -2.988  -13.890 1.00 18.90 ? 72 LYS B CB  1 
ATOM   1381 C  CG  . LYS B 1 72 ? -7.745  -2.013  -12.687 1.00 23.19 ? 72 LYS B CG  1 
ATOM   1382 C  CD  . LYS B 1 72 ? -9.245  -2.119  -12.085 1.00 17.72 ? 72 LYS B CD  1 
ATOM   1383 C  CE  . LYS B 1 72 ? -10.175 -0.802  -12.114 1.00 17.71 ? 72 LYS B CE  1 
ATOM   1384 N  NZ  . LYS B 1 72 ? -9.749  0.581   -11.431 1.00 20.26 ? 72 LYS B NZ  1 
ATOM   1385 N  N   . GLY B 1 73 ? -5.501  -5.214  -12.790 1.00 27.05 ? 73 GLY B N   1 
ATOM   1386 C  CA  . GLY B 1 73 ? -4.841  -5.854  -11.662 1.00 28.54 ? 73 GLY B CA  1 
ATOM   1387 C  C   . GLY B 1 73 ? -3.409  -6.209  -11.983 1.00 29.33 ? 73 GLY B C   1 
ATOM   1388 O  O   . GLY B 1 73 ? -2.533  -6.079  -11.149 1.00 31.02 ? 73 GLY B O   1 
ATOM   1389 N  N   . LYS B 1 74 ? -3.187  -6.653  -13.209 1.00 30.54 ? 74 LYS B N   1 
ATOM   1390 C  CA  . LYS B 1 74 ? -1.859  -6.971  -13.724 1.00 30.37 ? 74 LYS B CA  1 
ATOM   1391 C  C   . LYS B 1 74 ? -0.922  -5.766  -13.571 1.00 31.46 ? 74 LYS B C   1 
ATOM   1392 O  O   . LYS B 1 74 ? 0.119   -5.920  -12.958 1.00 33.40 ? 74 LYS B O   1 
ATOM   1393 C  CB  . LYS B 1 74 ? -1.944  -7.442  -15.195 1.00 31.77 ? 74 LYS B CB  1 
ATOM   1394 C  CG  . LYS B 1 74 ? -1.309  -8.811  -15.478 1.00 30.96 ? 74 LYS B CG  1 
ATOM   1395 C  CD  . LYS B 1 74 ? -1.911  -9.480  -16.719 1.00 31.74 ? 74 LYS B CD  1 
ATOM   1396 C  CE  . LYS B 1 74 ? -1.663  -11.016 -16.786 1.00 34.19 ? 74 LYS B CE  1 
ATOM   1397 N  NZ  . LYS B 1 74 ? -2.895  -11.785 -17.147 1.00 31.47 ? 74 LYS B NZ  1 
ATOM   1398 N  N   . LEU B 1 75 ? -1.290  -4.579  -14.082 1.00 29.86 ? 75 LEU B N   1 
ATOM   1399 C  CA  . LEU B 1 75 ? -0.431  -3.360  -13.924 1.00 31.79 ? 75 LEU B CA  1 
ATOM   1400 C  C   . LEU B 1 75 ? -0.158  -3.007  -12.465 1.00 30.44 ? 75 LEU B C   1 
ATOM   1401 O  O   . LEU B 1 75 ? 0.966   -2.644  -12.066 1.00 33.95 ? 75 LEU B O   1 
ATOM   1402 C  CB  . LEU B 1 75 ? -1.050  -2.102  -14.571 1.00 32.69 ? 75 LEU B CB  1 
ATOM   1403 C  CG  . LEU B 1 75 ? -2.197  -2.404  -15.540 1.00 39.57 ? 75 LEU B CG  1 
ATOM   1404 C  CD1 . LEU B 1 75 ? -3.197  -1.226  -15.927 1.00 35.48 ? 75 LEU B CD1 1 
ATOM   1405 C  CD2 . LEU B 1 75 ? -1.536  -2.992  -16.767 1.00 42.10 ? 75 LEU B CD2 1 
ATOM   1406 N  N   . PHE B 1 76 ? -1.214  -3.082  -11.678 1.00 25.84 ? 76 PHE B N   1 
ATOM   1407 C  CA  . PHE B 1 76 ? -1.115  -2.651  -10.343 1.00 27.72 ? 76 PHE B CA  1 
ATOM   1408 C  C   . PHE B 1 76 ? -0.268  -3.624  -9.488  1.00 30.56 ? 76 PHE B C   1 
ATOM   1409 O  O   . PHE B 1 76 ? 0.596   -3.188  -8.709  1.00 34.68 ? 76 PHE B O   1 
ATOM   1410 C  CB  . PHE B 1 76 ? -2.509  -2.436  -9.805  1.00 26.16 ? 76 PHE B CB  1 
ATOM   1411 C  CG  . PHE B 1 76 ? -2.535  -1.686  -8.519  1.00 28.53 ? 76 PHE B CG  1 
ATOM   1412 C  CD1 . PHE B 1 76 ? -1.508  -0.803  -8.203  1.00 22.96 ? 76 PHE B CD1 1 
ATOM   1413 C  CD2 . PHE B 1 76 ? -3.600  -1.847  -7.622  1.00 26.73 ? 76 PHE B CD2 1 
ATOM   1414 C  CE1 . PHE B 1 76 ? -1.527  -0.111  -7.018  1.00 21.45 ? 76 PHE B CE1 1 
ATOM   1415 C  CE2 . PHE B 1 76 ? -3.622  -1.164  -6.440  1.00 24.99 ? 76 PHE B CE2 1 
ATOM   1416 C  CZ  . PHE B 1 76 ? -2.577  -0.292  -6.136  1.00 22.31 ? 76 PHE B CZ  1 
ATOM   1417 N  N   . ALA B 1 77 ? -0.488  -4.932  -9.646  1.00 29.23 ? 77 ALA B N   1 
ATOM   1418 C  CA  . ALA B 1 77 ? 0.220   -5.952  -8.834  1.00 26.88 ? 77 ALA B CA  1 
ATOM   1419 C  C   . ALA B 1 77 ? 1.734   -5.805  -8.887  1.00 25.05 ? 77 ALA B C   1 
ATOM   1420 O  O   . ALA B 1 77 ? 2.401   -5.882  -7.866  1.00 25.36 ? 77 ALA B O   1 
ATOM   1421 C  CB  . ALA B 1 77 ? -0.185  -7.392  -9.244  1.00 22.47 ? 77 ALA B CB  1 
ATOM   1422 N  N   . ILE B 1 78 ? 2.255   -5.587  -10.091 1.00 25.73 ? 78 ILE B N   1 
ATOM   1423 C  CA  . ILE B 1 78 ? 3.673   -5.318  -10.348 1.00 24.25 ? 78 ILE B CA  1 
ATOM   1424 C  C   . ILE B 1 78 ? 4.209   -4.251  -9.411  1.00 24.62 ? 78 ILE B C   1 
ATOM   1425 O  O   . ILE B 1 78 ? 5.103   -4.535  -8.637  1.00 28.57 ? 78 ILE B O   1 
ATOM   1426 C  CB  . ILE B 1 78 ? 3.925   -4.963  -11.840 1.00 16.59 ? 78 ILE B CB  1 
ATOM   1427 C  CG1 . ILE B 1 78 ? 3.602   -6.170  -12.714 1.00 23.15 ? 78 ILE B CG1 1 
ATOM   1428 C  CG2 . ILE B 1 78 ? 5.358   -4.697  -12.067 1.00 16.47 ? 78 ILE B CG2 1 
ATOM   1429 C  CD1 . ILE B 1 78 ? 3.432   -5.897  -14.231 1.00 21.23 ? 78 ILE B CD1 1 
ATOM   1430 N  N   . SER B 1 79 ? 3.631   -3.049  -9.434  1.00 24.49 ? 79 SER B N   1 
ATOM   1431 C  CA  . SER B 1 79 ? 4.124   -1.963  -8.586  1.00 23.49 ? 79 SER B CA  1 
ATOM   1432 C  C   . SER B 1 79 ? 3.943   -2.241  -7.104  1.00 25.03 ? 79 SER B C   1 
ATOM   1433 O  O   . SER B 1 79 ? 4.777   -1.836  -6.287  1.00 32.49 ? 79 SER B O   1 
ATOM   1434 C  CB  . SER B 1 79 ? 3.488   -0.647  -8.974  1.00 22.24 ? 79 SER B CB  1 
ATOM   1435 O  OG  . SER B 1 79 ? 2.170   -0.582  -8.513  1.00 34.80 ? 79 SER B OG  1 
ATOM   1436 N  N   . LEU B 1 80 ? 2.875   -2.942  -6.765  1.00 22.42 ? 80 LEU B N   1 
ATOM   1437 C  CA  . LEU B 1 80 ? 2.648   -3.297  -5.402  1.00 23.06 ? 80 LEU B CA  1 
ATOM   1438 C  C   . LEU B 1 80 ? 3.690   -4.244  -4.915  1.00 25.66 ? 80 LEU B C   1 
ATOM   1439 O  O   . LEU B 1 80 ? 4.273   -4.014  -3.886  1.00 31.42 ? 80 LEU B O   1 
ATOM   1440 C  CB  . LEU B 1 80 ? 1.290   -3.924  -5.258  1.00 22.07 ? 80 LEU B CB  1 
ATOM   1441 C  CG  . LEU B 1 80 ? 0.121   -2.987  -5.081  1.00 20.34 ? 80 LEU B CG  1 
ATOM   1442 C  CD1 . LEU B 1 80 ? -1.123  -3.853  -4.914  1.00 27.81 ? 80 LEU B CD1 1 
ATOM   1443 C  CD2 . LEU B 1 80 ? 0.300   -2.084  -3.860  1.00 18.47 ? 80 LEU B CD2 1 
ATOM   1444 N  N   . LYS B 1 81 ? 3.926   -5.323  -5.656  1.00 29.51 ? 81 LYS B N   1 
ATOM   1445 C  CA  . LYS B 1 81 ? 4.923   -6.351  -5.274  1.00 30.82 ? 81 LYS B CA  1 
ATOM   1446 C  C   . LYS B 1 81 ? 6.318   -5.757  -5.027  1.00 28.49 ? 81 LYS B C   1 
ATOM   1447 O  O   . LYS B 1 81 ? 7.005   -6.148  -4.107  1.00 29.32 ? 81 LYS B O   1 
ATOM   1448 C  CB  . LYS B 1 81 ? 4.961   -7.494  -6.304  1.00 34.26 ? 81 LYS B CB  1 
ATOM   1449 C  CG  . LYS B 1 81 ? 5.905   -8.647  -5.968  1.00 43.46 ? 81 LYS B CG  1 
ATOM   1450 C  CD  . LYS B 1 81 ? 5.380   -10.011 -6.458  1.00 50.66 ? 81 LYS B CD  1 
ATOM   1451 C  CE  . LYS B 1 81 ? 6.108   -10.514 -7.690  1.00 46.40 ? 81 LYS B CE  1 
ATOM   1452 N  NZ  . LYS B 1 81 ? 7.568   -10.708 -7.438  1.00 45.61 ? 81 LYS B NZ  1 
ATOM   1453 N  N   . THR B 1 82 ? 6.697   -4.788  -5.845  1.00 25.85 ? 82 THR B N   1 
ATOM   1454 C  CA  . THR B 1 82 ? 7.915   -4.016  -5.676  1.00 26.60 ? 82 THR B CA  1 
ATOM   1455 C  C   . THR B 1 82 ? 7.986   -3.366  -4.292  1.00 28.46 ? 82 THR B C   1 
ATOM   1456 O  O   . THR B 1 82 ? 8.967   -3.570  -3.547  1.00 29.10 ? 82 THR B O   1 
ATOM   1457 C  CB  . THR B 1 82 ? 7.993   -2.983  -6.821  1.00 28.31 ? 82 THR B CB  1 
ATOM   1458 O  OG1 . THR B 1 82 ? 8.698   -3.618  -7.897  1.00 40.57 ? 82 THR B OG1 1 
ATOM   1459 C  CG2 . THR B 1 82 ? 8.869   -1.706  -6.511  1.00 25.59 ? 82 THR B CG2 1 
ATOM   1460 N  N   . ALA B 1 83 ? 6.950   -2.603  -3.946  1.00 25.03 ? 83 ALA B N   1 
ATOM   1461 C  CA  . ALA B 1 83 ? 6.868   -1.981  -2.636  1.00 23.21 ? 83 ALA B CA  1 
ATOM   1462 C  C   . ALA B 1 83 ? 6.931   -2.995  -1.477  1.00 23.03 ? 83 ALA B C   1 
ATOM   1463 O  O   . ALA B 1 83 ? 7.679   -2.772  -0.537  1.00 23.15 ? 83 ALA B O   1 
ATOM   1464 C  CB  . ALA B 1 83 ? 5.597   -1.153  -2.543  1.00 22.03 ? 83 ALA B CB  1 
ATOM   1465 N  N   . ILE B 1 84 ? 6.152   -4.081  -1.542  1.00 20.69 ? 84 ILE B N   1 
ATOM   1466 C  CA  . ILE B 1 84 ? 6.147   -5.094  -0.490  1.00 22.83 ? 84 ILE B CA  1 
ATOM   1467 C  C   . ILE B 1 84 ? 7.494   -5.779  -0.396  1.00 26.01 ? 84 ILE B C   1 
ATOM   1468 O  O   . ILE B 1 84 ? 8.016   -6.008  0.699   1.00 27.35 ? 84 ILE B O   1 
ATOM   1469 C  CB  . ILE B 1 84 ? 5.079   -6.139  -0.728  1.00 24.79 ? 84 ILE B CB  1 
ATOM   1470 C  CG1 . ILE B 1 84 ? 3.702   -5.588  -0.356  1.00 27.79 ? 84 ILE B CG1 1 
ATOM   1471 C  CG2 . ILE B 1 84 ? 5.331   -7.332  0.142   1.00 19.78 ? 84 ILE B CG2 1 
ATOM   1472 C  CD1 . ILE B 1 84 ? 2.659   -5.855  -1.403  1.00 32.29 ? 84 ILE B CD1 1 
ATOM   1473 N  N   . GLU B 1 85 ? 8.066   -6.095  -1.552  1.00 24.07 ? 85 GLU B N   1 
ATOM   1474 C  CA  . GLU B 1 85 ? 9.378   -6.709  -1.591  1.00 24.19 ? 85 GLU B CA  1 
ATOM   1475 C  C   . GLU B 1 85 ? 10.369  -5.768  -0.933  1.00 24.65 ? 85 GLU B C   1 
ATOM   1476 O  O   . GLU B 1 85 ? 11.222  -6.196  -0.146  1.00 23.74 ? 85 GLU B O   1 
ATOM   1477 C  CB  . GLU B 1 85 ? 9.870   -6.927  -3.037  1.00 26.40 ? 85 GLU B CB  1 
ATOM   1478 C  CG  . GLU B 1 85 ? 9.607   -8.276  -3.681  1.00 27.74 ? 85 GLU B CG  1 
ATOM   1479 C  CD  . GLU B 1 85 ? 9.546   -9.372  -2.672  1.00 34.83 ? 85 GLU B CD  1 
ATOM   1480 O  OE1 . GLU B 1 85 ? 10.627  -9.717  -2.124  1.00 33.18 ? 85 GLU B OE1 1 
ATOM   1481 O  OE2 . GLU B 1 85 ? 8.414   -9.860  -2.434  1.00 38.29 ? 85 GLU B OE2 1 
ATOM   1482 N  N   . THR B 1 86 ? 10.297  -4.495  -1.307  1.00 20.77 ? 86 THR B N   1 
ATOM   1483 C  CA  . THR B 1 86 ? 11.247  -3.534  -0.782  1.00 20.47 ? 86 THR B CA  1 
ATOM   1484 C  C   . THR B 1 86 ? 11.057  -3.472  0.713   1.00 21.32 ? 86 THR B C   1 
ATOM   1485 O  O   . THR B 1 86 ? 12.035  -3.389  1.455   1.00 22.22 ? 86 THR B O   1 
ATOM   1486 C  CB  . THR B 1 86 ? 11.040  -2.129  -1.354  1.00 22.26 ? 86 THR B CB  1 
ATOM   1487 O  OG1 . THR B 1 86 ? 11.546  -2.064  -2.686  1.00 24.94 ? 86 THR B OG1 1 
ATOM   1488 C  CG2 . THR B 1 86 ? 11.917  -1.099  -0.618  1.00 20.33 ? 86 THR B CG2 1 
ATOM   1489 N  N   . TYR B 1 87 ? 9.802   -3.511  1.152   1.00 20.65 ? 87 TYR B N   1 
ATOM   1490 C  CA  . TYR B 1 87 ? 9.476   -3.481  2.566   1.00 23.79 ? 87 TYR B CA  1 
ATOM   1491 C  C   . TYR B 1 87 ? 10.129  -4.644  3.323   1.00 25.49 ? 87 TYR B C   1 
ATOM   1492 O  O   . TYR B 1 87 ? 10.799  -4.420  4.346   1.00 21.97 ? 87 TYR B O   1 
ATOM   1493 C  CB  . TYR B 1 87 ? 7.973   -3.511  2.736   1.00 24.96 ? 87 TYR B CB  1 
ATOM   1494 C  CG  . TYR B 1 87 ? 7.559   -3.490  4.174   1.00 31.78 ? 87 TYR B CG  1 
ATOM   1495 C  CD1 . TYR B 1 87 ? 8.133   -2.566  5.064   1.00 34.31 ? 87 TYR B CD1 1 
ATOM   1496 C  CD2 . TYR B 1 87 ? 6.589   -4.384  4.661   1.00 30.00 ? 87 TYR B CD2 1 
ATOM   1497 C  CE1 . TYR B 1 87 ? 7.740   -2.507  6.413   1.00 33.83 ? 87 TYR B CE1 1 
ATOM   1498 C  CE2 . TYR B 1 87 ? 6.169   -4.332  6.008   1.00 33.86 ? 87 TYR B CE2 1 
ATOM   1499 C  CZ  . TYR B 1 87 ? 6.753   -3.385  6.888   1.00 35.54 ? 87 TYR B CZ  1 
ATOM   1500 O  OH  . TYR B 1 87 ? 6.388   -3.325  8.234   1.00 36.97 ? 87 TYR B OH  1 
ATOM   1501 N  N   . LYS B 1 88 ? 9.945   -5.865  2.806   1.00 20.49 ? 88 LYS B N   1 
ATOM   1502 C  CA  . LYS B 1 88 ? 10.479  -7.075  3.422   1.00 21.73 ? 88 LYS B CA  1 
ATOM   1503 C  C   . LYS B 1 88 ? 11.991  -6.993  3.582   1.00 22.25 ? 88 LYS B C   1 
ATOM   1504 O  O   . LYS B 1 88 ? 12.551  -7.415  4.602   1.00 24.18 ? 88 LYS B O   1 
ATOM   1505 C  CB  . LYS B 1 88 ? 10.140  -8.311  2.581   1.00 26.70 ? 88 LYS B CB  1 
ATOM   1506 C  CG  . LYS B 1 88 ? 8.669   -8.638  2.518   1.00 31.59 ? 88 LYS B CG  1 
ATOM   1507 C  CD  . LYS B 1 88 ? 8.441   -10.113 2.229   1.00 38.42 ? 88 LYS B CD  1 
ATOM   1508 C  CE  . LYS B 1 88 ? 8.443   -10.395 0.734   1.00 45.18 ? 88 LYS B CE  1 
ATOM   1509 N  NZ  . LYS B 1 88 ? 9.123   -11.682 0.408   1.00 45.45 ? 88 LYS B NZ  1 
ATOM   1510 N  N   . GLN B 1 89 ? 12.642  -6.460  2.552   1.00 25.46 ? 89 GLN B N   1 
ATOM   1511 C  CA  . GLN B 1 89 ? 14.107  -6.350  2.506   1.00 24.24 ? 89 GLN B CA  1 
ATOM   1512 C  C   . GLN B 1 89 ? 14.576  -5.278  3.492   1.00 24.06 ? 89 GLN B C   1 
ATOM   1513 O  O   . GLN B 1 89 ? 15.702  -5.304  3.947   1.00 26.74 ? 89 GLN B O   1 
ATOM   1514 C  CB  . GLN B 1 89 ? 14.629  -6.046  1.068   1.00 27.01 ? 89 GLN B CB  1 
ATOM   1515 C  CG  . GLN B 1 89 ? 14.822  -7.265  0.152   1.00 28.30 ? 89 GLN B CG  1 
ATOM   1516 C  CD  . GLN B 1 89 ? 16.080  -8.069  0.488   1.00 36.06 ? 89 GLN B CD  1 
ATOM   1517 O  OE1 . GLN B 1 89 ? 16.313  -9.158  -0.068  1.00 39.38 ? 89 GLN B OE1 1 
ATOM   1518 N  NE2 . GLN B 1 89 ? 16.903  -7.530  1.388   1.00 31.85 ? 89 GLN B NE2 1 
ATOM   1519 N  N   . ILE B 1 90 ? 13.703  -4.328  3.809   1.00 27.96 ? 90 ILE B N   1 
ATOM   1520 C  CA  . ILE B 1 90 ? 14.020  -3.278  4.787   1.00 30.15 ? 90 ILE B CA  1 
ATOM   1521 C  C   . ILE B 1 90 ? 13.848  -3.794  6.229   1.00 30.18 ? 90 ILE B C   1 
ATOM   1522 O  O   . ILE B 1 90 ? 14.708  -3.553  7.080   1.00 26.73 ? 90 ILE B O   1 
ATOM   1523 C  CB  . ILE B 1 90 ? 13.194  -2.000  4.513   1.00 32.57 ? 90 ILE B CB  1 
ATOM   1524 C  CG1 . ILE B 1 90 ? 13.937  -1.119  3.500   1.00 30.99 ? 90 ILE B CG1 1 
ATOM   1525 C  CG2 . ILE B 1 90 ? 12.868  -1.248  5.811   1.00 32.94 ? 90 ILE B CG2 1 
ATOM   1526 C  CD1 . ILE B 1 90 ? 13.051  -0.054  2.920   1.00 36.66 ? 90 ILE B CD1 1 
ATOM   1527 N  N   . LYS B 1 91 ? 12.746  -4.507  6.493   1.00 29.95 ? 91 LYS B N   1 
ATOM   1528 C  CA  . LYS B 1 91 ? 12.647  -5.364  7.681   1.00 27.97 ? 91 LYS B CA  1 
ATOM   1529 C  C   . LYS B 1 91 ? 13.757  -6.427  7.675   1.00 28.66 ? 91 LYS B C   1 
ATOM   1530 O  O   . LYS B 1 91 ? 14.786  -6.281  8.333   1.00 32.54 ? 91 LYS B O   1 
ATOM   1531 C  CB  . LYS B 1 91 ? 11.287  -6.041  7.703   1.00 25.54 ? 91 LYS B CB  1 
ATOM   1532 C  CG  . LYS B 1 91 ? 10.161  -5.070  7.937   1.00 32.68 ? 91 LYS B CG  1 
ATOM   1533 C  CD  . LYS B 1 91 ? 8.812   -5.714  7.632   1.00 39.65 ? 91 LYS B CD  1 
ATOM   1534 C  CE  . LYS B 1 91 ? 8.141   -6.395  8.850   1.00 42.99 ? 91 LYS B CE  1 
ATOM   1535 N  NZ  . LYS B 1 91 ? 8.192   -7.902  8.642   1.00 36.64 ? 91 LYS B NZ  1 
# 
